data_6F5O
#
_entry.id   6F5O
#
loop_
_entity.id
_entity.type
_entity.pdbx_description
1 polymer 'Polymerase acidic protein'
2 polymer 'RNA-directed RNA polymerase catalytic subunit'
3 polymer 'Polymerase basic protein 2'
4 polymer "3' promoter vRNA"
5 polymer "5' promoter vRNA"
#
loop_
_entity_poly.entity_id
_entity_poly.type
_entity_poly.pdbx_seq_one_letter_code
_entity_poly.pdbx_strand_id
1 'polypeptide(L)'
;SMDTFITRNFQTTIIQKAKNTMAEFSEDPELQPAMLFNICVHLEVCYVISDMNFLDEEGKAYTALEGQGKEQNLRPQYEV
IEGMPRTIAWMVQRSLAQEHGIETPKYLADLFDYKTKRFIEVGITKGLADDYFWKKKEKLGNSMELMIFSYNQDYSLSNE
SSLDEEGKGRVLSRLTELQAELSLKNLWQVLIGEEDVEKGIDFKLGQTISRLRDISVPAGFSNFEGMRSYIDNIDPKGAI
ERNLARMSPLVSVTPKKLTWEDLRPIGPHIYNHELPEVPYNAFLLMSDELGLANMTEGKSKKPKTLAKECLEKYSTLRDQ
TDPILIMKSEKANENFLWKLWRDCVNTISNEEMSNELQKTNYAKWATGDGLTYQKIMKEVAIDDETMCQEEPKIPNKCRV
AAWVQTEMNLLSTLTSKRALDLPEIGPDVAPVEHVGSERRKYFVNEINYCKASTVMMKYVLFHTSLLNESNASMGKYKVI
PITNRVVNEKGESFDMLYGLAVKGQSHLRGDTDVVTVVTFEFSSTDPRVDSGKWPKYTVFRIGSLFVSGREKSVYLYCRV
NGTNKIQMKWGMEARRCLLQSMQQMEAIVEQESSIQGYDMTKACFKGDRVNSPKTFSIGTQEGKLVKGSFGKALRVIFTK
CLMHYVFGNAQLEGFSAESRRLLLLIQALKDRKGPWVFDLEGMYSGIEECISNNPWVIQSAYWFNEWLGFEKEGSKVLES
VDEIMDE
;
A
2 'polypeptide(L)'
;MNINPYFLFIDVPIQAAISTTFPYTGVPPYSHGTGTGYTIDTVIRTHEYSNKGKQYISDVTGCTMVDPTNGPLPEDNEPS
AYAQLDCVLEALDRMDEEHPGLFQAASQNAMETLMVTTVDKLTQGRQTFDWTVCRNQPAATALNTTITSFRLNDLNGADK
GGLIPFCQDIIDSLDRPEMTFFSVKNIKKKLPAKNRKGFLIKRIPMKVKDKITKVEYIKRALSLNTMTKDAERGKLKRRA
IATAGIQIRGFVLVVENLAKNICENLEQSGLPVGGNEKKAKLSNAVAKMLSNCPPGGISMTVTGDNTKWNECLNPRIFLA
MTERITRDSPIWFRDFCSIAPVLFSNKIARLGKGFMITSKTKRLKAQIPCPDLFSIPLERYNEETRAKLKKLKPFFNEEG
TASLSPGMMMGMFNMLSTVLGVAALGIKNIGNKEYLWDGLQSSDDFALFVNAKDEETCMEGINDFYRTCKLLGINMSKKK
SYCNETGMFEFTSMFYRDGFVSNFAMELPSFGVAGVNESADMAIGMTIIKNNMINNGMGPATAQTAIQLFIADYRYTYKC
HRGDSKVEGKRMKIIKELWENTKGRDGLLVADGGPNIYNLRNLHIPEIVLKYNLMDPEYKGRLLHPQNPFVGHLSIEGIK
EADITPAHGPVKKMDYDAVSGTHSWRTKRNRSILNTDQRNMILEEQCYAKCCNLFEACFNSASYRKPVGQHSMLEAMAHR
LRMDARLDYESGRMSKDDFEKAMAHLGEIGYI
;
B
3 'polypeptide(L)'
;MTLAKIELLKQLLRDNEAKTVLKQTTVDQYNIIRKFNTSRIEKNPSLRMKWAMCSNFPLALTKGDMANRIPLEYKGIQLK
TNAEDIGTKGQMCSIAAVTWWNTYGPIGDTEGFERVYESFFLRKMRLDNATWGRITFGPVERVRKRVLLNPLTKEMPPDE
ASNVIMEILFPKEAGIPRESTWIHRELIKEKREKLKGTMITPIVLAYMLERELVARRRFLPVAGATSAEFIEMLHCLQGE
NWRQIYHPGGNKLTESRSQSMIVACRKIIRRSIVASNPLELAVEIANKTVIDTEPLKSCLAAIDGGDVACDIIRAALGLK
IRQRQRFGRLELKRISGRGFKNDEEILIGNGTIQKIGIWDGEEEFHVRCGECRGILKKSKMKLEKLLINSAKKEDMRDLI
ILCMVFSQDTRMFQGVRGEINFLNRAGQLLSPMYQLQRYFLNRSNDLFDQWGYEESPKASELHGINESMNASDYTLKGVV
VTRNVIDDFSSTETEKVSITKNLSLIKRTGEVIMGANDVSELESQAQLMITYDTPKMWEMGTTKELVQNTYQWVLKNLVT
LKAQFLLGKEDMFQWDAFEAFESIIPQKMAGQYSGFARAVLKQMRDQEVMKTDQFIKLLPFCFSPPKLRSNGEPYQFLKL
VLKGGGENFIEVRKGSPLFSYNPQTEVLTICGRMMSLKGKIEDEERNRSMGNAVLAGFLVSGKYDPDLGDFKTIEELEKL
KPGEKANILLYQGKPVKVVKRKRYSALSNDISQGIKRQRMTVESMGWALS
;
C
4 'polyribonucleotide' UAUACCUCUGCUUC R
5 'polyribonucleotide' AGUAGUAACAAGAG V
#
# COMPACT_ATOMS: atom_id res chain seq x y z
N SER A 1 -54.30 28.24 5.78
CA SER A 1 -52.95 27.67 6.02
C SER A 1 -52.47 27.97 7.43
N MET A 2 -51.94 26.94 8.10
CA MET A 2 -51.44 27.10 9.45
C MET A 2 -50.06 27.78 9.45
N ASP A 3 -49.44 27.81 8.27
CA ASP A 3 -48.15 28.48 8.10
C ASP A 3 -48.23 29.94 8.53
N THR A 4 -49.38 30.55 8.28
CA THR A 4 -49.64 31.93 8.69
C THR A 4 -49.95 31.98 10.18
N PHE A 5 -50.79 31.04 10.62
CA PHE A 5 -51.22 30.97 12.01
C PHE A 5 -50.04 30.89 12.96
N ILE A 6 -49.14 29.96 12.70
CA ILE A 6 -47.95 29.78 13.53
C ILE A 6 -47.12 31.06 13.58
N THR A 7 -47.05 31.75 12.45
CA THR A 7 -46.33 33.03 12.39
C THR A 7 -47.02 34.05 13.29
N ARG A 8 -48.35 34.10 13.23
CA ARG A 8 -49.10 34.99 14.10
C ARG A 8 -49.00 34.63 15.59
N ASN A 9 -49.12 33.35 15.92
CA ASN A 9 -49.18 32.91 17.32
C ASN A 9 -47.82 32.78 18.02
N PHE A 10 -46.91 32.03 17.40
CA PHE A 10 -45.64 31.70 18.03
C PHE A 10 -44.55 32.73 17.73
N GLN A 11 -43.50 32.70 18.54
CA GLN A 11 -42.36 33.61 18.38
C GLN A 11 -41.42 33.14 17.28
N THR A 12 -40.39 33.94 17.02
CA THR A 12 -39.41 33.60 15.99
C THR A 12 -38.50 32.47 16.45
N THR A 13 -37.92 32.62 17.64
CA THR A 13 -36.99 31.63 18.19
C THR A 13 -37.55 30.22 18.13
N ILE A 14 -38.84 30.08 18.48
CA ILE A 14 -39.50 28.79 18.48
C ILE A 14 -39.53 28.19 17.08
N ILE A 15 -39.89 29.01 16.10
CA ILE A 15 -39.96 28.59 14.71
C ILE A 15 -38.56 28.24 14.17
N GLN A 16 -37.58 29.05 14.56
CA GLN A 16 -36.20 28.81 14.15
C GLN A 16 -35.70 27.47 14.69
N LYS A 17 -35.83 27.28 15.99
CA LYS A 17 -35.37 26.04 16.63
C LYS A 17 -36.19 24.84 16.19
N ALA A 18 -37.48 25.04 15.95
CA ALA A 18 -38.34 23.98 15.45
C ALA A 18 -37.92 23.56 14.05
N LYS A 19 -37.69 24.55 13.19
CA LYS A 19 -37.25 24.28 11.82
C LYS A 19 -35.86 23.66 11.83
N ASN A 20 -35.02 24.10 12.76
CA ASN A 20 -33.71 23.51 12.95
C ASN A 20 -33.83 22.05 13.39
N THR A 21 -34.78 21.78 14.28
CA THR A 21 -35.04 20.42 14.72
C THR A 21 -35.53 19.56 13.56
N MET A 22 -36.47 20.09 12.78
CA MET A 22 -37.01 19.39 11.63
C MET A 22 -35.94 19.22 10.55
N ALA A 23 -35.02 20.18 10.49
CA ALA A 23 -33.89 20.09 9.57
C ALA A 23 -32.95 18.97 10.00
N GLU A 24 -32.65 18.93 11.29
CA GLU A 24 -31.77 17.90 11.85
C GLU A 24 -32.38 16.50 11.72
N PHE A 25 -33.70 16.44 11.74
CA PHE A 25 -34.43 15.17 11.55
C PHE A 25 -34.73 14.93 10.08
N SER A 26 -34.19 15.79 9.22
CA SER A 26 -34.35 15.65 7.77
C SER A 26 -35.82 15.62 7.34
N GLU A 27 -36.53 16.71 7.61
CA GLU A 27 -37.93 16.82 7.21
C GLU A 27 -38.27 18.27 6.86
N ASP A 28 -39.11 18.44 5.84
CA ASP A 28 -39.50 19.77 5.37
C ASP A 28 -40.53 20.39 6.31
N PRO A 29 -40.24 21.57 6.87
CA PRO A 29 -41.23 22.23 7.74
C PRO A 29 -42.51 22.65 7.02
N GLU A 30 -42.38 23.20 5.81
CA GLU A 30 -43.53 23.74 5.09
C GLU A 30 -44.47 22.64 4.59
N LEU A 31 -43.92 21.48 4.26
CA LEU A 31 -44.72 20.38 3.74
C LEU A 31 -45.41 19.59 4.85
N GLN A 32 -45.00 19.83 6.10
CA GLN A 32 -45.59 19.17 7.25
C GLN A 32 -45.84 20.16 8.40
N PRO A 33 -46.92 20.94 8.30
CA PRO A 33 -47.26 21.93 9.34
C PRO A 33 -47.57 21.33 10.70
N ALA A 34 -48.32 20.24 10.73
CA ALA A 34 -48.74 19.60 11.98
C ALA A 34 -47.55 19.32 12.88
N MET A 35 -46.50 18.75 12.31
CA MET A 35 -45.30 18.41 13.05
C MET A 35 -44.61 19.67 13.56
N LEU A 36 -44.58 20.69 12.72
CA LEU A 36 -44.00 21.98 13.09
C LEU A 36 -44.74 22.56 14.29
N PHE A 37 -46.07 22.52 14.24
CA PHE A 37 -46.88 23.01 15.35
C PHE A 37 -46.66 22.18 16.61
N ASN A 38 -46.67 20.86 16.46
CA ASN A 38 -46.43 19.97 17.59
C ASN A 38 -45.09 20.25 18.26
N ILE A 39 -44.06 20.41 17.45
CA ILE A 39 -42.73 20.72 17.96
C ILE A 39 -42.69 22.11 18.57
N CYS A 40 -43.39 23.05 17.94
CA CYS A 40 -43.45 24.42 18.44
C CYS A 40 -44.09 24.47 19.82
N VAL A 41 -45.23 23.82 19.98
CA VAL A 41 -45.91 23.74 21.27
C VAL A 41 -45.06 22.97 22.28
N HIS A 42 -44.59 21.79 21.87
CA HIS A 42 -43.74 20.96 22.71
C HIS A 42 -42.52 21.71 23.19
N LEU A 43 -41.98 22.58 22.33
CA LEU A 43 -40.82 23.39 22.68
C LEU A 43 -41.22 24.60 23.53
N GLU A 44 -42.38 25.19 23.23
CA GLU A 44 -42.85 26.36 23.96
C GLU A 44 -43.16 26.03 25.41
N VAL A 45 -43.91 24.95 25.62
CA VAL A 45 -44.32 24.54 26.96
C VAL A 45 -43.15 24.47 27.93
N CYS A 46 -42.01 23.96 27.45
CA CYS A 46 -40.81 23.90 28.27
C CYS A 46 -40.42 25.29 28.75
N TYR A 47 -40.40 26.26 27.84
CA TYR A 47 -40.05 27.64 28.18
C TYR A 47 -41.12 28.25 29.09
N VAL A 48 -42.38 27.88 28.85
CA VAL A 48 -43.47 28.34 29.70
C VAL A 48 -43.25 27.83 31.12
N ILE A 49 -42.78 26.59 31.25
CA ILE A 49 -42.47 26.03 32.55
C ILE A 49 -41.22 26.67 33.15
N SER A 50 -40.20 26.87 32.33
CA SER A 50 -38.91 27.35 32.80
C SER A 50 -38.88 28.85 33.13
N ASP A 51 -39.08 29.68 32.09
CA ASP A 51 -38.90 31.13 32.13
C ASP A 51 -38.94 31.80 33.51
N MET A 52 -40.08 31.71 34.19
CA MET A 52 -40.30 32.44 35.42
C MET A 52 -39.40 31.99 36.58
N ASN A 53 -39.07 30.70 36.61
CA ASN A 53 -38.34 30.12 37.73
C ASN A 53 -36.86 30.47 37.75
N PHE A 54 -36.37 30.89 38.91
CA PHE A 54 -34.94 31.14 39.11
C PHE A 54 -34.49 30.71 40.51
N LEU A 55 -33.23 30.31 40.63
CA LEU A 55 -32.64 29.92 41.90
C LEU A 55 -31.80 31.05 42.48
N ASP A 56 -31.85 31.23 43.80
CA ASP A 56 -31.04 32.23 44.47
C ASP A 56 -29.71 31.62 44.89
N GLU A 57 -28.77 32.47 45.28
CA GLU A 57 -27.40 32.02 45.55
C GLU A 57 -27.32 31.01 46.69
N GLU A 58 -28.29 31.04 47.59
CA GLU A 58 -28.35 30.06 48.69
C GLU A 58 -28.75 28.69 48.16
N GLY A 59 -29.70 28.68 47.24
CA GLY A 59 -30.17 27.45 46.61
C GLY A 59 -31.65 27.23 46.83
N LYS A 60 -32.45 28.23 46.52
CA LYS A 60 -33.90 28.16 46.67
C LYS A 60 -34.59 28.82 45.48
N ALA A 61 -35.76 28.29 45.10
CA ALA A 61 -36.45 28.74 43.91
C ALA A 61 -37.29 29.99 44.16
N TYR A 62 -37.41 30.84 43.13
CA TYR A 62 -38.28 32.01 43.20
C TYR A 62 -38.67 32.48 41.80
N THR A 63 -39.68 33.33 41.73
CA THR A 63 -40.21 33.81 40.45
C THR A 63 -39.57 35.14 40.06
N ALA A 64 -39.24 35.28 38.77
CA ALA A 64 -38.68 36.51 38.24
C ALA A 64 -39.73 37.27 37.41
N GLN A 72 -33.44 38.37 37.80
CA GLN A 72 -32.47 39.16 38.54
C GLN A 72 -31.15 38.40 38.69
N ASN A 73 -31.22 37.22 39.30
CA ASN A 73 -30.04 36.36 39.43
C ASN A 73 -29.80 35.59 38.14
N LEU A 74 -28.53 35.40 37.80
CA LEU A 74 -28.15 34.81 36.52
C LEU A 74 -27.95 33.29 36.61
N ARG A 75 -29.01 32.57 36.96
CA ARG A 75 -28.95 31.11 37.05
C ARG A 75 -30.35 30.52 37.25
N PRO A 76 -31.00 30.11 36.15
CA PRO A 76 -32.35 29.51 36.20
C PRO A 76 -32.41 28.18 36.96
N GLN A 77 -33.61 27.80 37.38
CA GLN A 77 -33.81 26.53 38.07
C GLN A 77 -33.86 25.39 37.05
N TYR A 78 -34.52 25.65 35.92
CA TYR A 78 -34.65 24.67 34.86
C TYR A 78 -33.67 24.92 33.73
N GLU A 79 -32.98 23.86 33.30
CA GLU A 79 -32.15 23.91 32.10
C GLU A 79 -32.93 23.30 30.93
N VAL A 80 -32.95 24.04 29.82
CA VAL A 80 -33.71 23.64 28.64
C VAL A 80 -32.82 22.85 27.67
N ILE A 81 -33.20 21.60 27.44
CA ILE A 81 -32.46 20.72 26.54
C ILE A 81 -33.17 20.63 25.19
N GLU A 82 -34.50 20.58 25.24
CA GLU A 82 -35.30 20.53 24.02
C GLU A 82 -35.15 21.83 23.24
N GLY A 83 -35.04 21.71 21.92
CA GLY A 83 -34.95 22.85 21.04
C GLY A 83 -33.57 23.05 20.45
N MET A 84 -32.54 22.75 21.23
CA MET A 84 -31.16 22.96 20.78
C MET A 84 -30.71 21.87 19.82
N PRO A 85 -29.63 22.12 19.07
CA PRO A 85 -29.02 21.09 18.23
C PRO A 85 -28.63 19.84 19.00
N ARG A 86 -28.75 18.68 18.36
CA ARG A 86 -28.45 17.39 18.97
C ARG A 86 -27.10 17.38 19.70
N THR A 87 -26.04 17.68 18.97
CA THR A 87 -24.68 17.60 19.50
C THR A 87 -24.48 18.52 20.71
N ILE A 88 -25.21 19.63 20.73
CA ILE A 88 -25.17 20.54 21.89
C ILE A 88 -25.99 19.96 23.03
N ALA A 89 -27.22 19.59 22.74
CA ALA A 89 -28.13 19.03 23.74
C ALA A 89 -27.51 17.85 24.48
N TRP A 90 -26.88 16.95 23.72
CA TRP A 90 -26.22 15.80 24.31
C TRP A 90 -25.02 16.20 25.17
N MET A 91 -24.29 17.22 24.72
CA MET A 91 -23.17 17.73 25.49
C MET A 91 -23.67 18.30 26.82
N VAL A 92 -24.77 19.05 26.77
CA VAL A 92 -25.39 19.59 27.96
C VAL A 92 -25.82 18.47 28.91
N GLN A 93 -26.58 17.52 28.36
CA GLN A 93 -27.10 16.39 29.13
C GLN A 93 -25.97 15.61 29.79
N ARG A 94 -24.96 15.25 29.00
CA ARG A 94 -23.82 14.47 29.52
C ARG A 94 -23.00 15.28 30.52
N SER A 95 -22.82 16.56 30.25
CA SER A 95 -22.10 17.44 31.17
C SER A 95 -22.81 17.52 32.51
N LEU A 96 -24.13 17.72 32.46
CA LEU A 96 -24.94 17.77 33.65
C LEU A 96 -24.89 16.45 34.43
N ALA A 97 -25.18 15.36 33.72
CA ALA A 97 -25.18 14.04 34.34
C ALA A 97 -23.83 13.70 34.95
N GLN A 98 -22.76 14.01 34.23
CA GLN A 98 -21.41 13.69 34.68
C GLN A 98 -20.98 14.59 35.83
N GLU A 99 -21.32 15.88 35.74
CA GLU A 99 -20.96 16.83 36.78
C GLU A 99 -21.70 16.55 38.08
N HIS A 100 -23.00 16.28 37.98
CA HIS A 100 -23.81 15.96 39.15
C HIS A 100 -23.51 14.56 39.66
N GLY A 101 -23.00 13.71 38.77
CA GLY A 101 -22.61 12.36 39.14
C GLY A 101 -23.78 11.39 39.12
N ILE A 102 -24.43 11.28 37.96
CA ILE A 102 -25.55 10.36 37.79
C ILE A 102 -25.50 9.72 36.40
N GLU A 103 -26.33 8.69 36.21
CA GLU A 103 -26.36 7.98 34.94
C GLU A 103 -26.92 8.84 33.82
N THR A 104 -26.35 8.71 32.63
CA THR A 104 -26.80 9.45 31.47
C THR A 104 -28.05 8.82 30.87
N PRO A 105 -29.13 9.61 30.70
CA PRO A 105 -30.32 9.07 30.05
C PRO A 105 -30.03 8.56 28.64
N LYS A 106 -30.57 7.41 28.30
CA LYS A 106 -30.29 6.79 27.02
C LYS A 106 -30.98 7.54 25.87
N TYR A 107 -32.06 8.24 26.20
CA TYR A 107 -32.75 9.09 25.23
C TYR A 107 -32.53 10.56 25.58
N LEU A 108 -32.89 11.45 24.67
CA LEU A 108 -32.68 12.88 24.86
C LEU A 108 -33.83 13.52 25.63
N ALA A 109 -33.54 13.97 26.86
CA ALA A 109 -34.54 14.57 27.71
C ALA A 109 -34.90 15.98 27.21
N ASP A 110 -35.92 16.57 27.82
CA ASP A 110 -36.40 17.89 27.41
C ASP A 110 -35.91 19.00 28.34
N LEU A 111 -35.99 18.78 29.65
CA LEU A 111 -35.57 19.77 30.63
C LEU A 111 -34.68 19.14 31.71
N PHE A 112 -34.05 19.97 32.53
CA PHE A 112 -33.34 19.47 33.71
C PHE A 112 -33.48 20.38 34.92
N ASP A 113 -33.91 19.81 36.05
CA ASP A 113 -34.11 20.56 37.28
C ASP A 113 -32.82 20.61 38.11
N TYR A 114 -32.32 21.81 38.36
CA TYR A 114 -31.05 21.98 39.08
C TYR A 114 -31.19 21.69 40.58
N LYS A 115 -32.35 22.00 41.15
CA LYS A 115 -32.55 21.81 42.58
C LYS A 115 -32.77 20.34 42.90
N THR A 116 -33.45 19.63 42.00
CA THR A 116 -33.78 18.22 42.20
C THR A 116 -32.69 17.29 41.64
N LYS A 117 -31.84 17.84 40.77
CA LYS A 117 -30.86 17.04 40.04
C LYS A 117 -31.57 15.90 39.30
N ARG A 118 -32.58 16.26 38.50
CA ARG A 118 -33.38 15.29 37.76
C ARG A 118 -33.71 15.80 36.37
N PHE A 119 -33.59 14.91 35.38
CA PHE A 119 -33.99 15.23 34.01
C PHE A 119 -35.51 15.14 33.88
N ILE A 120 -36.07 15.90 32.95
CA ILE A 120 -37.52 15.99 32.79
C ILE A 120 -37.91 15.79 31.33
N GLU A 121 -38.95 14.98 31.11
CA GLU A 121 -39.47 14.71 29.78
C GLU A 121 -40.90 15.22 29.67
N VAL A 122 -41.12 16.18 28.78
CA VAL A 122 -42.43 16.81 28.62
C VAL A 122 -43.20 16.14 27.48
N GLY A 123 -44.49 15.89 27.72
CA GLY A 123 -45.35 15.25 26.73
C GLY A 123 -46.64 16.04 26.51
N ILE A 124 -46.98 16.25 25.24
CA ILE A 124 -48.18 16.97 24.86
C ILE A 124 -49.14 16.05 24.11
N THR A 125 -50.11 15.49 24.83
CA THR A 125 -51.07 14.57 24.24
C THR A 125 -52.36 15.28 23.85
N LYS A 126 -53.24 14.56 23.16
CA LYS A 126 -54.53 15.12 22.73
C LYS A 126 -55.66 14.55 23.57
N GLY A 127 -55.76 13.23 23.63
CA GLY A 127 -56.80 12.56 24.39
C GLY A 127 -56.48 12.54 25.88
N LEU A 128 -56.27 11.33 26.41
CA LEU A 128 -55.98 11.15 27.83
C LEU A 128 -54.48 11.23 28.10
N ALA A 129 -54.13 11.70 29.30
CA ALA A 129 -52.73 11.80 29.72
C ALA A 129 -52.21 10.45 30.21
N ASP A 130 -53.06 9.75 30.95
CA ASP A 130 -52.71 8.45 31.51
C ASP A 130 -52.26 7.48 30.43
N ASP A 131 -52.86 7.60 29.24
CA ASP A 131 -52.49 6.77 28.11
C ASP A 131 -51.08 7.08 27.62
N TYR A 132 -50.76 8.37 27.54
CA TYR A 132 -49.47 8.81 27.04
C TYR A 132 -48.36 8.62 28.08
N PHE A 133 -48.75 8.62 29.36
CA PHE A 133 -47.81 8.43 30.47
C PHE A 133 -47.15 7.05 30.54
N TRP A 134 -47.96 6.02 30.75
CA TRP A 134 -47.44 4.66 30.95
C TRP A 134 -46.79 4.12 29.68
N LYS A 135 -47.06 4.75 28.54
CA LYS A 135 -46.38 4.39 27.30
C LYS A 135 -44.95 4.91 27.34
N LYS A 136 -44.77 6.08 27.93
CA LYS A 136 -43.43 6.63 28.13
C LYS A 136 -42.68 5.84 29.18
N LYS A 137 -43.39 5.47 30.25
CA LYS A 137 -42.79 4.65 31.30
C LYS A 137 -42.12 3.38 30.76
N GLU A 138 -42.60 2.85 29.64
CA GLU A 138 -42.01 1.66 29.04
C GLU A 138 -40.60 1.94 28.51
N LYS A 139 -40.42 3.12 27.93
CA LYS A 139 -39.14 3.50 27.34
C LYS A 139 -38.17 4.08 28.36
N LEU A 140 -38.67 5.00 29.18
CA LEU A 140 -37.79 5.75 30.09
C LEU A 140 -37.70 5.11 31.48
N GLY A 141 -38.54 4.11 31.75
CA GLY A 141 -38.55 3.45 33.04
C GLY A 141 -38.82 4.42 34.16
N ASN A 142 -37.76 4.93 34.76
CA ASN A 142 -37.86 6.00 35.75
C ASN A 142 -36.60 6.85 35.75
N SER A 143 -36.04 7.06 34.57
CA SER A 143 -34.85 7.88 34.40
C SER A 143 -35.21 9.37 34.45
N MET A 144 -36.19 9.77 33.66
CA MET A 144 -36.63 11.16 33.58
C MET A 144 -37.95 11.36 34.29
N GLU A 145 -38.17 12.57 34.80
CA GLU A 145 -39.46 12.94 35.37
C GLU A 145 -40.47 13.21 34.25
N LEU A 146 -41.52 12.42 34.19
CA LEU A 146 -42.52 12.56 33.13
C LEU A 146 -43.55 13.64 33.47
N MET A 147 -43.67 14.63 32.59
CA MET A 147 -44.67 15.69 32.74
C MET A 147 -45.59 15.70 31.53
N ILE A 148 -46.74 15.05 31.67
CA ILE A 148 -47.68 14.91 30.55
C ILE A 148 -48.82 15.92 30.68
N PHE A 149 -49.12 16.60 29.57
CA PHE A 149 -50.20 17.59 29.53
C PHE A 149 -51.08 17.38 28.29
N SER A 150 -52.32 17.84 28.38
CA SER A 150 -53.25 17.77 27.26
C SER A 150 -53.96 19.10 27.06
N TYR A 151 -54.75 19.19 26.00
CA TYR A 151 -55.47 20.43 25.69
C TYR A 151 -56.75 20.56 26.52
N ASN A 152 -57.36 19.43 26.86
CA ASN A 152 -58.64 19.43 27.56
C ASN A 152 -58.49 19.32 29.08
N GLN A 153 -57.56 20.09 29.63
CA GLN A 153 -57.38 20.19 31.08
C GLN A 153 -57.14 18.84 31.74
N ASP A 154 -56.41 17.95 31.06
CA ASP A 154 -56.03 16.66 31.63
C ASP A 154 -54.51 16.51 31.60
N TYR A 155 -53.94 16.09 32.73
CA TYR A 155 -52.48 16.02 32.86
C TYR A 155 -52.04 14.88 33.78
N SER A 156 -50.75 14.55 33.71
CA SER A 156 -50.17 13.52 34.56
C SER A 156 -48.71 13.85 34.89
N LEU A 157 -48.46 14.16 36.15
CA LEU A 157 -47.12 14.48 36.62
C LEU A 157 -46.53 13.29 37.38
N SER A 158 -45.29 12.93 37.05
CA SER A 158 -44.59 11.87 37.74
C SER A 158 -44.33 12.27 39.19
N ASN A 159 -43.92 13.52 39.38
CA ASN A 159 -43.68 14.05 40.71
C ASN A 159 -44.67 15.19 41.01
N GLU A 160 -45.17 15.22 42.22
CA GLU A 160 -46.18 16.21 42.62
C GLU A 160 -45.55 17.56 42.92
N SER A 161 -44.46 17.56 43.68
CA SER A 161 -43.82 18.78 44.14
C SER A 161 -42.94 19.43 43.07
N SER A 162 -42.77 18.75 41.94
CA SER A 162 -41.93 19.27 40.87
C SER A 162 -42.51 20.54 40.24
N LEU A 163 -43.82 20.50 39.96
CA LEU A 163 -44.52 21.64 39.37
C LEU A 163 -45.68 22.06 40.25
N ASP A 164 -45.57 23.23 40.87
CA ASP A 164 -46.61 23.73 41.76
C ASP A 164 -47.81 24.23 40.96
N GLU A 165 -48.96 24.29 41.64
CA GLU A 165 -50.23 24.71 41.05
C GLU A 165 -50.11 25.82 40.02
N GLU A 166 -47.68 27.57 39.89
CA GLU A 166 -48.42 28.53 39.07
C GLU A 166 -48.43 28.10 37.61
N GLY A 167 -47.31 27.58 37.15
CA GLY A 167 -47.13 27.19 35.76
C GLY A 167 -48.21 26.26 35.24
N LYS A 168 -48.65 25.34 36.10
CA LYS A 168 -49.68 24.38 35.73
C LYS A 168 -50.91 25.07 35.15
N GLY A 169 -51.20 26.27 35.65
CA GLY A 169 -52.31 27.06 35.14
C GLY A 169 -51.99 27.66 33.79
N ARG A 170 -50.82 28.28 33.67
CA ARG A 170 -50.42 28.95 32.44
C ARG A 170 -50.29 27.96 31.28
N VAL A 171 -49.79 26.76 31.56
CA VAL A 171 -49.61 25.75 30.53
C VAL A 171 -50.96 25.31 29.97
N LEU A 172 -51.87 24.91 30.87
CA LEU A 172 -53.20 24.48 30.47
C LEU A 172 -53.97 25.62 29.81
N SER A 173 -53.78 26.83 30.33
CA SER A 173 -54.39 28.02 29.76
C SER A 173 -53.91 28.23 28.33
N ARG A 174 -52.60 28.14 28.13
CA ARG A 174 -51.99 28.33 26.81
C ARG A 174 -52.45 27.24 25.85
N LEU A 175 -52.46 25.99 26.33
CA LEU A 175 -52.88 24.87 25.51
C LEU A 175 -54.33 24.99 25.09
N THR A 176 -55.21 25.29 26.05
CA THR A 176 -56.63 25.45 25.77
C THR A 176 -56.88 26.66 24.87
N GLU A 177 -56.14 27.74 25.11
CA GLU A 177 -56.27 28.94 24.30
C GLU A 177 -55.84 28.66 22.85
N LEU A 178 -54.72 27.97 22.70
CA LEU A 178 -54.24 27.58 21.38
C LEU A 178 -55.23 26.69 20.66
N GLN A 179 -55.64 25.62 21.36
CA GLN A 179 -56.62 24.68 20.80
C GLN A 179 -57.90 25.40 20.42
N ALA A 180 -58.29 26.37 21.25
CA ALA A 180 -59.44 27.21 20.94
C ALA A 180 -59.20 27.99 19.66
N GLU A 181 -58.05 28.67 19.58
CA GLU A 181 -57.71 29.44 18.39
C GLU A 181 -57.63 28.58 17.13
N LEU A 182 -57.17 27.34 17.27
CA LEU A 182 -57.13 26.41 16.14
C LEU A 182 -58.53 25.98 15.72
N SER A 183 -59.32 25.55 16.70
CA SER A 183 -60.68 25.11 16.43
C SER A 183 -61.54 26.28 15.93
N LEU A 184 -61.17 27.49 16.33
CA LEU A 184 -61.87 28.69 15.89
C LEU A 184 -61.70 28.92 14.39
N LYS A 185 -60.49 28.67 13.89
CA LYS A 185 -60.14 28.97 12.50
C LYS A 185 -60.00 27.70 11.66
N ASN A 186 -60.60 26.61 12.13
CA ASN A 186 -60.64 25.36 11.39
C ASN A 186 -59.27 24.81 11.03
N LEU A 187 -58.34 24.86 11.98
CA LEU A 187 -56.99 24.34 11.79
C LEU A 187 -56.75 23.08 12.61
N TRP A 188 -57.80 22.61 13.27
CA TRP A 188 -57.70 21.43 14.13
C TRP A 188 -57.81 20.15 13.31
N GLN A 189 -58.68 20.16 12.32
CA GLN A 189 -58.92 18.99 11.47
C GLN A 189 -57.65 18.55 10.75
N VAL A 190 -56.81 19.51 10.39
CA VAL A 190 -55.55 19.20 9.72
C VAL A 190 -54.57 18.56 10.69
N LEU A 191 -54.65 18.96 11.96
CA LEU A 191 -53.79 18.41 12.99
C LEU A 191 -54.23 17.01 13.39
N ILE A 192 -55.55 16.82 13.50
CA ILE A 192 -56.11 15.52 13.84
C ILE A 192 -55.95 14.54 12.68
N GLY A 193 -56.03 15.05 11.46
CA GLY A 193 -55.86 14.23 10.28
C GLY A 193 -54.47 13.64 10.17
N GLU A 194 -54.35 12.52 9.46
CA GLU A 194 -53.07 11.84 9.31
C GLU A 194 -52.11 12.66 8.44
N GLU A 195 -50.83 12.52 8.70
CA GLU A 195 -49.80 13.26 7.96
C GLU A 195 -48.49 12.50 7.93
N ASP A 196 -48.32 11.64 6.92
CA ASP A 196 -47.08 10.91 6.72
C ASP A 196 -46.69 10.96 5.24
N VAL A 197 -45.38 10.97 4.98
CA VAL A 197 -44.87 11.07 3.62
C VAL A 197 -43.55 10.32 3.49
N GLU A 198 -43.28 9.79 2.30
CA GLU A 198 -42.05 9.06 2.04
C GLU A 198 -40.87 10.02 1.85
N LYS A 199 -39.71 9.62 2.36
CA LYS A 199 -38.52 10.47 2.34
C LYS A 199 -37.53 10.03 1.26
N GLY A 200 -37.80 10.44 0.02
CA GLY A 200 -36.93 10.10 -1.09
C GLY A 200 -35.73 11.03 -1.18
N ILE A 201 -34.66 10.55 -1.79
CA ILE A 201 -33.47 11.36 -2.01
C ILE A 201 -33.70 12.35 -3.14
N ASP A 202 -33.51 13.63 -2.85
CA ASP A 202 -33.74 14.68 -3.83
C ASP A 202 -32.46 15.02 -4.60
N PHE A 203 -32.42 14.63 -5.87
CA PHE A 203 -31.28 14.94 -6.73
C PHE A 203 -31.70 14.87 -8.19
N LYS A 204 -31.92 16.04 -8.80
CA LYS A 204 -32.41 16.13 -10.17
C LYS A 204 -31.52 17.06 -11.02
N LEU A 205 -31.45 16.76 -12.31
CA LEU A 205 -30.52 17.42 -13.21
C LEU A 205 -31.13 18.65 -13.87
N GLY A 206 -30.32 19.70 -14.00
CA GLY A 206 -30.76 20.94 -14.61
C GLY A 206 -30.65 20.89 -16.12
N GLN A 207 -31.00 21.99 -16.78
CA GLN A 207 -31.00 22.06 -18.24
C GLN A 207 -29.59 21.94 -18.82
N THR A 208 -28.63 22.60 -18.19
CA THR A 208 -27.26 22.62 -18.69
C THR A 208 -26.64 21.22 -18.65
N ILE A 209 -26.61 20.63 -17.46
CA ILE A 209 -25.98 19.32 -17.30
C ILE A 209 -26.75 18.24 -18.07
N SER A 210 -28.06 18.39 -18.16
CA SER A 210 -28.89 17.49 -18.93
C SER A 210 -28.54 17.63 -20.42
N ARG A 211 -28.41 18.88 -20.87
CA ARG A 211 -28.08 19.15 -22.26
C ARG A 211 -26.68 18.62 -22.58
N LEU A 212 -25.79 18.70 -21.60
CA LEU A 212 -24.46 18.10 -21.73
C LEU A 212 -24.58 16.60 -21.88
N ARG A 213 -25.35 15.98 -20.99
CA ARG A 213 -25.56 14.54 -21.03
C ARG A 213 -26.14 14.09 -22.36
N ASP A 214 -27.10 14.86 -22.89
CA ASP A 214 -27.74 14.53 -24.15
C ASP A 214 -26.75 14.41 -25.31
N ILE A 215 -25.66 15.18 -25.26
CA ILE A 215 -24.65 15.15 -26.33
C ILE A 215 -23.41 14.36 -25.91
N SER A 216 -23.57 13.53 -24.89
CA SER A 216 -22.48 12.68 -24.41
C SER A 216 -22.77 11.22 -24.73
N VAL A 217 -23.40 10.99 -25.88
CA VAL A 217 -23.89 9.66 -26.25
C VAL A 217 -23.15 9.10 -27.47
N PRO A 218 -23.14 7.77 -27.62
CA PRO A 218 -22.53 7.18 -28.82
C PRO A 218 -23.29 7.54 -30.10
N ALA A 219 -22.66 7.32 -31.25
CA ALA A 219 -23.28 7.63 -32.53
C ALA A 219 -24.50 6.75 -32.74
N GLY A 220 -25.56 7.35 -33.29
CA GLY A 220 -26.80 6.65 -33.52
C GLY A 220 -27.75 6.76 -32.35
N PHE A 221 -27.75 7.90 -31.68
CA PHE A 221 -28.65 8.16 -30.56
C PHE A 221 -29.10 9.61 -30.54
N SER A 222 -30.41 9.81 -30.56
CA SER A 222 -30.99 11.15 -30.59
C SER A 222 -30.73 11.89 -29.29
N ASN A 223 -30.80 11.17 -28.17
CA ASN A 223 -30.55 11.75 -26.87
C ASN A 223 -30.18 10.69 -25.83
N PHE A 224 -29.99 11.12 -24.59
CA PHE A 224 -29.55 10.22 -23.52
C PHE A 224 -30.61 9.19 -23.16
N GLU A 225 -31.86 9.62 -23.05
CA GLU A 225 -32.96 8.74 -22.68
C GLU A 225 -32.98 7.52 -23.61
N GLY A 226 -32.67 7.76 -24.88
CA GLY A 226 -32.57 6.70 -25.86
C GLY A 226 -31.54 5.68 -25.46
N MET A 227 -30.35 6.14 -25.08
CA MET A 227 -29.28 5.25 -24.65
C MET A 227 -29.67 4.52 -23.37
N ARG A 228 -30.32 5.24 -22.44
CA ARG A 228 -30.74 4.65 -21.17
C ARG A 228 -31.72 3.50 -21.41
N SER A 229 -32.78 3.78 -22.15
CA SER A 229 -33.76 2.75 -22.47
C SER A 229 -33.11 1.61 -23.25
N TYR A 230 -32.33 1.96 -24.28
CA TYR A 230 -31.62 1.00 -25.09
C TYR A 230 -30.81 0.03 -24.22
N ILE A 231 -29.98 0.58 -23.35
CA ILE A 231 -29.17 -0.21 -22.44
C ILE A 231 -30.05 -1.04 -21.51
N ASP A 232 -31.08 -0.41 -20.96
CA ASP A 232 -31.96 -1.07 -20.00
C ASP A 232 -32.77 -2.20 -20.64
N ASN A 233 -33.08 -2.05 -21.93
CA ASN A 233 -33.99 -2.99 -22.60
C ASN A 233 -33.32 -4.04 -23.49
N ILE A 234 -32.63 -3.60 -24.55
CA ILE A 234 -32.20 -4.52 -25.61
C ILE A 234 -31.17 -5.54 -25.16
N ASP A 235 -31.17 -6.70 -25.82
CA ASP A 235 -30.25 -7.80 -25.51
C ASP A 235 -29.23 -7.95 -26.65
N PRO A 236 -27.94 -7.70 -26.38
CA PRO A 236 -26.95 -7.66 -27.46
C PRO A 236 -26.22 -8.98 -27.74
N LYS A 237 -26.63 -10.06 -27.09
CA LYS A 237 -25.94 -11.35 -27.22
C LYS A 237 -25.74 -11.73 -28.68
N GLY A 238 -24.49 -11.98 -29.06
CA GLY A 238 -24.13 -12.29 -30.43
C GLY A 238 -23.36 -11.14 -31.10
N ALA A 239 -23.43 -9.96 -30.49
CA ALA A 239 -22.81 -8.77 -31.05
C ALA A 239 -21.30 -8.93 -31.26
N ILE A 240 -20.62 -9.44 -30.24
CA ILE A 240 -19.17 -9.62 -30.31
C ILE A 240 -18.79 -10.44 -31.54
N GLU A 241 -19.31 -11.67 -31.62
CA GLU A 241 -18.97 -12.55 -32.72
C GLU A 241 -19.41 -11.95 -34.06
N ARG A 242 -20.60 -11.34 -34.07
CA ARG A 242 -21.13 -10.73 -35.28
C ARG A 242 -20.24 -9.59 -35.76
N ASN A 243 -19.62 -8.89 -34.82
CA ASN A 243 -18.63 -7.87 -35.16
C ASN A 243 -17.33 -8.49 -35.64
N LEU A 244 -16.83 -9.47 -34.89
CA LEU A 244 -15.60 -10.16 -35.23
C LEU A 244 -15.68 -10.80 -36.60
N ALA A 245 -16.88 -11.22 -36.98
CA ALA A 245 -17.10 -11.76 -38.31
C ALA A 245 -16.84 -10.72 -39.39
N ARG A 246 -17.37 -9.51 -39.19
CA ARG A 246 -17.32 -8.47 -40.22
C ARG A 246 -16.05 -7.64 -40.17
N MET A 247 -15.29 -7.76 -39.08
CA MET A 247 -14.05 -7.01 -38.94
C MET A 247 -13.01 -7.53 -39.92
N SER A 248 -12.13 -6.64 -40.39
CA SER A 248 -11.16 -6.99 -41.42
C SER A 248 -10.12 -7.99 -40.89
N PRO A 249 -9.66 -8.91 -41.76
CA PRO A 249 -8.63 -9.85 -41.35
C PRO A 249 -7.30 -9.16 -41.02
N LEU A 250 -7.06 -8.01 -41.63
CA LEU A 250 -5.81 -7.28 -41.45
C LEU A 250 -5.56 -6.99 -39.97
N VAL A 251 -6.63 -6.78 -39.21
CA VAL A 251 -6.52 -6.61 -37.77
C VAL A 251 -6.20 -7.95 -37.14
N SER A 252 -4.95 -8.10 -36.71
CA SER A 252 -4.50 -9.33 -36.07
C SER A 252 -3.31 -9.03 -35.17
N VAL A 253 -2.72 -10.08 -34.60
CA VAL A 253 -1.58 -9.92 -33.72
C VAL A 253 -0.29 -10.34 -34.45
N THR A 254 -0.45 -11.01 -35.58
CA THR A 254 0.68 -11.46 -36.40
C THR A 254 1.77 -12.14 -35.57
N PRO A 255 1.44 -13.28 -34.95
CA PRO A 255 2.36 -13.96 -34.04
C PRO A 255 3.45 -14.75 -34.78
N LYS A 256 4.61 -14.88 -34.15
CA LYS A 256 5.71 -15.65 -34.72
C LYS A 256 6.50 -16.31 -33.60
N LYS A 257 6.79 -17.60 -33.77
CA LYS A 257 7.57 -18.32 -32.76
C LYS A 257 9.02 -17.86 -32.83
N LEU A 258 9.56 -17.53 -31.65
CA LEU A 258 10.91 -16.98 -31.58
C LEU A 258 11.97 -18.07 -31.75
N THR A 259 12.92 -17.81 -32.64
CA THR A 259 14.09 -18.66 -32.83
C THR A 259 15.33 -17.81 -32.63
N TRP A 260 16.43 -18.44 -32.23
CA TRP A 260 17.63 -17.72 -31.85
C TRP A 260 18.18 -16.82 -32.95
N GLU A 261 18.11 -17.27 -34.20
CA GLU A 261 18.65 -16.48 -35.30
C GLU A 261 17.84 -15.21 -35.53
N ASP A 262 16.63 -15.15 -34.98
CA ASP A 262 15.82 -13.93 -35.07
C ASP A 262 16.37 -12.86 -34.15
N LEU A 263 17.12 -13.27 -33.13
CA LEU A 263 17.72 -12.33 -32.20
C LEU A 263 19.01 -11.73 -32.77
N ARG A 264 18.85 -10.71 -33.61
CA ARG A 264 19.98 -9.99 -34.18
C ARG A 264 20.62 -9.10 -33.12
N PRO A 265 21.96 -8.97 -33.15
CA PRO A 265 22.64 -8.11 -32.17
C PRO A 265 22.07 -6.70 -32.07
N ILE A 266 21.80 -6.24 -30.86
CA ILE A 266 21.18 -4.93 -30.65
C ILE A 266 22.21 -3.81 -30.82
N GLY A 267 21.76 -2.70 -31.38
CA GLY A 267 22.63 -1.56 -31.60
C GLY A 267 23.72 -1.86 -32.62
N PRO A 268 23.35 -1.88 -33.91
CA PRO A 268 24.33 -2.18 -34.96
C PRO A 268 25.32 -1.06 -35.20
N HIS A 269 25.01 0.14 -34.71
CA HIS A 269 25.83 1.32 -35.00
C HIS A 269 27.00 1.47 -34.02
N ILE A 270 26.91 0.83 -32.86
CA ILE A 270 27.94 1.01 -31.84
C ILE A 270 29.27 0.41 -32.28
N TYR A 271 29.24 -0.42 -33.32
CA TYR A 271 30.46 -1.02 -33.84
C TYR A 271 31.05 -0.21 -34.98
N ASN A 272 30.27 0.74 -35.50
CA ASN A 272 30.70 1.56 -36.63
C ASN A 272 31.78 2.57 -36.25
N HIS A 273 32.94 2.46 -36.88
CA HIS A 273 34.09 3.31 -36.58
C HIS A 273 33.92 4.71 -37.14
N GLU A 274 32.93 4.90 -38.01
CA GLU A 274 32.68 6.21 -38.60
C GLU A 274 32.13 7.17 -37.54
N LEU A 275 31.66 6.62 -36.43
CA LEU A 275 31.18 7.42 -35.29
C LEU A 275 32.32 7.66 -34.31
N PRO A 276 32.18 8.69 -33.44
CA PRO A 276 33.16 8.93 -32.38
C PRO A 276 32.94 8.03 -31.18
N GLU A 277 34.00 7.45 -30.63
CA GLU A 277 33.86 6.55 -29.48
C GLU A 277 33.37 7.35 -28.27
N VAL A 278 32.55 6.70 -27.44
CA VAL A 278 31.90 7.38 -26.33
C VAL A 278 32.95 7.89 -25.33
N PRO A 279 32.85 9.18 -24.95
CA PRO A 279 33.83 9.76 -24.02
C PRO A 279 33.42 9.69 -22.56
N TYR A 280 34.43 9.63 -21.69
CA TYR A 280 34.22 9.64 -20.24
C TYR A 280 33.43 10.89 -19.84
N ASN A 281 32.34 10.69 -19.12
CA ASN A 281 31.40 11.78 -18.83
C ASN A 281 30.89 11.74 -17.39
N ALA A 282 31.61 11.06 -16.52
CA ALA A 282 31.20 10.99 -15.12
C ALA A 282 31.51 12.30 -14.41
N PHE A 283 31.16 12.36 -13.13
CA PHE A 283 31.37 13.57 -12.33
C PHE A 283 32.82 13.61 -11.84
N LEU A 284 33.26 12.52 -11.25
CA LEU A 284 34.64 12.37 -10.78
C LEU A 284 35.33 11.22 -11.50
N LEU A 285 36.64 11.11 -11.29
CA LEU A 285 37.40 9.97 -11.82
C LEU A 285 37.12 8.75 -10.96
N MET A 286 37.26 7.56 -11.57
CA MET A 286 36.99 6.31 -10.87
C MET A 286 38.25 5.45 -10.76
N SER A 287 38.64 4.80 -11.86
CA SER A 287 39.80 3.93 -11.83
C SER A 287 41.10 4.73 -11.89
N ASP A 288 41.06 5.84 -12.62
CA ASP A 288 42.25 6.64 -12.83
C ASP A 288 42.58 7.54 -11.64
N GLU A 289 41.79 7.44 -10.57
CA GLU A 289 41.97 8.31 -9.41
C GLU A 289 43.33 8.12 -8.77
N LEU A 290 43.86 9.20 -8.18
CA LEU A 290 45.10 9.15 -7.42
C LEU A 290 44.93 9.95 -6.14
N GLY A 291 44.96 9.25 -5.02
CA GLY A 291 44.73 9.86 -3.72
C GLY A 291 46.00 10.11 -2.95
N LEU A 292 46.20 11.37 -2.57
CA LEU A 292 47.32 11.74 -1.70
C LEU A 292 46.99 11.29 -0.29
N ALA A 293 47.82 10.38 0.24
CA ALA A 293 47.56 9.76 1.53
C ALA A 293 48.24 10.49 2.68
N ASN A 294 47.49 10.72 3.75
CA ASN A 294 48.04 11.33 4.96
C ASN A 294 47.61 10.57 6.22
N MET A 295 48.57 9.93 6.87
CA MET A 295 48.29 9.14 8.08
C MET A 295 47.84 10.06 9.22
N THR A 296 46.77 9.67 9.89
CA THR A 296 46.20 10.45 10.98
C THR A 296 45.86 9.59 12.17
N GLU A 297 45.27 10.21 13.19
CA GLU A 297 44.76 9.48 14.35
C GLU A 297 43.62 8.56 13.90
N GLY A 298 42.88 9.01 12.89
CA GLY A 298 41.73 8.28 12.38
C GLY A 298 40.43 8.90 12.85
N LYS A 299 40.45 10.22 13.06
CA LYS A 299 39.27 10.95 13.53
C LYS A 299 39.08 12.23 12.71
N SER A 300 37.84 12.69 12.66
CA SER A 300 37.46 13.81 11.80
C SER A 300 38.22 15.09 12.13
N LYS A 301 38.63 15.80 11.08
CA LYS A 301 39.22 17.12 11.18
C LYS A 301 38.54 18.02 10.16
N LYS A 302 38.87 19.31 10.17
CA LYS A 302 38.28 20.23 9.20
C LYS A 302 38.88 19.97 7.81
N PRO A 303 38.05 20.00 6.77
CA PRO A 303 38.47 19.60 5.41
C PRO A 303 39.64 20.42 4.88
N LYS A 304 39.59 21.72 5.10
CA LYS A 304 40.66 22.61 4.70
C LYS A 304 41.97 22.22 5.38
N THR A 305 41.90 21.98 6.68
CA THR A 305 43.06 21.57 7.46
C THR A 305 43.60 20.25 6.92
N LEU A 306 42.69 19.33 6.60
CA LEU A 306 43.05 18.03 6.05
C LEU A 306 43.82 18.21 4.75
N ALA A 307 43.22 18.89 3.79
CA ALA A 307 43.85 19.10 2.49
C ALA A 307 45.18 19.85 2.65
N LYS A 308 45.19 20.79 3.60
CA LYS A 308 46.39 21.55 3.91
C LYS A 308 47.52 20.64 4.38
N GLU A 309 47.23 19.79 5.35
CA GLU A 309 48.23 18.87 5.88
C GLU A 309 48.65 17.85 4.81
N CYS A 310 47.68 17.38 4.02
CA CYS A 310 48.00 16.45 2.93
C CYS A 310 48.97 17.08 1.94
N LEU A 311 48.65 18.30 1.51
CA LEU A 311 49.50 19.04 0.61
C LEU A 311 50.83 19.40 1.28
N GLU A 312 50.79 19.59 2.60
CA GLU A 312 52.01 19.81 3.37
C GLU A 312 52.91 18.58 3.25
N LYS A 313 52.34 17.40 3.41
CA LYS A 313 53.10 16.17 3.19
C LYS A 313 53.65 16.11 1.77
N TYR A 314 52.78 16.30 0.78
CA TYR A 314 53.19 16.26 -0.62
C TYR A 314 53.34 17.67 -1.20
N SER A 315 54.35 18.39 -0.69
CA SER A 315 54.57 19.77 -1.06
C SER A 315 55.04 19.95 -2.49
N THR A 316 55.85 19.01 -2.97
CA THR A 316 56.44 19.09 -4.31
C THR A 316 55.41 19.36 -5.41
N LEU A 317 54.22 18.80 -5.24
CA LEU A 317 53.15 19.01 -6.20
C LEU A 317 52.41 20.32 -5.90
N ARG A 318 52.27 20.63 -4.62
CA ARG A 318 51.55 21.82 -4.19
C ARG A 318 52.26 23.10 -4.59
N ASP A 319 53.59 23.05 -4.57
CA ASP A 319 54.39 24.22 -4.89
C ASP A 319 54.52 24.46 -6.39
N GLN A 320 54.23 23.43 -7.19
CA GLN A 320 54.35 23.53 -8.63
C GLN A 320 53.42 24.60 -9.21
N THR A 321 54.00 25.75 -9.54
CA THR A 321 53.27 26.85 -10.16
C THR A 321 53.54 26.90 -11.66
N ASP A 322 54.38 26.00 -12.13
CA ASP A 322 54.77 25.96 -13.53
C ASP A 322 53.93 24.95 -14.31
N PRO A 323 52.97 25.43 -15.12
CA PRO A 323 52.04 24.50 -15.78
C PRO A 323 52.65 23.78 -16.99
N ILE A 324 52.60 22.45 -16.98
CA ILE A 324 53.03 21.65 -18.11
C ILE A 324 51.83 21.01 -18.78
N LEU A 325 51.24 21.72 -19.74
CA LEU A 325 50.00 21.30 -20.38
C LEU A 325 50.21 20.11 -21.30
N ILE A 326 49.46 19.03 -21.03
CA ILE A 326 49.55 17.80 -21.82
C ILE A 326 48.42 17.71 -22.83
N MET A 327 47.19 17.93 -22.35
CA MET A 327 46.01 17.87 -23.20
C MET A 327 45.00 18.94 -22.77
N LYS A 328 44.19 19.41 -23.73
CA LYS A 328 43.33 20.56 -23.51
C LYS A 328 41.95 20.38 -24.10
N SER A 329 40.93 20.46 -23.25
CA SER A 329 39.54 20.38 -23.69
C SER A 329 39.25 21.50 -24.67
N GLU A 330 38.60 21.15 -25.77
CA GLU A 330 38.36 22.05 -26.92
C GLU A 330 38.04 23.49 -26.52
N LYS A 331 37.04 23.67 -25.67
CA LYS A 331 36.55 25.00 -25.31
C LYS A 331 36.92 25.37 -23.87
N ALA A 332 38.11 24.99 -23.44
CA ALA A 332 38.62 25.35 -22.13
C ALA A 332 39.61 26.50 -22.23
N ASN A 333 40.05 27.00 -21.08
CA ASN A 333 41.01 28.10 -21.01
C ASN A 333 42.14 27.78 -20.02
N GLU A 334 43.26 27.33 -20.56
CA GLU A 334 44.41 26.90 -19.77
C GLU A 334 44.73 27.88 -18.64
N ASN A 335 44.85 29.15 -19.00
CA ASN A 335 45.20 30.20 -18.05
C ASN A 335 44.20 30.28 -16.91
N PHE A 336 42.92 30.39 -17.24
CA PHE A 336 41.88 30.50 -16.23
C PHE A 336 41.88 29.27 -15.32
N LEU A 337 41.96 28.09 -15.92
CA LEU A 337 41.94 26.85 -15.16
C LEU A 337 43.13 26.75 -14.22
N TRP A 338 44.32 27.05 -14.73
CA TRP A 338 45.51 26.96 -13.89
C TRP A 338 45.46 28.02 -12.80
N LYS A 339 44.99 29.21 -13.15
CA LYS A 339 44.81 30.28 -12.17
C LYS A 339 43.85 29.80 -11.09
N LEU A 340 42.80 29.13 -11.52
CA LEU A 340 41.80 28.60 -10.61
C LEU A 340 42.41 27.54 -9.71
N TRP A 341 43.22 26.65 -10.29
CA TRP A 341 43.91 25.61 -9.54
C TRP A 341 44.82 26.21 -8.47
N ARG A 342 45.62 27.18 -8.88
CA ARG A 342 46.53 27.85 -7.96
C ARG A 342 45.76 28.60 -6.87
N ASP A 343 44.66 29.23 -7.27
CA ASP A 343 43.81 29.92 -6.31
C ASP A 343 43.27 28.92 -5.28
N CYS A 344 42.83 27.76 -5.75
CA CYS A 344 42.39 26.70 -4.85
C CYS A 344 43.51 26.26 -3.90
N VAL A 345 44.62 25.82 -4.47
CA VAL A 345 45.75 25.33 -3.70
C VAL A 345 46.17 26.34 -2.62
N ASN A 346 46.38 27.57 -3.04
CA ASN A 346 46.81 28.62 -2.12
C ASN A 346 45.74 28.96 -1.10
N THR A 347 44.48 29.06 -1.55
CA THR A 347 43.38 29.39 -0.65
C THR A 347 43.26 28.35 0.46
N ILE A 348 43.35 27.09 0.10
CA ILE A 348 43.30 26.02 1.08
C ILE A 348 44.55 26.01 1.95
N SER A 349 45.70 26.23 1.32
CA SER A 349 46.97 26.18 2.02
C SER A 349 47.17 27.32 3.03
N ASN A 350 46.37 28.38 2.92
CA ASN A 350 46.58 29.56 3.76
C ASN A 350 46.23 29.31 5.22
N GLU A 351 46.35 30.35 6.03
CA GLU A 351 46.23 30.23 7.48
C GLU A 351 44.84 30.59 8.02
N GLU A 352 43.98 31.15 7.17
CA GLU A 352 42.67 31.59 7.62
C GLU A 352 41.63 30.47 7.56
N MET A 353 40.47 30.73 8.15
CA MET A 353 39.41 29.73 8.26
C MET A 353 38.67 29.52 6.95
N SER A 354 38.25 30.62 6.33
CA SER A 354 37.36 30.57 5.17
C SER A 354 37.93 29.76 4.03
N ASN A 355 37.05 29.03 3.35
CA ASN A 355 37.38 28.31 2.13
C ASN A 355 36.70 28.98 0.94
N GLU A 356 36.54 30.30 1.03
CA GLU A 356 35.90 31.06 -0.04
C GLU A 356 36.91 31.48 -1.09
N LEU A 357 36.50 31.47 -2.35
CA LEU A 357 37.33 31.94 -3.45
C LEU A 357 36.91 33.34 -3.87
N GLN A 358 37.89 34.14 -4.27
CA GLN A 358 37.61 35.47 -4.80
C GLN A 358 36.92 35.33 -6.14
N LYS A 359 35.89 36.14 -6.36
CA LYS A 359 35.06 36.02 -7.56
C LYS A 359 35.74 36.64 -8.77
N THR A 360 36.88 36.07 -9.14
CA THR A 360 37.71 36.61 -10.22
C THR A 360 37.06 36.40 -11.58
N ASN A 361 37.79 36.77 -12.64
CA ASN A 361 37.30 36.58 -13.99
C ASN A 361 37.39 35.11 -14.41
N TYR A 362 38.50 34.47 -14.05
CA TYR A 362 38.69 33.08 -14.40
C TYR A 362 37.69 32.22 -13.63
N ALA A 363 37.44 32.57 -12.38
CA ALA A 363 36.44 31.89 -11.58
C ALA A 363 35.04 32.13 -12.17
N LYS A 364 34.80 33.35 -12.63
CA LYS A 364 33.51 33.69 -13.21
C LYS A 364 33.30 32.97 -14.53
N TRP A 365 34.39 32.73 -15.25
CA TRP A 365 34.30 31.93 -16.48
C TRP A 365 34.06 30.47 -16.17
N ALA A 366 34.90 29.91 -15.31
CA ALA A 366 34.83 28.50 -14.97
C ALA A 366 33.50 28.16 -14.30
N THR A 367 32.97 29.11 -13.53
CA THR A 367 31.67 28.93 -12.87
C THR A 367 30.54 29.21 -13.85
N GLY A 368 30.77 30.15 -14.76
CA GLY A 368 29.77 30.52 -15.74
C GLY A 368 28.87 31.62 -15.21
N ASP A 369 29.47 32.75 -14.86
CA ASP A 369 28.73 33.86 -14.26
C ASP A 369 27.89 34.59 -15.29
N GLY A 370 26.68 34.99 -14.90
CA GLY A 370 25.79 35.78 -15.74
C GLY A 370 25.45 35.18 -17.08
N LEU A 371 25.64 33.87 -17.22
CA LEU A 371 25.39 33.21 -18.51
C LEU A 371 23.90 32.95 -18.76
N THR A 372 23.07 33.14 -17.74
CA THR A 372 21.63 32.95 -17.91
C THR A 372 21.07 34.05 -18.80
N TYR A 373 20.07 33.70 -19.60
CA TYR A 373 19.43 34.66 -20.49
C TYR A 373 18.52 35.57 -19.67
N GLN A 374 18.24 36.76 -20.20
CA GLN A 374 17.36 37.71 -19.52
C GLN A 374 15.91 37.47 -19.90
N LYS A 375 15.05 37.40 -18.89
CA LYS A 375 13.63 37.23 -19.11
C LYS A 375 13.00 38.55 -19.53
N ILE A 376 12.03 38.49 -20.43
CA ILE A 376 11.33 39.68 -20.90
C ILE A 376 9.84 39.42 -21.10
N MET A 377 9.08 40.48 -21.33
CA MET A 377 7.65 40.38 -21.54
C MET A 377 7.34 39.67 -22.85
N LYS A 378 6.27 38.89 -22.83
CA LYS A 378 5.78 38.21 -24.02
C LYS A 378 5.47 39.23 -25.11
N GLU A 379 4.96 40.39 -24.69
CA GLU A 379 4.59 41.46 -25.62
C GLU A 379 5.79 41.86 -26.48
N VAL A 380 6.96 41.89 -25.85
CA VAL A 380 8.19 42.21 -26.57
C VAL A 380 8.61 41.07 -27.47
N ALA A 381 8.73 39.88 -26.89
CA ALA A 381 9.20 38.70 -27.60
C ALA A 381 8.35 38.39 -28.83
N ILE A 382 7.05 38.68 -28.73
CA ILE A 382 6.15 38.48 -29.86
C ILE A 382 6.52 39.40 -31.02
N ASP A 383 6.85 40.66 -30.70
CA ASP A 383 7.23 41.63 -31.71
C ASP A 383 8.61 41.33 -32.28
N ASP A 384 9.52 40.87 -31.42
CA ASP A 384 10.89 40.55 -31.83
C ASP A 384 10.88 39.32 -32.75
N GLU A 385 11.15 39.55 -34.02
CA GLU A 385 11.04 38.51 -35.03
C GLU A 385 12.28 37.63 -35.08
N THR A 386 13.36 38.08 -34.46
CA THR A 386 14.61 37.31 -34.44
C THR A 386 14.52 36.16 -33.45
N MET A 387 13.65 36.31 -32.44
CA MET A 387 13.49 35.28 -31.42
C MET A 387 12.76 34.06 -31.96
N CYS A 388 13.28 32.89 -31.65
CA CYS A 388 12.70 31.63 -32.12
C CYS A 388 12.83 30.54 -31.07
N GLN A 389 11.99 29.52 -31.20
CA GLN A 389 12.10 28.33 -30.37
C GLN A 389 13.32 27.54 -30.78
N GLU A 390 14.20 27.26 -29.81
CA GLU A 390 15.43 26.55 -30.09
C GLU A 390 15.16 25.08 -30.43
N GLU A 391 15.80 24.59 -31.48
CA GLU A 391 15.78 23.17 -31.78
C GLU A 391 16.48 22.44 -30.63
N PRO A 392 15.85 21.37 -30.10
CA PRO A 392 16.43 20.74 -28.92
C PRO A 392 17.71 19.95 -29.23
N LYS A 393 18.65 19.95 -28.29
CA LYS A 393 19.88 19.18 -28.45
C LYS A 393 19.60 17.71 -28.19
N ILE A 394 19.88 16.88 -29.19
CA ILE A 394 19.68 15.44 -29.09
C ILE A 394 21.03 14.77 -28.89
N PRO A 395 21.11 13.79 -27.97
CA PRO A 395 22.38 13.08 -27.71
C PRO A 395 23.04 12.55 -28.98
N ASN A 396 24.37 12.65 -29.03
CA ASN A 396 25.13 12.19 -30.18
C ASN A 396 25.23 10.68 -30.23
N LYS A 397 25.45 10.14 -31.42
CA LYS A 397 25.56 8.71 -31.60
C LYS A 397 27.00 8.23 -31.50
N CYS A 398 27.40 7.83 -30.30
CA CYS A 398 28.76 7.36 -30.05
C CYS A 398 28.90 5.86 -30.38
N ARG A 399 30.15 5.42 -30.52
CA ARG A 399 30.47 4.01 -30.71
C ARG A 399 31.15 3.47 -29.46
N VAL A 400 31.44 2.16 -29.44
CA VAL A 400 32.00 1.51 -28.27
C VAL A 400 33.41 2.00 -27.94
N ALA A 401 33.71 2.12 -26.65
CA ALA A 401 35.04 2.52 -26.19
C ALA A 401 35.54 1.58 -25.10
N ALA A 402 36.83 1.26 -25.15
CA ALA A 402 37.40 0.23 -24.28
C ALA A 402 37.66 0.71 -22.86
N TRP A 403 37.62 2.01 -22.65
CA TRP A 403 37.90 2.54 -21.32
C TRP A 403 36.80 2.11 -20.35
N VAL A 404 35.60 1.90 -20.86
CA VAL A 404 34.51 1.37 -20.06
C VAL A 404 34.86 -0.05 -19.62
N GLN A 405 35.17 -0.89 -20.60
CA GLN A 405 35.58 -2.26 -20.36
C GLN A 405 36.67 -2.31 -19.29
N THR A 406 37.69 -1.48 -19.46
CA THR A 406 38.80 -1.45 -18.51
C THR A 406 38.32 -0.96 -17.14
N GLU A 407 37.46 0.05 -17.13
CA GLU A 407 36.89 0.56 -15.90
C GLU A 407 36.20 -0.56 -15.15
N MET A 408 35.48 -1.38 -15.90
CA MET A 408 34.79 -2.54 -15.33
C MET A 408 35.80 -3.57 -14.81
N ASN A 409 36.81 -3.87 -15.63
CA ASN A 409 37.85 -4.81 -15.25
C ASN A 409 38.57 -4.39 -13.97
N LEU A 410 38.80 -3.09 -13.81
CA LEU A 410 39.59 -2.57 -12.70
C LEU A 410 38.76 -2.31 -11.44
N LEU A 411 37.62 -1.68 -11.59
CA LEU A 411 36.78 -1.31 -10.46
C LEU A 411 36.35 -2.54 -9.65
N SER A 412 36.32 -3.69 -10.32
CA SER A 412 35.86 -4.92 -9.69
C SER A 412 36.99 -5.67 -9.00
N THR A 413 38.20 -5.12 -9.08
CA THR A 413 39.38 -5.81 -8.57
C THR A 413 39.62 -5.49 -7.10
N LEU A 414 40.39 -6.35 -6.43
CA LEU A 414 40.67 -6.19 -5.01
C LEU A 414 41.81 -5.21 -4.78
N THR A 415 41.85 -4.65 -3.57
CA THR A 415 42.96 -3.82 -3.12
C THR A 415 43.29 -4.20 -1.68
N SER A 416 44.22 -3.48 -1.07
CA SER A 416 44.57 -3.69 0.33
C SER A 416 44.05 -2.52 1.17
N LYS A 417 43.09 -1.78 0.61
CA LYS A 417 42.61 -0.55 1.21
C LYS A 417 41.09 -0.56 1.39
N ARG A 418 40.65 -0.45 2.64
CA ARG A 418 39.23 -0.40 2.98
C ARG A 418 38.77 1.04 3.15
N ALA A 419 37.62 1.38 2.55
CA ALA A 419 37.15 2.76 2.49
C ALA A 419 35.81 2.99 3.21
N LEU A 420 35.06 1.93 3.44
CA LEU A 420 33.70 2.06 3.98
C LEU A 420 33.70 2.60 5.41
N ASP A 421 32.61 3.29 5.75
CA ASP A 421 32.44 3.94 7.05
C ASP A 421 31.26 3.36 7.82
N LEU A 422 31.12 2.03 7.78
CA LEU A 422 29.95 1.37 8.33
C LEU A 422 29.85 1.52 9.86
N PRO A 423 28.76 2.12 10.36
CA PRO A 423 28.60 2.36 11.80
C PRO A 423 28.28 1.11 12.60
N GLU A 424 28.13 1.26 13.91
CA GLU A 424 27.88 0.13 14.81
C GLU A 424 26.42 -0.29 14.80
N ILE A 425 26.16 -1.51 15.28
CA ILE A 425 24.80 -2.00 15.47
C ILE A 425 24.68 -2.66 16.84
N GLY A 426 23.47 -3.08 17.19
CA GLY A 426 23.22 -3.69 18.48
C GLY A 426 23.92 -5.02 18.63
N PRO A 427 24.05 -5.51 19.87
CA PRO A 427 24.72 -6.79 20.12
C PRO A 427 23.88 -7.96 19.62
N ASP A 428 24.55 -9.03 19.18
CA ASP A 428 23.85 -10.22 18.71
C ASP A 428 23.31 -11.05 19.86
N VAL A 429 22.11 -11.60 19.66
CA VAL A 429 21.49 -12.47 20.65
C VAL A 429 20.93 -13.70 19.95
N ALA A 430 20.02 -13.50 19.02
CA ALA A 430 19.43 -14.60 18.27
C ALA A 430 20.45 -15.22 17.32
N PRO A 431 20.38 -16.53 17.09
CA PRO A 431 21.28 -17.21 16.15
C PRO A 431 21.33 -16.56 14.77
N VAL A 432 20.17 -16.10 14.30
CA VAL A 432 20.07 -15.47 12.99
C VAL A 432 21.03 -14.29 12.90
N GLU A 433 21.11 -13.52 13.99
CA GLU A 433 21.99 -12.35 14.05
C GLU A 433 23.46 -12.76 14.02
N HIS A 434 23.78 -13.89 14.64
CA HIS A 434 25.14 -14.39 14.63
C HIS A 434 25.50 -14.91 13.23
N VAL A 435 24.55 -15.58 12.59
CA VAL A 435 24.75 -16.05 11.22
C VAL A 435 24.97 -14.88 10.28
N GLY A 436 24.12 -13.85 10.43
CA GLY A 436 24.25 -12.64 9.65
C GLY A 436 25.59 -11.97 9.88
N SER A 437 25.93 -11.77 11.14
CA SER A 437 27.20 -11.14 11.51
C SER A 437 28.38 -11.92 10.96
N GLU A 438 28.31 -13.25 11.04
CA GLU A 438 29.35 -14.12 10.51
C GLU A 438 29.37 -14.05 8.98
N ARG A 439 28.20 -13.87 8.37
CA ARG A 439 28.12 -13.73 6.92
C ARG A 439 28.72 -12.40 6.45
N ARG A 440 28.46 -11.33 7.21
CA ARG A 440 28.96 -10.00 6.86
C ARG A 440 30.48 -10.00 6.72
N LYS A 441 31.17 -10.74 7.60
CA LYS A 441 32.62 -10.85 7.54
C LYS A 441 33.08 -11.33 6.16
N TYR A 442 32.27 -12.15 5.52
CA TYR A 442 32.60 -12.66 4.19
C TYR A 442 32.10 -11.70 3.11
N PHE A 443 30.83 -11.31 3.22
CA PHE A 443 30.18 -10.49 2.21
C PHE A 443 30.72 -9.06 2.15
N VAL A 444 30.72 -8.38 3.28
CA VAL A 444 31.11 -6.97 3.33
C VAL A 444 32.57 -6.78 2.91
N ASN A 445 33.48 -7.40 3.64
CA ASN A 445 34.92 -7.26 3.38
C ASN A 445 35.30 -7.53 1.93
N GLU A 446 34.57 -8.42 1.28
CA GLU A 446 34.84 -8.76 -0.11
C GLU A 446 34.61 -7.55 -1.02
N ILE A 447 33.69 -6.68 -0.62
CA ILE A 447 33.42 -5.45 -1.36
C ILE A 447 34.32 -4.33 -0.84
N ASN A 448 34.39 -4.19 0.48
CA ASN A 448 35.16 -3.12 1.11
C ASN A 448 36.61 -3.06 0.63
N TYR A 449 37.23 -4.23 0.48
CA TYR A 449 38.61 -4.33 0.03
C TYR A 449 38.77 -4.02 -1.46
N CYS A 450 37.67 -4.04 -2.19
CA CYS A 450 37.72 -3.85 -3.65
C CYS A 450 37.74 -2.35 -3.99
N LYS A 451 38.02 -2.07 -5.27
CA LYS A 451 38.21 -0.70 -5.74
C LYS A 451 36.93 0.14 -5.67
N ALA A 452 35.89 -0.34 -6.36
CA ALA A 452 34.62 0.37 -6.50
C ALA A 452 34.11 0.96 -5.19
N SER A 453 34.44 0.31 -4.08
CA SER A 453 34.03 0.77 -2.76
C SER A 453 34.56 2.16 -2.44
N THR A 454 35.86 2.33 -2.65
CA THR A 454 36.52 3.60 -2.41
C THR A 454 35.96 4.70 -3.30
N VAL A 455 35.86 4.40 -4.60
CA VAL A 455 35.25 5.31 -5.56
C VAL A 455 33.87 5.76 -5.07
N MET A 456 33.04 4.79 -4.70
CA MET A 456 31.70 5.07 -4.19
C MET A 456 31.77 5.99 -2.98
N MET A 457 32.49 5.58 -1.94
CA MET A 457 32.62 6.38 -0.73
C MET A 457 33.08 7.79 -1.06
N LYS A 458 33.98 7.91 -2.04
CA LYS A 458 34.43 9.21 -2.50
C LYS A 458 33.24 10.02 -3.01
N TYR A 459 32.52 9.47 -3.99
CA TYR A 459 31.32 10.13 -4.49
C TYR A 459 30.37 10.56 -3.38
N VAL A 460 30.05 9.62 -2.49
CA VAL A 460 29.14 9.88 -1.38
C VAL A 460 29.61 11.04 -0.51
N LEU A 461 30.79 10.88 0.08
CA LEU A 461 31.34 11.88 0.99
C LEU A 461 31.52 13.23 0.31
N PHE A 462 31.86 13.21 -0.98
CA PHE A 462 31.99 14.46 -1.72
C PHE A 462 30.63 15.14 -1.85
N HIS A 463 29.67 14.44 -2.45
CA HIS A 463 28.33 14.98 -2.65
C HIS A 463 27.72 15.47 -1.35
N THR A 464 28.00 14.74 -0.26
CA THR A 464 27.52 15.12 1.06
C THR A 464 27.90 16.56 1.41
N SER A 465 29.17 16.90 1.22
CA SER A 465 29.67 18.23 1.55
C SER A 465 29.26 19.26 0.49
N LEU A 466 29.37 18.86 -0.78
CA LEU A 466 28.98 19.73 -1.89
C LEU A 466 27.55 20.23 -1.73
N LEU A 467 26.64 19.33 -1.34
CA LEU A 467 25.27 19.71 -1.08
C LEU A 467 25.18 20.71 0.07
N ASN A 468 25.99 20.51 1.10
CA ASN A 468 25.96 21.39 2.26
C ASN A 468 26.44 22.78 1.90
N GLU A 469 27.56 22.85 1.19
CA GLU A 469 28.06 24.14 0.74
C GLU A 469 27.06 24.80 -0.19
N SER A 470 26.47 24.01 -1.09
CA SER A 470 25.50 24.52 -2.07
C SER A 470 24.34 25.28 -1.44
N ASN A 471 23.96 24.90 -0.22
CA ASN A 471 22.84 25.54 0.46
C ASN A 471 23.31 26.54 1.51
N ALA A 472 24.39 26.20 2.22
CA ALA A 472 24.91 27.05 3.28
C ALA A 472 25.52 28.33 2.70
N SER A 473 26.28 28.16 1.63
CA SER A 473 26.98 29.28 0.98
C SER A 473 26.58 29.39 -0.49
N MET A 474 25.40 29.95 -0.72
CA MET A 474 24.83 29.99 -2.07
C MET A 474 25.59 30.91 -3.02
N GLY A 475 25.74 32.16 -2.64
CA GLY A 475 26.36 33.16 -3.50
C GLY A 475 27.87 33.15 -3.47
N LYS A 476 28.45 32.40 -2.53
CA LYS A 476 29.90 32.35 -2.38
C LYS A 476 30.53 31.22 -3.19
N TYR A 477 31.50 31.57 -4.04
CA TYR A 477 32.34 30.56 -4.66
C TYR A 477 33.17 29.96 -3.54
N LYS A 478 33.13 28.64 -3.39
CA LYS A 478 33.90 27.97 -2.35
C LYS A 478 34.67 26.77 -2.88
N VAL A 479 35.82 26.51 -2.26
CA VAL A 479 36.68 25.40 -2.63
C VAL A 479 36.38 24.23 -1.69
N ILE A 480 36.17 23.06 -2.29
CA ILE A 480 35.83 21.85 -1.55
C ILE A 480 36.81 20.74 -1.92
N PRO A 481 37.42 20.09 -0.92
CA PRO A 481 38.36 19.02 -1.22
C PRO A 481 37.68 17.68 -1.48
N ILE A 482 38.26 16.89 -2.37
CA ILE A 482 37.77 15.55 -2.67
C ILE A 482 38.41 14.55 -1.69
N THR A 483 37.78 14.40 -0.53
CA THR A 483 38.36 13.69 0.60
C THR A 483 37.82 12.27 0.73
N ASN A 484 38.65 11.36 1.24
CA ASN A 484 38.17 10.03 1.61
C ASN A 484 39.11 9.33 2.60
N ARG A 485 38.61 8.99 3.79
CA ARG A 485 39.44 8.29 4.77
C ARG A 485 39.53 6.82 4.39
N VAL A 486 40.70 6.22 4.60
CA VAL A 486 40.98 4.85 4.18
C VAL A 486 41.82 4.12 5.22
N VAL A 487 41.58 2.82 5.36
CA VAL A 487 42.33 1.97 6.28
C VAL A 487 43.01 0.83 5.54
N ASN A 488 44.30 0.65 5.81
CA ASN A 488 45.08 -0.41 5.19
C ASN A 488 45.02 -1.68 6.03
N GLU A 489 45.53 -2.78 5.49
CA GLU A 489 45.42 -4.08 6.13
C GLU A 489 46.06 -4.11 7.52
N LYS A 490 47.06 -3.26 7.74
CA LYS A 490 47.72 -3.16 9.04
C LYS A 490 46.84 -2.45 10.06
N GLY A 491 45.90 -1.65 9.57
CA GLY A 491 44.97 -0.94 10.42
C GLY A 491 45.43 0.46 10.78
N GLU A 492 45.80 1.23 9.76
CA GLU A 492 46.25 2.60 9.93
C GLU A 492 45.41 3.54 9.08
N SER A 493 44.87 4.58 9.70
CA SER A 493 43.94 5.49 9.02
C SER A 493 44.65 6.50 8.14
N PHE A 494 44.63 6.27 6.83
CA PHE A 494 45.16 7.23 5.87
C PHE A 494 44.03 8.09 5.29
N ASP A 495 44.17 9.41 5.42
CA ASP A 495 43.25 10.33 4.76
C ASP A 495 43.69 10.53 3.31
N MET A 496 42.78 10.29 2.38
CA MET A 496 43.06 10.38 0.96
C MET A 496 42.46 11.65 0.35
N LEU A 497 43.32 12.43 -0.30
CA LEU A 497 42.90 13.61 -1.05
C LEU A 497 43.12 13.37 -2.55
N TYR A 498 42.03 13.22 -3.29
CA TYR A 498 42.11 12.86 -4.70
C TYR A 498 42.19 14.10 -5.59
N GLY A 499 41.80 15.26 -5.06
CA GLY A 499 41.81 16.48 -5.83
C GLY A 499 41.04 17.60 -5.15
N LEU A 500 40.84 18.71 -5.87
CA LEU A 500 40.12 19.86 -5.34
C LEU A 500 39.06 20.31 -6.31
N ALA A 501 37.92 20.76 -5.77
CA ALA A 501 36.78 21.13 -6.60
C ALA A 501 36.29 22.54 -6.26
N VAL A 502 35.88 23.27 -7.30
CA VAL A 502 35.38 24.62 -7.17
C VAL A 502 33.87 24.64 -7.31
N LYS A 503 33.20 25.10 -6.25
CA LYS A 503 31.75 25.22 -6.22
C LYS A 503 31.31 26.54 -6.85
N GLY A 504 30.40 26.43 -7.81
CA GLY A 504 29.87 27.61 -8.47
C GLY A 504 28.82 28.31 -7.65
N GLN A 505 28.08 29.21 -8.29
CA GLN A 505 27.02 29.94 -7.62
C GLN A 505 25.79 29.04 -7.52
N SER A 506 25.31 28.82 -6.30
CA SER A 506 24.24 27.87 -6.05
C SER A 506 23.03 28.48 -5.35
N HIS A 507 22.31 29.33 -6.08
CA HIS A 507 20.98 29.77 -5.67
C HIS A 507 19.97 28.83 -6.29
N LEU A 508 19.98 27.59 -5.82
CA LEU A 508 19.19 26.53 -6.41
C LEU A 508 17.75 26.53 -5.90
N ARG A 509 16.82 26.91 -6.76
CA ARG A 509 15.40 26.91 -6.41
C ARG A 509 14.79 25.56 -6.76
N GLY A 510 14.53 25.35 -8.04
CA GLY A 510 14.01 24.07 -8.51
C GLY A 510 15.02 22.97 -8.24
N ASP A 511 14.51 21.76 -8.05
CA ASP A 511 15.38 20.61 -7.78
C ASP A 511 16.35 20.36 -8.94
N THR A 512 15.88 20.64 -10.15
CA THR A 512 16.68 20.38 -11.35
C THR A 512 17.68 21.49 -11.64
N ASP A 513 17.55 22.61 -10.94
CA ASP A 513 18.46 23.75 -11.14
C ASP A 513 19.91 23.33 -10.94
N VAL A 514 20.76 23.77 -11.86
CA VAL A 514 22.14 23.31 -11.91
C VAL A 514 23.11 24.22 -11.17
N VAL A 515 24.04 23.59 -10.45
CA VAL A 515 25.21 24.28 -9.92
C VAL A 515 26.45 23.74 -10.64
N THR A 516 27.24 24.66 -11.18
CA THR A 516 28.44 24.29 -11.93
C THR A 516 29.58 24.04 -10.96
N VAL A 517 30.22 22.89 -11.10
CA VAL A 517 31.33 22.50 -10.23
C VAL A 517 32.55 22.15 -11.08
N VAL A 518 33.69 22.75 -10.75
CA VAL A 518 34.91 22.55 -11.51
C VAL A 518 35.85 21.59 -10.78
N THR A 519 36.20 20.48 -11.42
CA THR A 519 37.01 19.45 -10.80
C THR A 519 38.48 19.51 -11.20
N PHE A 520 39.35 19.48 -10.19
CA PHE A 520 40.79 19.32 -10.40
C PHE A 520 41.24 18.06 -9.68
N GLU A 521 41.52 17.00 -10.44
CA GLU A 521 41.77 15.68 -9.85
C GLU A 521 43.12 15.09 -10.23
N PHE A 522 43.87 14.66 -9.21
CA PHE A 522 45.17 14.02 -9.42
C PHE A 522 45.00 12.72 -10.20
N SER A 523 45.99 12.40 -11.03
CA SER A 523 45.99 11.12 -11.74
C SER A 523 47.40 10.64 -12.08
N SER A 524 47.50 9.37 -12.48
CA SER A 524 48.76 8.80 -12.94
C SER A 524 48.64 8.34 -14.39
N THR A 525 47.53 8.71 -15.03
CA THR A 525 47.21 8.26 -16.37
C THR A 525 47.63 9.28 -17.41
N ASP A 526 48.39 8.82 -18.41
CA ASP A 526 48.82 9.68 -19.50
C ASP A 526 47.73 9.74 -20.57
N PRO A 527 46.98 10.86 -20.63
CA PRO A 527 45.79 10.93 -21.48
C PRO A 527 46.06 10.69 -22.95
N ARG A 528 47.30 10.89 -23.39
CA ARG A 528 47.68 10.67 -24.78
C ARG A 528 47.48 9.21 -25.17
N VAL A 529 47.53 8.32 -24.19
CA VAL A 529 47.37 6.89 -24.42
C VAL A 529 45.96 6.59 -24.92
N ASP A 530 44.96 7.15 -24.24
CA ASP A 530 43.56 6.93 -24.60
C ASP A 530 42.84 8.27 -24.72
N SER A 531 43.29 9.08 -25.68
CA SER A 531 42.78 10.43 -25.88
C SER A 531 41.28 10.49 -26.07
N GLY A 532 40.72 9.47 -26.74
CA GLY A 532 39.29 9.44 -27.01
C GLY A 532 38.47 9.44 -25.73
N LYS A 533 39.12 9.11 -24.62
CA LYS A 533 38.44 9.05 -23.33
C LYS A 533 38.25 10.43 -22.71
N TRP A 534 39.13 11.37 -23.04
CA TRP A 534 39.23 12.62 -22.31
C TRP A 534 38.96 13.90 -23.11
N PRO A 535 38.03 13.86 -24.07
CA PRO A 535 37.84 15.11 -24.82
C PRO A 535 37.21 16.22 -23.99
N LYS A 536 36.63 15.86 -22.84
CA LYS A 536 36.00 16.84 -21.96
C LYS A 536 36.97 17.37 -20.91
N TYR A 537 38.21 16.86 -20.93
CA TYR A 537 39.17 17.18 -19.89
C TYR A 537 40.35 18.02 -20.37
N THR A 538 40.97 18.72 -19.43
CA THR A 538 42.19 19.48 -19.66
C THR A 538 43.25 18.99 -18.68
N VAL A 539 44.32 18.41 -19.20
CA VAL A 539 45.29 17.69 -18.38
C VAL A 539 46.64 18.40 -18.28
N PHE A 540 47.06 18.66 -17.05
CA PHE A 540 48.39 19.19 -16.78
C PHE A 540 49.30 18.08 -16.24
N ARG A 541 50.59 18.39 -16.17
CA ARG A 541 51.61 17.48 -15.63
C ARG A 541 52.36 18.21 -14.52
N ILE A 542 52.07 17.84 -13.28
CA ILE A 542 52.47 18.64 -12.13
C ILE A 542 53.48 17.97 -11.19
N GLY A 543 54.15 16.93 -11.66
CA GLY A 543 55.20 16.30 -10.88
C GLY A 543 55.26 14.79 -11.01
N SER A 544 55.82 14.15 -9.98
CA SER A 544 55.99 12.69 -9.99
C SER A 544 56.03 12.13 -8.56
N LEU A 545 55.70 10.85 -8.43
CA LEU A 545 55.70 10.19 -7.13
C LEU A 545 56.23 8.76 -7.21
N PHE A 546 56.86 8.30 -6.13
CA PHE A 546 57.28 6.91 -6.00
C PHE A 546 56.08 6.05 -5.60
N VAL A 547 55.30 5.63 -6.59
CA VAL A 547 54.05 4.91 -6.35
C VAL A 547 54.32 3.48 -5.87
N SER A 548 54.61 2.60 -6.82
CA SER A 548 54.91 1.20 -6.49
C SER A 548 56.42 0.97 -6.48
N GLY A 549 57.12 1.80 -5.71
CA GLY A 549 58.57 1.76 -5.65
C GLY A 549 59.18 2.67 -6.71
N ARG A 550 58.67 2.57 -7.93
CA ARG A 550 59.18 3.34 -9.06
C ARG A 550 58.47 4.68 -9.22
N GLU A 551 59.10 5.60 -9.95
CA GLU A 551 58.54 6.91 -10.20
C GLU A 551 57.38 6.88 -11.19
N LYS A 552 56.33 7.65 -10.89
CA LYS A 552 55.19 7.79 -11.79
C LYS A 552 54.81 9.26 -11.91
N SER A 553 54.51 9.67 -13.13
CA SER A 553 54.18 11.06 -13.43
C SER A 553 52.78 11.44 -12.97
N VAL A 554 52.69 12.44 -12.11
CA VAL A 554 51.41 12.91 -11.58
C VAL A 554 50.78 13.95 -12.50
N TYR A 555 49.62 13.62 -13.05
CA TYR A 555 48.89 14.55 -13.90
C TYR A 555 47.72 15.17 -13.13
N LEU A 556 47.32 16.37 -13.53
CA LEU A 556 46.16 17.04 -12.95
C LEU A 556 45.06 17.14 -14.00
N TYR A 557 43.98 16.40 -13.78
CA TYR A 557 42.83 16.44 -14.68
C TYR A 557 41.87 17.54 -14.27
N CYS A 558 41.76 18.54 -15.14
CA CYS A 558 40.93 19.72 -14.89
C CYS A 558 39.69 19.70 -15.76
N ARG A 559 38.51 19.88 -15.16
CA ARG A 559 37.28 19.88 -15.94
C ARG A 559 36.16 20.73 -15.33
N VAL A 560 35.41 21.40 -16.21
CA VAL A 560 34.20 22.11 -15.82
C VAL A 560 33.01 21.16 -15.84
N ASN A 561 32.37 20.99 -14.69
CA ASN A 561 31.27 20.05 -14.55
C ASN A 561 30.06 20.72 -13.90
N GLY A 562 29.02 19.94 -13.63
CA GLY A 562 27.81 20.47 -13.04
C GLY A 562 26.87 19.42 -12.49
N THR A 563 26.14 19.77 -11.43
CA THR A 563 25.20 18.85 -10.80
C THR A 563 23.99 19.61 -10.27
N ASN A 564 23.13 18.92 -9.52
CA ASN A 564 21.95 19.54 -8.93
C ASN A 564 21.48 18.81 -7.68
N LYS A 565 20.54 19.42 -6.97
CA LYS A 565 20.03 18.90 -5.71
C LYS A 565 19.68 17.41 -5.78
N ILE A 566 18.94 17.04 -6.83
CA ILE A 566 18.56 15.65 -7.04
C ILE A 566 19.78 14.72 -7.03
N GLN A 567 20.72 14.98 -7.93
CA GLN A 567 21.86 14.10 -8.12
C GLN A 567 22.80 14.10 -6.91
N MET A 568 22.84 15.20 -6.18
CA MET A 568 23.64 15.28 -4.96
C MET A 568 23.00 14.42 -3.90
N LYS A 569 21.69 14.52 -3.77
CA LYS A 569 20.96 13.66 -2.83
C LYS A 569 21.17 12.19 -3.20
N TRP A 570 20.92 11.84 -4.45
CA TRP A 570 21.11 10.47 -4.92
C TRP A 570 22.57 10.04 -4.77
N GLY A 571 23.49 11.00 -4.84
CA GLY A 571 24.86 10.73 -4.48
C GLY A 571 24.99 10.35 -3.02
N MET A 572 24.39 11.16 -2.15
CA MET A 572 24.44 10.87 -0.72
C MET A 572 23.85 9.51 -0.39
N GLU A 573 22.91 9.06 -1.23
CA GLU A 573 22.26 7.77 -1.05
C GLU A 573 22.78 6.77 -2.08
N ALA A 574 24.09 6.50 -2.03
CA ALA A 574 24.73 5.62 -3.00
C ALA A 574 25.38 4.43 -2.31
N ARG A 575 25.45 4.46 -0.98
CA ARG A 575 25.93 3.31 -0.22
C ARG A 575 25.08 2.08 -0.49
N ARG A 576 23.81 2.32 -0.81
CA ARG A 576 22.86 1.24 -1.04
C ARG A 576 23.34 0.30 -2.14
N CYS A 577 24.20 0.80 -3.02
CA CYS A 577 24.84 -0.02 -4.05
C CYS A 577 25.39 -1.32 -3.47
N LEU A 578 25.69 -1.31 -2.19
CA LEU A 578 25.98 -2.55 -1.47
C LEU A 578 24.79 -3.50 -1.52
N LEU A 579 23.67 -3.04 -0.96
CA LEU A 579 22.54 -3.91 -0.64
C LEU A 579 22.06 -4.68 -1.86
N GLN A 580 21.98 -3.99 -2.99
CA GLN A 580 21.50 -4.59 -4.22
C GLN A 580 22.40 -5.73 -4.68
N SER A 581 23.68 -5.67 -4.35
CA SER A 581 24.64 -6.67 -4.81
C SER A 581 24.83 -7.73 -3.73
N MET A 582 24.64 -7.33 -2.49
CA MET A 582 24.83 -8.22 -1.35
C MET A 582 23.65 -9.17 -1.20
N GLN A 583 22.44 -8.62 -1.35
CA GLN A 583 21.22 -9.42 -1.30
C GLN A 583 21.19 -10.48 -2.39
N GLN A 584 21.52 -10.08 -3.62
CA GLN A 584 21.46 -10.96 -4.78
C GLN A 584 22.31 -12.22 -4.60
N MET A 585 23.39 -12.11 -3.86
CA MET A 585 24.29 -13.24 -3.66
C MET A 585 23.91 -14.01 -2.38
N GLU A 586 23.54 -13.28 -1.34
CA GLU A 586 23.09 -13.93 -0.11
C GLU A 586 21.87 -14.80 -0.39
N ALA A 587 21.14 -14.44 -1.45
CA ALA A 587 20.07 -15.29 -1.95
C ALA A 587 20.63 -16.64 -2.39
N ILE A 588 21.81 -16.61 -3.02
CA ILE A 588 22.43 -17.84 -3.50
C ILE A 588 23.03 -18.64 -2.34
N VAL A 589 23.60 -17.92 -1.37
CA VAL A 589 24.14 -18.57 -0.18
C VAL A 589 23.02 -19.25 0.59
N GLU A 590 21.88 -18.58 0.70
CA GLU A 590 20.73 -19.15 1.39
C GLU A 590 20.15 -20.33 0.61
N GLN A 591 20.01 -20.18 -0.71
CA GLN A 591 19.50 -21.25 -1.55
C GLN A 591 20.38 -22.48 -1.47
N GLU A 592 21.69 -22.27 -1.39
CA GLU A 592 22.63 -23.38 -1.27
C GLU A 592 22.52 -24.00 0.11
N SER A 593 22.52 -23.16 1.14
CA SER A 593 22.37 -23.62 2.52
C SER A 593 21.10 -24.45 2.68
N SER A 594 20.09 -24.14 1.89
CA SER A 594 18.86 -24.92 1.86
C SER A 594 19.13 -26.34 1.38
N ILE A 595 20.03 -26.46 0.41
CA ILE A 595 20.27 -27.73 -0.26
C ILE A 595 21.06 -28.69 0.63
N GLN A 596 21.96 -28.15 1.44
CA GLN A 596 22.85 -28.99 2.24
C GLN A 596 22.65 -28.81 3.74
N GLY A 597 21.70 -27.96 4.12
CA GLY A 597 21.24 -27.88 5.50
C GLY A 597 22.20 -27.28 6.51
N TYR A 598 23.13 -26.46 6.04
CA TYR A 598 24.00 -25.70 6.94
C TYR A 598 24.52 -24.45 6.24
N ASP A 599 25.17 -23.58 7.00
CA ASP A 599 25.65 -22.31 6.47
C ASP A 599 26.71 -22.54 5.39
N MET A 600 26.32 -22.32 4.14
CA MET A 600 27.16 -22.61 2.99
C MET A 600 27.97 -21.39 2.54
N THR A 601 28.10 -20.40 3.41
CA THR A 601 28.85 -19.20 3.07
C THR A 601 30.31 -19.54 2.82
N LYS A 602 30.99 -20.03 3.86
CA LYS A 602 32.39 -20.41 3.76
C LYS A 602 32.62 -21.36 2.58
N ALA A 603 31.64 -22.23 2.36
CA ALA A 603 31.70 -23.18 1.24
C ALA A 603 31.66 -22.44 -0.09
N CYS A 604 30.71 -21.54 -0.24
CA CYS A 604 30.56 -20.78 -1.47
C CYS A 604 31.81 -19.95 -1.76
N PHE A 605 32.30 -19.26 -0.73
CA PHE A 605 33.47 -18.42 -0.90
C PHE A 605 34.76 -19.22 -1.08
N LYS A 606 35.14 -19.99 -0.07
CA LYS A 606 36.45 -20.64 -0.03
C LYS A 606 36.41 -22.13 -0.35
N GLY A 607 35.22 -22.73 -0.33
CA GLY A 607 35.10 -24.16 -0.39
C GLY A 607 35.28 -24.71 1.01
N ASP A 608 35.10 -26.01 1.19
CA ASP A 608 35.27 -26.63 2.50
C ASP A 608 35.53 -28.12 2.37
N ARG A 609 35.46 -28.82 3.51
CA ARG A 609 35.73 -30.25 3.58
C ARG A 609 34.91 -31.04 2.56
N VAL A 610 33.63 -30.71 2.45
CA VAL A 610 32.71 -31.45 1.60
C VAL A 610 32.64 -30.89 0.18
N ASN A 611 32.45 -29.59 0.08
CA ASN A 611 32.12 -28.94 -1.20
C ASN A 611 33.25 -28.11 -1.78
N SER A 612 33.21 -27.92 -3.09
CA SER A 612 34.13 -27.03 -3.78
C SER A 612 33.60 -25.60 -3.72
N PRO A 613 34.46 -24.60 -4.01
CA PRO A 613 33.99 -23.22 -3.98
C PRO A 613 33.07 -22.89 -5.15
N LYS A 614 32.16 -21.95 -4.95
CA LYS A 614 31.25 -21.52 -6.02
C LYS A 614 32.04 -20.83 -7.13
N THR A 615 31.75 -21.20 -8.38
CA THR A 615 32.39 -20.60 -9.54
C THR A 615 31.36 -20.15 -10.56
N PHE A 616 31.54 -18.93 -11.06
CA PHE A 616 30.63 -18.34 -12.03
C PHE A 616 31.35 -18.00 -13.33
N SER A 617 30.61 -17.98 -14.44
CA SER A 617 31.15 -17.47 -15.69
C SER A 617 31.31 -15.96 -15.56
N ILE A 618 32.54 -15.51 -15.39
CA ILE A 618 32.80 -14.12 -15.00
C ILE A 618 33.06 -13.21 -16.19
N GLY A 619 33.63 -13.76 -17.26
CA GLY A 619 33.90 -12.97 -18.46
C GLY A 619 34.63 -13.73 -19.54
N THR A 620 35.08 -13.01 -20.56
CA THR A 620 35.74 -13.60 -21.72
C THR A 620 37.25 -13.39 -21.74
N GLN A 621 37.96 -14.24 -22.49
CA GLN A 621 39.40 -14.14 -22.66
C GLN A 621 39.80 -14.81 -23.96
N GLU A 622 40.34 -14.02 -24.88
CA GLU A 622 40.64 -14.44 -26.24
C GLU A 622 39.56 -15.37 -26.81
N GLY A 623 38.30 -14.95 -26.66
CA GLY A 623 37.18 -15.65 -27.25
C GLY A 623 36.74 -16.92 -26.55
N LYS A 624 36.97 -16.98 -25.23
CA LYS A 624 36.56 -18.14 -24.44
C LYS A 624 36.21 -17.75 -23.00
N LEU A 625 35.32 -18.52 -22.38
CA LEU A 625 34.83 -18.22 -21.05
C LEU A 625 35.93 -18.23 -19.99
N VAL A 626 35.63 -17.66 -18.83
CA VAL A 626 36.54 -17.67 -17.69
C VAL A 626 35.74 -17.80 -16.39
N LYS A 627 36.22 -18.65 -15.49
CA LYS A 627 35.53 -18.93 -14.23
C LYS A 627 36.04 -18.05 -13.09
N GLY A 628 35.16 -17.19 -12.57
CA GLY A 628 35.48 -16.33 -11.46
C GLY A 628 34.83 -16.80 -10.18
N SER A 629 35.42 -16.44 -9.04
CA SER A 629 34.92 -16.88 -7.76
C SER A 629 33.69 -16.10 -7.32
N PHE A 630 33.07 -16.56 -6.23
CA PHE A 630 31.89 -15.93 -5.65
C PHE A 630 32.13 -14.45 -5.38
N GLY A 631 33.26 -14.16 -4.73
CA GLY A 631 33.62 -12.79 -4.41
C GLY A 631 33.70 -11.92 -5.64
N LYS A 632 34.27 -12.44 -6.71
CA LYS A 632 34.38 -11.70 -7.97
C LYS A 632 32.99 -11.46 -8.54
N ALA A 633 32.15 -12.49 -8.52
CA ALA A 633 30.79 -12.37 -9.01
C ALA A 633 30.01 -11.35 -8.20
N LEU A 634 30.32 -11.28 -6.89
CA LEU A 634 29.72 -10.27 -6.03
C LEU A 634 30.19 -8.87 -6.39
N ARG A 635 31.51 -8.71 -6.45
CA ARG A 635 32.13 -7.43 -6.75
C ARG A 635 31.71 -6.91 -8.13
N VAL A 636 31.51 -7.82 -9.08
CA VAL A 636 31.05 -7.45 -10.41
C VAL A 636 29.66 -6.82 -10.37
N ILE A 637 28.80 -7.40 -9.54
CA ILE A 637 27.45 -6.89 -9.38
C ILE A 637 27.48 -5.56 -8.63
N PHE A 638 28.30 -5.47 -7.59
CA PHE A 638 28.45 -4.22 -6.85
C PHE A 638 28.93 -3.10 -7.77
N THR A 639 29.96 -3.39 -8.55
CA THR A 639 30.47 -2.47 -9.54
C THR A 639 29.38 -2.06 -10.52
N LYS A 640 28.69 -3.04 -11.09
CA LYS A 640 27.57 -2.75 -11.99
C LYS A 640 26.56 -1.80 -11.34
N CYS A 641 26.19 -2.10 -10.09
CA CYS A 641 25.24 -1.28 -9.36
C CYS A 641 25.77 0.13 -9.13
N LEU A 642 27.08 0.24 -8.91
CA LEU A 642 27.69 1.56 -8.83
C LEU A 642 27.59 2.29 -10.16
N MET A 643 27.96 1.60 -11.24
CA MET A 643 27.95 2.19 -12.58
C MET A 643 26.54 2.60 -12.96
N HIS A 644 25.54 1.86 -12.47
CA HIS A 644 24.15 2.24 -12.67
C HIS A 644 23.90 3.65 -12.16
N TYR A 645 24.49 4.00 -11.03
CA TYR A 645 24.35 5.35 -10.50
C TYR A 645 25.22 6.33 -11.26
N VAL A 646 26.50 6.00 -11.36
CA VAL A 646 27.49 6.91 -11.95
C VAL A 646 27.15 7.30 -13.39
N PHE A 647 26.36 6.46 -14.07
CA PHE A 647 25.93 6.75 -15.44
C PHE A 647 24.41 6.69 -15.57
N GLY A 648 23.71 6.87 -14.45
CA GLY A 648 22.26 6.75 -14.43
C GLY A 648 21.54 7.90 -15.08
N ASN A 649 20.76 7.59 -16.11
CA ASN A 649 19.90 8.58 -16.77
C ASN A 649 18.82 7.91 -17.60
N ALA A 650 18.03 8.72 -18.30
CA ALA A 650 16.89 8.22 -19.08
C ALA A 650 17.28 7.14 -20.08
N GLN A 651 18.46 7.27 -20.68
CA GLN A 651 18.94 6.27 -21.62
C GLN A 651 19.10 4.91 -20.93
N LEU A 652 19.67 4.93 -19.73
CA LEU A 652 19.87 3.72 -18.96
C LEU A 652 18.54 3.10 -18.54
N GLU A 653 17.63 3.95 -18.09
CA GLU A 653 16.29 3.51 -17.71
C GLU A 653 15.59 2.83 -18.87
N GLY A 654 15.50 3.55 -19.98
CA GLY A 654 14.85 3.04 -21.18
C GLY A 654 15.49 1.76 -21.70
N PHE A 655 16.83 1.77 -21.78
CA PHE A 655 17.58 0.62 -22.25
C PHE A 655 17.35 -0.61 -21.37
N SER A 656 17.55 -0.44 -20.06
CA SER A 656 17.34 -1.52 -19.11
C SER A 656 15.91 -2.06 -19.22
N ALA A 657 14.94 -1.16 -19.04
CA ALA A 657 13.53 -1.54 -19.07
C ALA A 657 13.17 -2.29 -20.34
N GLU A 658 13.50 -1.72 -21.49
CA GLU A 658 13.12 -2.30 -22.77
C GLU A 658 13.92 -3.57 -23.10
N SER A 659 15.17 -3.63 -22.65
CA SER A 659 16.01 -4.80 -22.94
C SER A 659 15.68 -5.97 -22.03
N ARG A 660 15.21 -5.67 -20.83
CA ARG A 660 14.80 -6.68 -19.88
C ARG A 660 13.83 -7.68 -20.53
N ARG A 661 12.96 -7.18 -21.41
CA ARG A 661 12.02 -8.04 -22.12
C ARG A 661 12.76 -9.05 -22.97
N LEU A 662 13.68 -8.56 -23.79
CA LEU A 662 14.45 -9.41 -24.68
C LEU A 662 15.24 -10.42 -23.85
N LEU A 663 15.74 -9.97 -22.70
CA LEU A 663 16.36 -10.88 -21.74
C LEU A 663 15.42 -12.01 -21.37
N LEU A 664 14.24 -11.65 -20.89
CA LEU A 664 13.24 -12.63 -20.48
C LEU A 664 12.93 -13.61 -21.63
N LEU A 665 12.74 -13.09 -22.85
CA LEU A 665 12.56 -13.95 -24.01
C LEU A 665 13.71 -14.93 -24.18
N ILE A 666 14.94 -14.42 -24.13
CA ILE A 666 16.11 -15.28 -24.20
C ILE A 666 16.08 -16.35 -23.11
N GLN A 667 15.63 -15.99 -21.91
CA GLN A 667 15.46 -17.00 -20.86
C GLN A 667 14.44 -18.05 -21.25
N ALA A 668 13.29 -17.60 -21.77
CA ALA A 668 12.26 -18.51 -22.25
C ALA A 668 12.82 -19.48 -23.29
N LEU A 669 13.65 -18.97 -24.19
CA LEU A 669 14.33 -19.82 -25.16
C LEU A 669 15.30 -20.79 -24.50
N LYS A 670 16.07 -20.29 -23.53
CA LYS A 670 17.02 -21.14 -22.82
C LYS A 670 16.33 -22.29 -22.10
N ASP A 671 15.12 -22.03 -21.61
CA ASP A 671 14.34 -23.03 -20.89
C ASP A 671 13.50 -23.89 -21.83
N ARG A 672 13.55 -23.57 -23.13
CA ARG A 672 12.71 -24.23 -24.12
C ARG A 672 11.24 -24.16 -23.70
N LYS A 673 10.70 -22.94 -23.67
CA LYS A 673 9.30 -22.71 -23.35
C LYS A 673 8.57 -22.12 -24.54
N GLY A 674 9.08 -22.42 -25.74
CA GLY A 674 8.48 -21.99 -27.00
C GLY A 674 7.83 -20.63 -26.99
N PRO A 675 8.65 -19.57 -26.86
CA PRO A 675 8.14 -18.19 -26.76
C PRO A 675 7.78 -17.60 -28.12
N TRP A 676 6.66 -16.89 -28.17
CA TRP A 676 6.19 -16.24 -29.40
C TRP A 676 6.29 -14.72 -29.27
N VAL A 677 6.44 -14.05 -30.40
CA VAL A 677 6.56 -12.60 -30.44
C VAL A 677 5.58 -12.04 -31.47
N PHE A 678 5.15 -10.81 -31.27
CA PHE A 678 4.12 -10.21 -32.11
C PHE A 678 4.66 -9.09 -33.00
N ASP A 679 5.61 -8.33 -32.48
CA ASP A 679 6.27 -7.28 -33.26
C ASP A 679 7.67 -7.02 -32.70
N LEU A 680 8.60 -7.91 -33.06
CA LEU A 680 9.96 -7.86 -32.52
C LEU A 680 10.69 -6.57 -32.91
N GLU A 681 10.44 -6.11 -34.14
CA GLU A 681 11.01 -4.86 -34.61
C GLU A 681 10.61 -3.70 -33.69
N GLY A 682 9.46 -3.85 -33.04
CA GLY A 682 9.00 -2.88 -32.07
C GLY A 682 9.86 -2.89 -30.82
N MET A 683 10.11 -4.10 -30.30
CA MET A 683 11.02 -4.25 -29.16
C MET A 683 12.36 -3.62 -29.48
N TYR A 684 12.94 -4.06 -30.60
CA TYR A 684 14.23 -3.55 -31.03
C TYR A 684 14.23 -2.04 -31.16
N SER A 685 13.30 -1.52 -31.95
CA SER A 685 13.16 -0.07 -32.12
C SER A 685 13.00 0.64 -30.78
N GLY A 686 12.31 -0.02 -29.85
CA GLY A 686 12.14 0.50 -28.50
C GLY A 686 13.44 0.54 -27.75
N ILE A 687 14.24 -0.53 -27.86
CA ILE A 687 15.52 -0.59 -27.18
C ILE A 687 16.58 0.34 -27.78
N GLU A 688 16.78 0.25 -29.10
CA GLU A 688 17.92 0.85 -29.78
C GLU A 688 17.92 2.39 -29.79
N GLU A 689 16.76 3.00 -29.55
CA GLU A 689 16.69 4.45 -29.48
C GLU A 689 17.32 4.96 -28.17
N CYS A 690 17.52 4.04 -27.23
CA CYS A 690 18.10 4.39 -25.94
C CYS A 690 19.62 4.26 -25.94
N ILE A 691 20.20 3.91 -27.09
CA ILE A 691 21.64 3.78 -27.22
C ILE A 691 22.20 4.95 -28.03
N SER A 692 22.71 5.96 -27.34
CA SER A 692 23.22 7.16 -27.99
C SER A 692 24.61 7.55 -27.49
N ASN A 693 24.68 8.09 -26.27
CA ASN A 693 25.97 8.52 -25.72
C ASN A 693 26.10 8.25 -24.22
N ASN A 694 25.54 7.13 -23.78
CA ASN A 694 25.76 6.68 -22.40
C ASN A 694 26.74 5.50 -22.44
N PRO A 695 27.95 5.70 -21.87
CA PRO A 695 28.98 4.65 -21.88
C PRO A 695 28.49 3.28 -21.40
N TRP A 696 27.80 3.25 -20.27
CA TRP A 696 27.36 1.99 -19.69
C TRP A 696 26.30 1.30 -20.56
N VAL A 697 25.44 2.10 -21.18
CA VAL A 697 24.46 1.57 -22.14
C VAL A 697 25.18 0.97 -23.35
N ILE A 698 26.06 1.76 -23.94
CA ILE A 698 26.77 1.36 -25.15
C ILE A 698 27.65 0.14 -24.89
N GLN A 699 28.21 0.04 -23.68
CA GLN A 699 29.00 -1.13 -23.31
C GLN A 699 28.08 -2.32 -23.01
N SER A 700 26.98 -2.06 -22.31
CA SER A 700 26.03 -3.11 -21.96
C SER A 700 25.44 -3.75 -23.21
N ALA A 701 25.24 -2.94 -24.25
CA ALA A 701 24.78 -3.46 -25.54
C ALA A 701 25.81 -4.46 -26.10
N TYR A 702 27.08 -4.06 -26.08
CA TYR A 702 28.16 -4.90 -26.57
C TYR A 702 28.26 -6.20 -25.79
N TRP A 703 28.32 -6.07 -24.46
CA TRP A 703 28.30 -7.21 -23.56
C TRP A 703 27.10 -8.12 -23.82
N PHE A 704 25.93 -7.49 -24.01
CA PHE A 704 24.70 -8.20 -24.30
C PHE A 704 24.83 -9.00 -25.58
N ASN A 705 25.38 -8.39 -26.62
CA ASN A 705 25.61 -9.10 -27.87
C ASN A 705 26.64 -10.23 -27.73
N GLU A 706 27.69 -10.00 -26.95
CA GLU A 706 28.68 -11.04 -26.72
C GLU A 706 28.05 -12.25 -26.03
N TRP A 707 27.33 -11.97 -24.95
CA TRP A 707 26.60 -12.98 -24.20
C TRP A 707 25.61 -13.73 -25.11
N LEU A 708 24.74 -12.95 -25.76
CA LEU A 708 23.79 -13.49 -26.74
C LEU A 708 24.52 -14.35 -27.77
N GLY A 709 25.74 -13.96 -28.11
CA GLY A 709 26.57 -14.79 -28.96
C GLY A 709 26.92 -16.11 -28.31
N PHE A 710 27.46 -16.06 -27.09
CA PHE A 710 27.87 -17.27 -26.38
C PHE A 710 26.71 -18.22 -26.05
N GLU A 711 25.50 -17.68 -25.88
CA GLU A 711 24.32 -18.53 -25.63
C GLU A 711 23.95 -19.39 -26.84
N LYS A 712 24.06 -18.81 -28.03
CA LYS A 712 23.70 -19.50 -29.26
C LYS A 712 24.60 -20.71 -29.52
N GLU A 713 25.78 -20.71 -28.93
CA GLU A 713 26.65 -21.88 -29.00
C GLU A 713 26.13 -22.93 -28.03
N GLY A 714 25.53 -22.47 -26.94
CA GLY A 714 24.93 -23.36 -25.95
C GLY A 714 23.66 -24.00 -26.46
N SER A 715 22.86 -23.23 -27.18
CA SER A 715 21.63 -23.75 -27.79
C SER A 715 21.85 -24.98 -28.66
N LYS A 716 23.01 -25.03 -29.33
CA LYS A 716 23.33 -26.13 -30.22
C LYS A 716 23.37 -27.48 -29.49
N VAL A 717 23.52 -27.43 -28.17
CA VAL A 717 23.49 -28.64 -27.34
C VAL A 717 22.06 -29.16 -27.19
N LEU A 718 21.12 -28.24 -26.97
CA LEU A 718 19.73 -28.60 -26.73
C LEU A 718 18.96 -28.93 -28.00
N GLU A 719 19.29 -28.23 -29.08
CA GLU A 719 18.51 -28.31 -30.32
C GLU A 719 18.36 -29.72 -30.85
N SER A 720 19.33 -30.59 -30.54
CA SER A 720 19.33 -31.95 -31.06
C SER A 720 19.21 -33.00 -29.97
N VAL A 721 18.61 -32.63 -28.83
CA VAL A 721 18.36 -33.58 -27.76
C VAL A 721 17.15 -34.44 -28.10
N ASP A 722 17.21 -35.72 -27.73
CA ASP A 722 16.19 -36.70 -28.08
C ASP A 722 16.10 -36.89 -29.59
N GLU A 723 15.67 -35.87 -30.30
CA GLU A 723 15.55 -35.94 -31.75
C GLU A 723 16.92 -36.12 -32.40
N MET B 1 41.75 -10.37 -19.55
CA MET B 1 40.46 -11.06 -19.27
C MET B 1 39.33 -10.04 -19.10
N ASN B 2 38.47 -9.96 -20.11
CA ASN B 2 37.38 -8.99 -20.11
C ASN B 2 36.17 -9.48 -19.33
N ILE B 3 35.87 -8.80 -18.22
CA ILE B 3 34.71 -9.13 -17.41
C ILE B 3 33.41 -8.75 -18.12
N ASN B 4 32.40 -9.61 -17.97
CA ASN B 4 31.09 -9.37 -18.55
C ASN B 4 30.01 -9.70 -17.52
N PRO B 5 29.35 -8.66 -16.96
CA PRO B 5 28.37 -8.94 -15.90
C PRO B 5 27.15 -9.70 -16.37
N TYR B 6 26.91 -9.71 -17.68
CA TYR B 6 25.79 -10.46 -18.23
C TYR B 6 26.01 -11.97 -18.11
N PHE B 7 27.28 -12.39 -18.09
CA PHE B 7 27.61 -13.82 -18.07
C PHE B 7 27.12 -14.53 -16.82
N LEU B 8 26.80 -13.77 -15.77
CA LEU B 8 26.14 -14.33 -14.61
C LEU B 8 24.90 -15.10 -15.07
N PHE B 9 24.22 -14.54 -16.07
CA PHE B 9 22.99 -15.13 -16.58
C PHE B 9 23.23 -16.49 -17.24
N ILE B 10 24.50 -16.87 -17.41
CA ILE B 10 24.81 -18.22 -17.85
C ILE B 10 24.54 -19.18 -16.70
N ASP B 11 24.85 -18.74 -15.50
CA ASP B 11 24.74 -19.59 -14.30
C ASP B 11 23.36 -19.42 -13.65
N VAL B 12 23.04 -18.19 -13.27
CA VAL B 12 21.78 -17.90 -12.60
C VAL B 12 20.76 -17.39 -13.61
N PRO B 13 19.53 -17.96 -13.60
CA PRO B 13 18.55 -17.49 -14.59
C PRO B 13 18.07 -16.08 -14.31
N ILE B 14 17.49 -15.45 -15.33
CA ILE B 14 17.19 -14.02 -15.31
C ILE B 14 16.18 -13.63 -14.23
N GLN B 15 15.17 -14.45 -14.00
CA GLN B 15 14.23 -14.18 -12.91
C GLN B 15 14.91 -14.32 -11.56
N ALA B 16 15.78 -15.31 -11.43
CA ALA B 16 16.48 -15.58 -10.19
C ALA B 16 17.38 -14.41 -9.80
N ALA B 17 17.92 -13.73 -10.81
CA ALA B 17 18.78 -12.57 -10.60
C ALA B 17 18.22 -11.37 -11.35
N ILE B 18 16.94 -11.10 -11.15
CA ILE B 18 16.27 -10.02 -11.84
C ILE B 18 16.62 -8.67 -11.20
N SER B 19 16.96 -8.70 -9.92
CA SER B 19 17.30 -7.49 -9.18
C SER B 19 18.45 -6.72 -9.84
N THR B 20 19.33 -7.44 -10.53
CA THR B 20 20.51 -6.83 -11.14
C THR B 20 20.22 -6.15 -12.48
N THR B 21 18.98 -6.21 -12.93
CA THR B 21 18.58 -5.55 -14.18
C THR B 21 17.81 -4.27 -13.90
N PHE B 22 17.70 -3.90 -12.63
CA PHE B 22 17.03 -2.66 -12.23
C PHE B 22 18.04 -1.66 -11.64
N PRO B 23 18.26 -0.53 -12.35
CA PRO B 23 19.26 0.44 -11.91
C PRO B 23 18.67 1.46 -10.94
N TYR B 24 18.11 0.99 -9.83
CA TYR B 24 17.38 1.86 -8.92
C TYR B 24 18.30 2.54 -7.90
N THR B 25 19.59 2.28 -8.00
CA THR B 25 20.58 3.06 -7.26
C THR B 25 20.86 4.35 -8.02
N GLY B 26 20.49 4.37 -9.29
CA GLY B 26 20.69 5.52 -10.14
C GLY B 26 19.64 6.61 -9.94
N VAL B 27 19.72 7.63 -10.78
CA VAL B 27 18.81 8.77 -10.68
C VAL B 27 17.64 8.60 -11.65
N PRO B 28 16.41 8.92 -11.20
CA PRO B 28 15.26 8.88 -12.11
C PRO B 28 15.16 10.17 -12.93
N PRO B 29 14.65 10.09 -14.16
CA PRO B 29 14.60 11.29 -15.01
C PRO B 29 13.53 12.28 -14.57
N TYR B 30 13.90 13.56 -14.44
CA TYR B 30 12.96 14.62 -14.14
C TYR B 30 12.66 15.45 -15.38
N SER B 31 11.58 16.21 -15.34
CA SER B 31 11.21 17.07 -16.44
C SER B 31 11.96 18.39 -16.35
N HIS B 32 11.90 19.17 -17.43
CA HIS B 32 12.55 20.47 -17.48
C HIS B 32 11.68 21.46 -18.24
N GLY B 33 11.31 22.56 -17.59
CA GLY B 33 10.53 23.60 -18.24
C GLY B 33 9.09 23.21 -18.51
N THR B 34 8.62 23.52 -19.72
CA THR B 34 7.22 23.32 -20.08
C THR B 34 6.90 21.87 -20.44
N GLY B 35 5.62 21.52 -20.36
CA GLY B 35 5.13 20.22 -20.80
C GLY B 35 4.09 20.37 -21.89
N THR B 36 3.93 21.58 -22.38
CA THR B 36 2.92 21.90 -23.40
C THR B 36 3.05 20.99 -24.62
N GLY B 37 4.29 20.66 -25.00
CA GLY B 37 4.53 19.80 -26.13
C GLY B 37 3.97 18.41 -25.87
N TYR B 38 4.24 17.91 -24.67
CA TYR B 38 3.78 16.59 -24.28
C TYR B 38 2.25 16.54 -24.16
N THR B 39 1.65 17.63 -23.69
CA THR B 39 0.20 17.74 -23.61
C THR B 39 -0.40 17.75 -25.01
N ILE B 40 0.15 18.61 -25.87
CA ILE B 40 -0.32 18.72 -27.24
C ILE B 40 -0.19 17.38 -27.97
N ASP B 41 0.91 16.67 -27.73
CA ASP B 41 1.09 15.33 -28.27
C ASP B 41 -0.10 14.44 -27.95
N THR B 42 -0.47 14.42 -26.67
CA THR B 42 -1.60 13.65 -26.20
C THR B 42 -2.89 14.11 -26.87
N VAL B 43 -3.12 15.42 -26.91
CA VAL B 43 -4.30 15.95 -27.58
C VAL B 43 -4.38 15.53 -29.05
N ILE B 44 -3.26 15.58 -29.75
CA ILE B 44 -3.22 15.21 -31.17
C ILE B 44 -3.47 13.72 -31.35
N ARG B 45 -2.74 12.90 -30.59
CA ARG B 45 -2.86 11.45 -30.70
C ARG B 45 -4.24 10.95 -30.31
N THR B 46 -4.78 11.48 -29.22
CA THR B 46 -6.10 11.06 -28.73
C THR B 46 -7.15 11.22 -29.82
N HIS B 47 -7.05 12.30 -30.60
CA HIS B 47 -7.95 12.53 -31.72
C HIS B 47 -7.52 11.73 -32.94
N GLU B 48 -6.21 11.53 -33.08
CA GLU B 48 -5.66 10.74 -34.18
C GLU B 48 -6.25 9.33 -34.19
N TYR B 49 -6.58 8.83 -33.01
CA TYR B 49 -7.10 7.47 -32.85
C TYR B 49 -8.62 7.39 -33.00
N SER B 50 -9.25 8.54 -33.25
CA SER B 50 -10.71 8.59 -33.33
C SER B 50 -11.22 9.53 -34.42
N ASN B 51 -10.32 10.00 -35.27
CA ASN B 51 -10.68 11.02 -36.26
C ASN B 51 -11.60 10.50 -37.36
N LYS B 52 -11.76 9.18 -37.45
CA LYS B 52 -12.66 8.59 -38.43
C LYS B 52 -14.05 8.39 -37.84
N GLY B 53 -14.25 8.89 -36.63
CA GLY B 53 -15.54 8.83 -35.98
C GLY B 53 -16.46 9.94 -36.44
N LYS B 54 -17.19 10.54 -35.49
CA LYS B 54 -18.12 11.62 -35.79
C LYS B 54 -17.64 12.93 -35.18
N GLN B 55 -17.39 13.91 -36.04
CA GLN B 55 -17.04 15.26 -35.59
C GLN B 55 -18.29 16.11 -35.47
N TYR B 56 -18.42 16.84 -34.36
CA TYR B 56 -19.53 17.77 -34.20
C TYR B 56 -19.22 18.85 -33.18
N ILE B 57 -19.79 20.03 -33.41
CA ILE B 57 -19.59 21.19 -32.55
C ILE B 57 -20.58 21.18 -31.40
N SER B 58 -20.06 21.21 -30.17
CA SER B 58 -20.92 21.26 -28.98
C SER B 58 -21.60 22.61 -28.87
N ASP B 59 -22.93 22.60 -28.81
CA ASP B 59 -23.71 23.83 -28.77
C ASP B 59 -23.62 24.49 -27.39
N VAL B 60 -23.17 23.73 -26.40
CA VAL B 60 -23.03 24.26 -25.04
C VAL B 60 -21.73 25.05 -24.90
N THR B 61 -20.61 24.37 -25.13
CA THR B 61 -19.29 24.98 -24.96
C THR B 61 -18.84 25.74 -26.21
N GLY B 62 -19.20 25.21 -27.37
CA GLY B 62 -18.76 25.77 -28.63
C GLY B 62 -17.47 25.11 -29.09
N CYS B 63 -17.19 23.94 -28.53
CA CYS B 63 -15.94 23.22 -28.78
C CYS B 63 -16.09 22.14 -29.84
N THR B 64 -14.98 21.72 -30.42
CA THR B 64 -14.98 20.66 -31.43
C THR B 64 -14.92 19.28 -30.76
N MET B 65 -15.97 18.49 -30.98
CA MET B 65 -16.09 17.18 -30.35
C MET B 65 -15.92 16.07 -31.39
N VAL B 66 -15.25 15.00 -30.98
CA VAL B 66 -15.07 13.82 -31.82
C VAL B 66 -15.62 12.58 -31.10
N ASP B 67 -16.40 11.77 -31.82
CA ASP B 67 -17.05 10.61 -31.23
C ASP B 67 -16.72 9.32 -32.00
N PRO B 68 -15.87 8.45 -31.43
CA PRO B 68 -15.50 7.20 -32.11
C PRO B 68 -16.47 6.05 -31.85
N THR B 69 -17.10 6.04 -30.69
CA THR B 69 -17.98 4.94 -30.26
C THR B 69 -19.02 4.62 -31.33
N ASN B 70 -19.23 3.32 -31.56
CA ASN B 70 -20.11 2.84 -32.61
C ASN B 70 -19.71 3.41 -33.97
N GLY B 71 -18.40 3.58 -34.15
CA GLY B 71 -17.85 4.06 -35.41
C GLY B 71 -17.33 2.90 -36.24
N PRO B 72 -16.73 3.19 -37.40
CA PRO B 72 -16.22 2.14 -38.28
C PRO B 72 -15.06 1.38 -37.64
N LEU B 73 -15.11 0.05 -37.73
CA LEU B 73 -14.07 -0.78 -37.15
C LEU B 73 -12.73 -0.54 -37.85
N PRO B 74 -11.62 -0.77 -37.13
CA PRO B 74 -10.29 -0.56 -37.72
C PRO B 74 -9.94 -1.62 -38.76
N GLU B 75 -9.13 -1.23 -39.74
CA GLU B 75 -8.61 -2.17 -40.74
C GLU B 75 -7.09 -2.23 -40.63
N ASP B 76 -6.58 -1.95 -39.43
CA ASP B 76 -5.15 -1.93 -39.19
C ASP B 76 -4.86 -2.02 -37.70
N ASN B 77 -3.57 -2.09 -37.34
CA ASN B 77 -3.17 -2.27 -35.96
C ASN B 77 -2.83 -0.95 -35.26
N GLU B 78 -3.13 0.16 -35.92
CA GLU B 78 -3.00 1.47 -35.29
C GLU B 78 -4.02 1.57 -34.16
N PRO B 79 -3.60 2.05 -32.96
CA PRO B 79 -4.50 2.14 -31.80
C PRO B 79 -5.91 2.64 -32.13
N SER B 80 -6.89 1.75 -31.97
CA SER B 80 -8.28 2.07 -32.26
C SER B 80 -9.04 2.45 -31.01
N ALA B 81 -9.80 3.55 -31.10
CA ALA B 81 -10.67 3.98 -30.01
C ALA B 81 -12.12 3.73 -30.38
N TYR B 82 -12.32 3.11 -31.54
CA TYR B 82 -13.67 2.85 -32.04
C TYR B 82 -14.25 1.60 -31.36
N ALA B 83 -14.76 1.81 -30.14
CA ALA B 83 -15.39 0.73 -29.40
C ALA B 83 -16.83 0.54 -29.89
N GLN B 84 -17.37 -0.65 -29.66
CA GLN B 84 -18.74 -0.98 -30.06
C GLN B 84 -19.58 -1.23 -28.81
N LEU B 85 -20.57 -0.37 -28.60
CA LEU B 85 -21.42 -0.40 -27.41
C LEU B 85 -22.01 -1.78 -27.11
N ASP B 86 -22.63 -2.37 -28.13
CA ASP B 86 -23.25 -3.68 -28.00
C ASP B 86 -22.30 -4.70 -27.40
N CYS B 87 -21.08 -4.74 -27.92
CA CYS B 87 -20.08 -5.69 -27.45
C CYS B 87 -19.71 -5.45 -25.99
N VAL B 88 -19.63 -4.19 -25.61
CA VAL B 88 -19.37 -3.84 -24.21
C VAL B 88 -20.53 -4.32 -23.35
N LEU B 89 -21.74 -4.06 -23.82
CA LEU B 89 -22.94 -4.46 -23.09
C LEU B 89 -23.02 -5.98 -22.95
N GLU B 90 -22.61 -6.71 -24.00
CA GLU B 90 -22.58 -8.16 -23.94
C GLU B 90 -21.53 -8.63 -22.94
N ALA B 91 -20.33 -8.06 -23.06
CA ALA B 91 -19.23 -8.36 -22.14
C ALA B 91 -19.67 -8.11 -20.70
N LEU B 92 -20.48 -7.07 -20.51
CA LEU B 92 -21.05 -6.78 -19.19
C LEU B 92 -22.07 -7.83 -18.78
N ASP B 93 -22.99 -8.15 -19.69
CA ASP B 93 -24.03 -9.13 -19.45
C ASP B 93 -23.42 -10.47 -19.01
N ARG B 94 -22.34 -10.86 -19.67
CA ARG B 94 -21.61 -12.06 -19.30
C ARG B 94 -21.14 -11.99 -17.85
N MET B 95 -20.54 -10.86 -17.50
CA MET B 95 -20.00 -10.64 -16.17
C MET B 95 -21.12 -10.69 -15.13
N ASP B 96 -22.24 -10.06 -15.45
CA ASP B 96 -23.40 -10.05 -14.57
C ASP B 96 -23.98 -11.45 -14.43
N GLU B 97 -24.01 -12.19 -15.54
CA GLU B 97 -24.52 -13.55 -15.54
C GLU B 97 -23.63 -14.45 -14.69
N GLU B 98 -22.31 -14.27 -14.78
CA GLU B 98 -21.40 -15.09 -13.98
C GLU B 98 -21.18 -14.50 -12.58
N HIS B 99 -21.51 -13.23 -12.40
CA HIS B 99 -21.45 -12.59 -11.09
C HIS B 99 -22.75 -11.85 -10.78
N PRO B 100 -23.85 -12.60 -10.63
CA PRO B 100 -25.15 -11.98 -10.35
C PRO B 100 -25.25 -11.47 -8.93
N GLY B 101 -25.91 -10.33 -8.75
CA GLY B 101 -26.10 -9.74 -7.43
C GLY B 101 -25.05 -8.69 -7.12
N LEU B 102 -23.84 -8.90 -7.64
CA LEU B 102 -22.75 -7.98 -7.42
C LEU B 102 -23.06 -6.59 -7.97
N PHE B 103 -23.58 -6.55 -9.19
CA PHE B 103 -23.87 -5.29 -9.87
C PHE B 103 -24.77 -4.36 -9.05
N GLN B 104 -25.81 -4.91 -8.45
CA GLN B 104 -26.76 -4.10 -7.68
C GLN B 104 -26.27 -3.91 -6.24
N ALA B 105 -25.63 -4.94 -5.70
CA ALA B 105 -25.12 -4.89 -4.33
C ALA B 105 -24.08 -3.80 -4.18
N ALA B 106 -23.13 -3.78 -5.12
CA ALA B 106 -22.09 -2.76 -5.12
C ALA B 106 -22.71 -1.38 -5.23
N SER B 107 -23.72 -1.25 -6.08
CA SER B 107 -24.40 0.02 -6.29
C SER B 107 -25.11 0.46 -5.00
N GLN B 108 -25.74 -0.49 -4.32
CA GLN B 108 -26.41 -0.19 -3.06
C GLN B 108 -25.40 0.22 -1.99
N ASN B 109 -24.27 -0.49 -1.92
CA ASN B 109 -23.21 -0.13 -0.99
C ASN B 109 -22.68 1.26 -1.27
N ALA B 110 -22.40 1.53 -2.55
CA ALA B 110 -21.89 2.83 -2.98
C ALA B 110 -22.91 3.93 -2.70
N MET B 111 -24.19 3.62 -2.90
CA MET B 111 -25.26 4.57 -2.65
C MET B 111 -25.37 4.87 -1.15
N GLU B 112 -25.41 3.81 -0.34
CA GLU B 112 -25.51 3.96 1.11
C GLU B 112 -24.26 4.61 1.67
N THR B 113 -23.13 4.44 0.99
CA THR B 113 -21.92 5.17 1.34
C THR B 113 -22.08 6.66 1.01
N LEU B 114 -22.48 6.93 -0.23
CA LEU B 114 -22.70 8.29 -0.71
C LEU B 114 -23.59 9.09 0.22
N MET B 115 -24.72 8.51 0.59
CA MET B 115 -25.67 9.14 1.48
C MET B 115 -25.03 9.60 2.79
N VAL B 116 -24.06 8.84 3.28
CA VAL B 116 -23.37 9.16 4.52
C VAL B 116 -22.20 10.12 4.27
N THR B 117 -21.66 10.09 3.06
CA THR B 117 -20.48 10.89 2.73
C THR B 117 -20.75 12.39 2.86
N THR B 118 -19.91 13.06 3.65
CA THR B 118 -20.02 14.50 3.86
C THR B 118 -19.17 15.27 2.85
N VAL B 119 -19.12 16.59 3.00
CA VAL B 119 -18.35 17.44 2.08
C VAL B 119 -16.85 17.39 2.35
N ASP B 120 -16.48 17.38 3.63
CA ASP B 120 -15.08 17.42 4.04
C ASP B 120 -14.26 16.30 3.38
N LYS B 121 -14.95 15.23 2.99
CA LYS B 121 -14.35 14.12 2.25
C LYS B 121 -13.47 14.59 1.08
N LEU B 122 -13.84 15.71 0.48
CA LEU B 122 -13.13 16.21 -0.69
C LEU B 122 -11.76 16.78 -0.37
N THR B 123 -11.49 17.03 0.90
CA THR B 123 -10.23 17.69 1.29
C THR B 123 -9.00 16.80 1.11
N GLN B 124 -9.22 15.50 0.90
CA GLN B 124 -8.11 14.55 0.79
C GLN B 124 -7.86 14.15 -0.67
N GLY B 125 -7.91 15.13 -1.56
CA GLY B 125 -7.66 14.90 -2.98
C GLY B 125 -6.34 15.47 -3.44
N ARG B 126 -5.50 15.89 -2.49
CA ARG B 126 -4.20 16.49 -2.80
C ARG B 126 -4.33 17.72 -3.71
N GLN B 127 -3.66 17.70 -4.87
CA GLN B 127 -3.66 18.85 -5.78
C GLN B 127 -4.94 18.92 -6.59
N THR B 128 -5.62 20.06 -6.53
CA THR B 128 -6.89 20.25 -7.21
C THR B 128 -6.90 21.56 -8.00
N PHE B 129 -7.48 21.52 -9.19
CA PHE B 129 -7.58 22.69 -10.04
C PHE B 129 -8.63 23.67 -9.50
N ASP B 130 -8.17 24.81 -8.99
CA ASP B 130 -9.05 25.83 -8.47
C ASP B 130 -9.56 26.71 -9.61
N TRP B 131 -10.86 26.68 -9.86
CA TRP B 131 -11.44 27.35 -11.01
C TRP B 131 -11.56 28.86 -10.79
N THR B 132 -11.49 29.29 -9.53
CA THR B 132 -11.59 30.71 -9.21
C THR B 132 -10.32 31.47 -9.57
N VAL B 133 -9.17 30.86 -9.31
CA VAL B 133 -7.88 31.48 -9.58
C VAL B 133 -7.17 30.80 -10.76
N CYS B 134 -7.77 29.73 -11.27
CA CYS B 134 -7.21 28.97 -12.39
C CYS B 134 -5.78 28.52 -12.09
N ARG B 135 -5.59 27.89 -10.94
CA ARG B 135 -4.30 27.34 -10.55
C ARG B 135 -4.49 26.06 -9.74
N ASN B 136 -3.47 25.21 -9.74
CA ASN B 136 -3.47 24.03 -8.88
C ASN B 136 -3.25 24.43 -7.43
N GLN B 137 -4.22 24.10 -6.59
CA GLN B 137 -4.20 24.46 -5.18
C GLN B 137 -4.41 23.23 -4.32
N PRO B 138 -4.15 23.35 -3.01
CA PRO B 138 -4.55 22.30 -2.07
C PRO B 138 -6.06 22.05 -2.13
N ALA B 139 -6.47 20.78 -2.11
CA ALA B 139 -7.88 20.42 -2.24
C ALA B 139 -8.76 21.17 -1.25
N ALA B 140 -8.28 21.32 -0.03
CA ALA B 140 -9.03 22.00 1.02
C ALA B 140 -9.29 23.46 0.65
N THR B 141 -8.26 24.13 0.15
CA THR B 141 -8.37 25.51 -0.26
C THR B 141 -9.26 25.62 -1.50
N ALA B 142 -9.02 24.74 -2.46
CA ALA B 142 -9.80 24.71 -3.70
C ALA B 142 -11.27 24.46 -3.40
N LEU B 143 -11.54 23.67 -2.37
CA LEU B 143 -12.90 23.42 -1.92
C LEU B 143 -13.47 24.66 -1.23
N ASN B 144 -12.72 25.18 -0.27
CA ASN B 144 -13.15 26.34 0.50
C ASN B 144 -13.50 27.53 -0.38
N THR B 145 -12.65 27.79 -1.37
CA THR B 145 -12.91 28.87 -2.32
C THR B 145 -14.20 28.61 -3.08
N THR B 146 -14.42 27.36 -3.45
CA THR B 146 -15.60 26.97 -4.20
C THR B 146 -16.87 27.12 -3.37
N ILE B 147 -16.78 26.78 -2.08
CA ILE B 147 -17.91 26.96 -1.17
C ILE B 147 -18.19 28.45 -0.96
N THR B 148 -17.17 29.20 -0.59
CA THR B 148 -17.31 30.64 -0.38
C THR B 148 -17.82 31.31 -1.64
N SER B 149 -17.40 30.82 -2.79
CA SER B 149 -17.89 31.32 -4.08
C SER B 149 -19.35 30.96 -4.28
N PHE B 150 -19.68 29.69 -4.06
CA PHE B 150 -21.05 29.23 -4.19
C PHE B 150 -21.99 30.02 -3.29
N ARG B 151 -21.53 30.37 -2.10
CA ARG B 151 -22.33 31.15 -1.16
C ARG B 151 -22.78 32.49 -1.75
N LEU B 152 -21.95 33.07 -2.61
CA LEU B 152 -22.28 34.34 -3.24
C LEU B 152 -23.34 34.19 -4.32
N ASN B 153 -23.49 32.96 -4.83
CA ASN B 153 -24.51 32.66 -5.84
C ASN B 153 -25.72 31.98 -5.21
N ASP B 154 -25.86 32.13 -3.90
CA ASP B 154 -27.00 31.59 -3.15
C ASP B 154 -27.08 30.06 -3.31
N LEU B 155 -25.97 29.39 -3.02
CA LEU B 155 -25.89 27.94 -3.06
C LEU B 155 -25.27 27.42 -1.77
N ASN B 156 -26.10 27.03 -0.81
CA ASN B 156 -25.64 26.67 0.53
C ASN B 156 -25.74 25.18 0.82
N GLY B 157 -25.60 24.35 -0.20
CA GLY B 157 -25.68 22.91 -0.03
C GLY B 157 -24.66 22.40 0.97
N ALA B 158 -23.48 23.01 0.98
CA ALA B 158 -22.40 22.62 1.88
C ALA B 158 -22.81 22.76 3.35
N ASP B 159 -23.64 23.76 3.63
CA ASP B 159 -24.05 24.03 5.01
C ASP B 159 -24.82 22.86 5.62
N LYS B 160 -25.41 22.04 4.77
CA LYS B 160 -26.14 20.86 5.23
C LYS B 160 -25.17 19.77 5.67
N GLY B 161 -23.99 19.76 5.07
CA GLY B 161 -22.93 18.85 5.46
C GLY B 161 -22.74 17.68 4.50
N GLY B 162 -23.84 17.17 3.97
CA GLY B 162 -23.78 16.02 3.08
C GLY B 162 -23.22 16.37 1.71
N LEU B 163 -22.78 15.34 0.98
CA LEU B 163 -22.18 15.51 -0.34
C LEU B 163 -23.24 15.79 -1.41
N ILE B 164 -24.38 15.11 -1.27
CA ILE B 164 -25.47 15.20 -2.25
C ILE B 164 -25.92 16.64 -2.53
N PRO B 165 -26.23 17.42 -1.48
CA PRO B 165 -26.63 18.81 -1.74
C PRO B 165 -25.54 19.62 -2.42
N PHE B 166 -24.29 19.34 -2.08
CA PHE B 166 -23.14 20.01 -2.69
C PHE B 166 -23.08 19.68 -4.18
N CYS B 167 -23.13 18.40 -4.50
CA CYS B 167 -23.14 17.95 -5.90
C CYS B 167 -24.32 18.56 -6.64
N GLN B 168 -25.47 18.61 -5.97
CA GLN B 168 -26.65 19.26 -6.53
C GLN B 168 -26.33 20.71 -6.87
N ASP B 169 -25.75 21.42 -5.91
CA ASP B 169 -25.32 22.80 -6.14
C ASP B 169 -24.32 22.89 -7.28
N ILE B 170 -23.46 21.88 -7.41
CA ILE B 170 -22.51 21.85 -8.51
C ILE B 170 -23.22 21.76 -9.86
N ILE B 171 -24.09 20.76 -10.04
CA ILE B 171 -24.78 20.66 -11.32
C ILE B 171 -25.75 21.82 -11.52
N ASP B 172 -26.21 22.41 -10.43
CA ASP B 172 -27.08 23.60 -10.51
C ASP B 172 -26.30 24.84 -10.93
N SER B 173 -25.08 24.98 -10.43
CA SER B 173 -24.26 26.14 -10.72
C SER B 173 -23.97 26.27 -12.22
N LEU B 174 -24.16 25.18 -12.95
CA LEU B 174 -23.98 25.22 -14.40
C LEU B 174 -25.07 26.05 -15.06
N ASP B 175 -26.25 26.10 -14.42
CA ASP B 175 -27.39 26.81 -14.98
C ASP B 175 -27.32 28.31 -14.71
N ARG B 176 -26.54 28.70 -13.71
CA ARG B 176 -26.37 30.11 -13.36
C ARG B 176 -25.89 30.92 -14.56
N PRO B 177 -26.57 32.06 -14.84
CA PRO B 177 -26.17 32.87 -16.00
C PRO B 177 -24.83 33.58 -15.82
N GLU B 178 -24.57 34.07 -14.62
CA GLU B 178 -23.30 34.70 -14.29
C GLU B 178 -22.82 34.25 -12.93
N MET B 179 -21.67 33.57 -12.89
CA MET B 179 -21.12 33.05 -11.65
C MET B 179 -20.21 34.08 -11.01
N THR B 180 -20.54 34.46 -9.78
CA THR B 180 -19.77 35.42 -9.02
C THR B 180 -18.80 34.72 -8.09
N PHE B 181 -17.64 35.32 -7.86
CA PHE B 181 -16.64 34.74 -6.98
C PHE B 181 -15.71 35.81 -6.43
N PHE B 182 -15.08 35.52 -5.30
CA PHE B 182 -14.18 36.48 -4.65
C PHE B 182 -12.83 36.57 -5.35
N SER B 183 -12.26 37.77 -5.32
CA SER B 183 -10.88 37.99 -5.74
C SER B 183 -10.29 39.11 -4.89
N VAL B 184 -9.13 38.84 -4.29
CA VAL B 184 -8.56 39.76 -3.31
C VAL B 184 -7.72 40.86 -3.97
N LYS B 185 -7.85 42.08 -3.45
CA LYS B 185 -7.05 43.22 -3.91
C LYS B 185 -6.68 44.10 -2.73
N ASN B 186 -5.52 44.75 -2.81
CA ASN B 186 -4.92 45.42 -1.66
C ASN B 186 -5.38 46.86 -1.45
N ILE B 187 -5.24 47.33 -0.21
CA ILE B 187 -5.57 48.70 0.15
C ILE B 187 -4.55 49.26 1.13
N LYS B 188 -4.05 50.47 0.84
CA LYS B 188 -3.19 51.18 1.77
C LYS B 188 -4.02 51.77 2.92
N LYS B 189 -3.49 51.68 4.14
CA LYS B 189 -4.12 52.34 5.28
C LYS B 189 -3.05 52.86 6.23
N LYS B 190 -3.17 54.13 6.61
CA LYS B 190 -2.24 54.75 7.55
C LYS B 190 -2.49 54.26 8.96
N LEU B 191 -1.67 53.32 9.43
CA LEU B 191 -1.74 52.87 10.81
C LEU B 191 -0.84 53.76 11.65
N PRO B 192 -1.25 54.04 12.89
CA PRO B 192 -0.45 54.94 13.73
C PRO B 192 0.94 54.37 13.99
N ALA B 193 1.95 55.23 14.10
CA ALA B 193 3.31 54.76 14.29
C ALA B 193 4.18 55.79 15.02
N LYS B 194 5.26 55.29 15.60
CA LYS B 194 6.27 56.13 16.25
C LYS B 194 7.48 56.22 15.33
N ASN B 195 7.31 56.94 14.23
CA ASN B 195 8.19 56.80 13.08
C ASN B 195 8.54 58.12 12.41
N ARG B 196 9.08 59.05 13.19
CA ARG B 196 9.32 60.43 12.70
C ARG B 196 8.01 60.96 12.15
N LYS B 197 7.64 60.48 10.96
CA LYS B 197 6.29 60.71 10.45
C LYS B 197 5.37 59.73 11.15
N GLY B 198 4.49 60.25 12.00
CA GLY B 198 3.70 59.42 12.90
C GLY B 198 2.68 58.52 12.23
N PHE B 199 3.12 57.67 11.30
CA PHE B 199 2.21 56.73 10.64
C PHE B 199 2.98 55.70 9.82
N LEU B 200 2.27 54.63 9.44
CA LEU B 200 2.83 53.60 8.58
C LEU B 200 1.79 53.07 7.60
N ILE B 201 2.22 52.83 6.37
CA ILE B 201 1.34 52.29 5.34
C ILE B 201 1.51 50.78 5.23
N LYS B 202 0.49 50.05 5.63
CA LYS B 202 0.44 48.60 5.44
C LYS B 202 -0.69 48.26 4.49
N ARG B 203 -0.38 47.48 3.46
CA ARG B 203 -1.36 47.15 2.43
C ARG B 203 -2.35 46.09 2.92
N ILE B 204 -3.48 46.54 3.44
CA ILE B 204 -4.52 45.64 3.93
C ILE B 204 -5.27 45.04 2.74
N PRO B 205 -5.35 43.71 2.68
CA PRO B 205 -6.09 43.11 1.56
C PRO B 205 -7.59 43.13 1.78
N MET B 206 -8.35 43.22 0.70
CA MET B 206 -9.80 43.16 0.79
C MET B 206 -10.39 42.37 -0.38
N LYS B 207 -11.48 41.67 -0.13
CA LYS B 207 -12.09 40.81 -1.13
C LYS B 207 -13.01 41.58 -2.06
N VAL B 208 -12.95 41.25 -3.35
CA VAL B 208 -13.75 41.91 -4.37
C VAL B 208 -14.59 40.87 -5.12
N LYS B 209 -15.84 41.21 -5.39
CA LYS B 209 -16.72 40.33 -6.14
C LYS B 209 -16.43 40.43 -7.63
N ASP B 210 -16.21 39.28 -8.26
CA ASP B 210 -15.86 39.20 -9.68
C ASP B 210 -16.79 38.22 -10.37
N LYS B 211 -17.15 38.52 -11.62
CA LYS B 211 -18.15 37.73 -12.36
C LYS B 211 -17.57 36.96 -13.53
N ILE B 212 -18.15 35.80 -13.81
CA ILE B 212 -17.84 35.03 -15.01
C ILE B 212 -19.14 34.61 -15.69
N THR B 213 -19.19 34.69 -17.01
CA THR B 213 -20.38 34.32 -17.75
C THR B 213 -20.55 32.80 -17.79
N LYS B 214 -21.81 32.37 -17.86
CA LYS B 214 -22.19 30.95 -17.85
C LYS B 214 -21.25 30.05 -18.63
N VAL B 215 -21.03 30.37 -19.90
CA VAL B 215 -20.19 29.57 -20.78
C VAL B 215 -18.75 29.51 -20.27
N GLU B 216 -18.19 30.67 -19.96
CA GLU B 216 -16.80 30.73 -19.48
C GLU B 216 -16.64 29.99 -18.16
N TYR B 217 -17.71 29.93 -17.37
CA TYR B 217 -17.68 29.17 -16.12
C TYR B 217 -17.72 27.67 -16.41
N ILE B 218 -18.68 27.27 -17.24
CA ILE B 218 -18.83 25.88 -17.64
C ILE B 218 -17.53 25.35 -18.24
N LYS B 219 -16.87 26.20 -19.03
CA LYS B 219 -15.61 25.81 -19.65
C LYS B 219 -14.53 25.51 -18.59
N ARG B 220 -14.51 26.31 -17.53
CA ARG B 220 -13.57 26.10 -16.43
C ARG B 220 -13.95 24.86 -15.63
N ALA B 221 -15.25 24.70 -15.41
CA ALA B 221 -15.76 23.55 -14.66
C ALA B 221 -15.42 22.25 -15.38
N LEU B 222 -15.32 22.33 -16.71
CA LEU B 222 -15.00 21.17 -17.55
C LEU B 222 -13.49 21.04 -17.82
N SER B 223 -12.71 21.97 -17.31
CA SER B 223 -11.28 22.02 -17.63
C SER B 223 -10.44 21.11 -16.74
N LEU B 224 -9.36 20.60 -17.32
CA LEU B 224 -8.39 19.79 -16.60
C LEU B 224 -6.99 20.37 -16.79
N ASN B 225 -6.24 20.52 -15.69
CA ASN B 225 -4.91 21.08 -15.76
C ASN B 225 -3.93 19.99 -16.19
N THR B 226 -2.73 20.39 -16.64
CA THR B 226 -1.74 19.42 -17.13
C THR B 226 -0.32 19.75 -16.69
N MET B 227 0.51 18.72 -16.56
CA MET B 227 1.91 18.89 -16.17
C MET B 227 2.73 17.63 -16.46
N THR B 228 4.01 17.82 -16.76
CA THR B 228 4.89 16.70 -17.06
C THR B 228 5.12 15.84 -15.83
N LYS B 229 5.15 14.52 -16.02
CA LYS B 229 5.36 13.60 -14.90
C LYS B 229 6.84 13.39 -14.61
N ASP B 230 7.26 13.76 -13.41
CA ASP B 230 8.65 13.67 -13.01
C ASP B 230 8.99 12.32 -12.39
N ALA B 231 10.27 11.96 -12.50
CA ALA B 231 10.81 10.79 -11.81
C ALA B 231 10.18 9.47 -12.26
N GLU B 232 9.60 9.45 -13.46
CA GLU B 232 9.01 8.23 -13.99
C GLU B 232 10.11 7.26 -14.42
N ARG B 233 10.17 6.10 -13.77
CA ARG B 233 11.25 5.15 -14.00
C ARG B 233 11.08 4.36 -15.30
N GLY B 234 12.15 3.69 -15.71
CA GLY B 234 12.13 2.77 -16.83
C GLY B 234 11.57 3.32 -18.13
N LYS B 235 11.80 4.60 -18.38
CA LYS B 235 11.37 5.21 -19.63
C LYS B 235 12.31 6.33 -20.08
N LEU B 236 12.52 6.39 -21.39
CA LEU B 236 13.39 7.39 -21.98
C LEU B 236 12.73 8.76 -22.00
N LYS B 237 11.71 8.89 -22.84
CA LYS B 237 11.03 10.17 -23.04
C LYS B 237 9.97 10.42 -21.97
N ARG B 238 9.73 11.70 -21.68
CA ARG B 238 8.76 12.09 -20.66
C ARG B 238 7.35 12.16 -21.23
N ARG B 239 6.37 12.34 -20.37
CA ARG B 239 4.98 12.45 -20.80
C ARG B 239 4.14 13.25 -19.81
N ALA B 240 2.93 13.60 -20.22
CA ALA B 240 2.09 14.52 -19.45
C ALA B 240 1.06 13.80 -18.59
N ILE B 241 0.69 14.45 -17.48
CA ILE B 241 -0.38 13.98 -16.60
C ILE B 241 -1.27 15.16 -16.23
N ALA B 242 -2.53 14.88 -15.88
CA ALA B 242 -3.51 15.93 -15.68
C ALA B 242 -4.02 16.04 -14.25
N THR B 243 -4.68 17.14 -13.95
CA THR B 243 -5.28 17.37 -12.64
C THR B 243 -6.69 17.93 -12.81
N ALA B 244 -7.62 17.43 -11.99
CA ALA B 244 -9.04 17.73 -12.16
C ALA B 244 -9.53 18.82 -11.23
N GLY B 245 -10.71 19.35 -11.54
CA GLY B 245 -11.33 20.41 -10.75
C GLY B 245 -12.04 19.85 -9.55
N ILE B 246 -12.66 20.74 -8.77
CA ILE B 246 -13.33 20.35 -7.54
C ILE B 246 -14.70 19.75 -7.84
N GLN B 247 -15.29 20.17 -8.95
CA GLN B 247 -16.64 19.74 -9.31
C GLN B 247 -16.75 18.23 -9.50
N ILE B 248 -15.84 17.66 -10.29
CA ILE B 248 -15.97 16.28 -10.74
C ILE B 248 -15.56 15.26 -9.67
N ARG B 249 -14.79 15.72 -8.68
CA ARG B 249 -14.28 14.84 -7.62
C ARG B 249 -15.37 14.02 -6.93
N GLY B 250 -16.43 14.68 -6.48
CA GLY B 250 -17.52 14.02 -5.81
C GLY B 250 -18.18 12.97 -6.69
N PHE B 251 -18.28 13.26 -7.97
CA PHE B 251 -18.94 12.36 -8.92
C PHE B 251 -18.03 11.20 -9.29
N VAL B 252 -16.72 11.43 -9.33
CA VAL B 252 -15.78 10.34 -9.59
C VAL B 252 -15.68 9.41 -8.40
N LEU B 253 -15.62 9.97 -7.19
CA LEU B 253 -15.53 9.18 -5.96
C LEU B 253 -16.55 8.05 -5.93
N VAL B 254 -17.81 8.39 -6.23
CA VAL B 254 -18.88 7.41 -6.23
C VAL B 254 -18.65 6.33 -7.28
N VAL B 255 -18.30 6.74 -8.49
CA VAL B 255 -18.08 5.80 -9.59
C VAL B 255 -16.92 4.84 -9.28
N GLU B 256 -15.85 5.38 -8.71
CA GLU B 256 -14.70 4.55 -8.35
C GLU B 256 -15.02 3.69 -7.15
N ASN B 257 -15.85 4.20 -6.23
CA ASN B 257 -16.31 3.40 -5.10
C ASN B 257 -17.13 2.23 -5.58
N LEU B 258 -18.00 2.49 -6.56
CA LEU B 258 -18.80 1.45 -7.18
C LEU B 258 -17.90 0.43 -7.88
N ALA B 259 -17.01 0.92 -8.73
CA ALA B 259 -16.08 0.07 -9.46
C ALA B 259 -15.19 -0.71 -8.51
N LYS B 260 -14.88 -0.11 -7.35
CA LYS B 260 -14.11 -0.80 -6.32
C LYS B 260 -14.95 -1.94 -5.73
N ASN B 261 -16.16 -1.60 -5.31
CA ASN B 261 -17.08 -2.59 -4.74
C ASN B 261 -17.32 -3.75 -5.69
N ILE B 262 -17.33 -3.47 -6.99
CA ILE B 262 -17.38 -4.52 -8.00
C ILE B 262 -16.07 -5.32 -8.03
N CYS B 263 -14.97 -4.62 -8.32
CA CYS B 263 -13.66 -5.24 -8.48
C CYS B 263 -13.25 -6.14 -7.31
N GLU B 264 -13.58 -5.71 -6.10
CA GLU B 264 -13.26 -6.49 -4.90
C GLU B 264 -13.73 -7.94 -5.00
N ASN B 265 -14.89 -8.14 -5.62
CA ASN B 265 -15.51 -9.47 -5.69
C ASN B 265 -15.13 -10.24 -6.97
N LEU B 266 -14.40 -9.59 -7.87
CA LEU B 266 -13.91 -10.27 -9.07
C LEU B 266 -12.61 -11.03 -8.75
N GLU B 267 -12.43 -12.16 -9.41
CA GLU B 267 -11.26 -13.02 -9.15
C GLU B 267 -10.15 -12.78 -10.16
N GLN B 268 -10.48 -12.06 -11.24
CA GLN B 268 -9.51 -11.78 -12.29
C GLN B 268 -9.22 -10.29 -12.38
N SER B 269 -9.41 -9.58 -11.26
CA SER B 269 -9.02 -8.18 -11.14
C SER B 269 -7.95 -8.03 -10.06
N GLY B 270 -6.85 -7.38 -10.41
CA GLY B 270 -5.77 -7.13 -9.46
C GLY B 270 -5.85 -5.73 -8.90
N LEU B 271 -7.01 -5.39 -8.35
CA LEU B 271 -7.26 -4.04 -7.86
C LEU B 271 -8.54 -4.04 -7.00
N PRO B 272 -8.48 -3.47 -5.78
CA PRO B 272 -7.36 -2.85 -5.06
C PRO B 272 -6.59 -3.88 -4.22
N VAL B 273 -6.04 -4.88 -4.90
CA VAL B 273 -5.32 -5.95 -4.23
C VAL B 273 -3.91 -5.51 -3.86
N GLY B 274 -3.55 -5.66 -2.59
CA GLY B 274 -2.22 -5.34 -2.13
C GLY B 274 -1.18 -6.21 -2.81
N GLY B 275 0.00 -5.65 -3.05
CA GLY B 275 1.05 -6.34 -3.78
C GLY B 275 1.36 -7.72 -3.23
N ASN B 276 1.23 -7.87 -1.92
CA ASN B 276 1.47 -9.15 -1.28
C ASN B 276 0.37 -10.15 -1.63
N GLU B 277 -0.85 -9.66 -1.69
CA GLU B 277 -2.01 -10.48 -2.00
C GLU B 277 -2.11 -10.79 -3.50
N LYS B 278 -1.55 -9.91 -4.32
CA LYS B 278 -1.57 -10.11 -5.77
C LYS B 278 -0.90 -11.42 -6.16
N LYS B 279 0.10 -11.81 -5.37
CA LYS B 279 0.76 -13.10 -5.58
C LYS B 279 -0.18 -14.22 -5.18
N ALA B 280 -0.85 -14.05 -4.03
CA ALA B 280 -1.81 -15.02 -3.55
C ALA B 280 -2.89 -15.25 -4.60
N LYS B 281 -3.27 -14.18 -5.30
CA LYS B 281 -4.20 -14.30 -6.43
C LYS B 281 -3.55 -14.98 -7.63
N LEU B 282 -2.41 -14.44 -8.06
CA LEU B 282 -1.78 -14.87 -9.30
C LEU B 282 -1.32 -16.33 -9.29
N SER B 283 -0.54 -16.71 -8.28
CA SER B 283 -0.02 -18.08 -8.20
C SER B 283 -1.14 -19.11 -8.20
N ASN B 284 -2.23 -18.80 -7.52
CA ASN B 284 -3.40 -19.66 -7.50
C ASN B 284 -4.07 -19.68 -8.88
N ALA B 285 -4.28 -18.50 -9.45
CA ALA B 285 -4.85 -18.38 -10.78
C ALA B 285 -4.04 -19.16 -11.81
N VAL B 286 -2.73 -19.23 -11.60
CA VAL B 286 -1.86 -20.05 -12.44
C VAL B 286 -2.06 -21.53 -12.13
N ALA B 287 -2.03 -21.85 -10.83
CA ALA B 287 -2.22 -23.23 -10.38
C ALA B 287 -3.48 -23.85 -10.96
N LYS B 288 -4.54 -23.05 -11.04
CA LYS B 288 -5.79 -23.50 -11.66
C LYS B 288 -5.59 -23.82 -13.13
N MET B 289 -4.97 -22.90 -13.87
CA MET B 289 -4.80 -23.06 -15.31
C MET B 289 -3.81 -24.18 -15.63
N LEU B 290 -2.89 -24.46 -14.71
CA LEU B 290 -1.94 -25.56 -14.91
C LEU B 290 -2.67 -26.91 -14.96
N SER B 291 -3.32 -27.28 -13.86
CA SER B 291 -4.04 -28.54 -13.80
C SER B 291 -5.47 -28.36 -14.34
N ASN B 292 -5.58 -28.18 -15.65
CA ASN B 292 -6.87 -28.06 -16.30
C ASN B 292 -6.95 -28.92 -17.56
N CYS B 293 -5.89 -28.88 -18.37
CA CYS B 293 -5.81 -29.74 -19.55
C CYS B 293 -4.52 -30.55 -19.55
N PRO B 294 -4.56 -31.77 -18.97
CA PRO B 294 -3.43 -32.69 -18.96
C PRO B 294 -3.00 -33.21 -20.35
N PRO B 295 -3.95 -33.66 -21.18
CA PRO B 295 -3.54 -34.34 -22.41
C PRO B 295 -2.97 -33.41 -23.47
N GLY B 296 -1.66 -33.24 -23.47
CA GLY B 296 -0.98 -32.40 -24.43
C GLY B 296 -1.50 -30.96 -24.41
N GLY B 297 -2.17 -30.59 -23.33
CA GLY B 297 -2.77 -29.28 -23.22
C GLY B 297 -1.72 -28.21 -22.98
N ILE B 298 -1.48 -27.38 -23.99
CA ILE B 298 -0.44 -26.37 -23.93
C ILE B 298 -0.98 -25.11 -23.28
N SER B 299 -0.66 -24.94 -22.00
CA SER B 299 -1.04 -23.73 -21.29
C SER B 299 0.02 -22.67 -21.54
N MET B 300 -0.37 -21.61 -22.24
CA MET B 300 0.54 -20.52 -22.54
C MET B 300 0.19 -19.28 -21.73
N THR B 301 1.21 -18.58 -21.25
CA THR B 301 1.04 -17.34 -20.52
C THR B 301 1.47 -16.17 -21.40
N VAL B 302 0.67 -15.10 -21.40
CA VAL B 302 0.96 -13.91 -22.19
C VAL B 302 1.20 -12.74 -21.27
N THR B 303 2.42 -12.19 -21.34
CA THR B 303 2.82 -11.06 -20.52
C THR B 303 2.31 -9.79 -21.20
N GLY B 304 1.17 -9.32 -20.73
CA GLY B 304 0.45 -8.26 -21.41
C GLY B 304 0.82 -6.86 -21.01
N ASP B 305 0.52 -5.93 -21.92
CA ASP B 305 0.67 -4.51 -21.67
C ASP B 305 -0.07 -3.75 -22.78
N ASN B 306 -0.81 -2.72 -22.40
CA ASN B 306 -1.66 -1.99 -23.34
C ASN B 306 -1.05 -0.67 -23.78
N THR B 307 -1.30 -0.30 -25.03
CA THR B 307 -0.81 0.95 -25.59
C THR B 307 -1.93 1.98 -25.66
N LYS B 308 -1.61 3.24 -25.36
CA LYS B 308 -2.58 4.33 -25.46
C LYS B 308 -3.82 4.03 -24.62
N TRP B 309 -3.60 3.33 -23.51
CA TRP B 309 -4.68 2.89 -22.63
C TRP B 309 -5.66 4.01 -22.30
N ASN B 310 -5.12 5.14 -21.85
CA ASN B 310 -5.95 6.28 -21.50
C ASN B 310 -6.50 7.00 -22.72
N GLU B 311 -5.72 7.01 -23.79
CA GLU B 311 -6.04 7.81 -24.97
C GLU B 311 -7.04 7.15 -25.91
N CYS B 312 -7.37 5.89 -25.63
CA CYS B 312 -8.30 5.14 -26.48
C CYS B 312 -9.66 4.94 -25.79
N LEU B 313 -9.62 4.68 -24.49
CA LEU B 313 -10.85 4.49 -23.72
C LEU B 313 -11.67 5.77 -23.71
N ASN B 314 -12.96 5.65 -24.03
CA ASN B 314 -13.85 6.80 -24.17
C ASN B 314 -14.86 6.89 -23.03
N PRO B 315 -15.11 8.12 -22.52
CA PRO B 315 -16.14 8.33 -21.49
C PRO B 315 -17.51 7.78 -21.86
N ARG B 316 -17.87 7.92 -23.13
CA ARG B 316 -19.18 7.50 -23.62
C ARG B 316 -19.45 6.02 -23.33
N ILE B 317 -18.38 5.23 -23.25
CA ILE B 317 -18.50 3.83 -22.85
C ILE B 317 -18.73 3.73 -21.35
N PHE B 318 -17.93 4.46 -20.57
CA PHE B 318 -18.05 4.45 -19.12
C PHE B 318 -19.44 4.86 -18.69
N LEU B 319 -20.04 5.80 -19.43
CA LEU B 319 -21.42 6.19 -19.17
C LEU B 319 -22.36 4.99 -19.32
N ALA B 320 -22.21 4.26 -20.41
CA ALA B 320 -22.99 3.05 -20.65
C ALA B 320 -22.73 2.04 -19.54
N MET B 321 -21.47 1.93 -19.11
CA MET B 321 -21.10 1.02 -18.04
C MET B 321 -21.83 1.36 -16.75
N THR B 322 -21.84 2.65 -16.40
CA THR B 322 -22.59 3.09 -15.23
C THR B 322 -24.08 2.79 -15.42
N GLU B 323 -24.61 3.12 -16.59
CA GLU B 323 -26.02 2.92 -16.87
C GLU B 323 -26.43 1.45 -16.75
N ARG B 324 -25.56 0.55 -17.20
CA ARG B 324 -25.81 -0.87 -17.08
C ARG B 324 -25.68 -1.32 -15.63
N ILE B 325 -24.53 -1.03 -15.02
CA ILE B 325 -24.23 -1.46 -13.66
C ILE B 325 -25.26 -0.98 -12.64
N THR B 326 -25.88 0.17 -12.91
CA THR B 326 -26.83 0.78 -11.98
C THR B 326 -28.28 0.41 -12.33
N ARG B 327 -28.46 -0.69 -13.05
CA ARG B 327 -29.79 -1.12 -13.52
C ARG B 327 -30.85 -1.12 -12.42
N ASP B 328 -30.57 -1.82 -11.33
CA ASP B 328 -31.56 -2.01 -10.27
C ASP B 328 -31.66 -0.83 -9.32
N SER B 329 -30.68 0.06 -9.37
CA SER B 329 -30.69 1.23 -8.48
C SER B 329 -31.75 2.24 -8.91
N PRO B 330 -32.22 3.06 -7.95
CA PRO B 330 -33.21 4.10 -8.27
C PRO B 330 -32.68 5.12 -9.26
N ILE B 331 -33.54 6.01 -9.72
CA ILE B 331 -33.19 6.95 -10.80
C ILE B 331 -32.17 7.99 -10.37
N TRP B 332 -32.36 8.58 -9.20
CA TRP B 332 -31.49 9.66 -8.73
C TRP B 332 -30.03 9.20 -8.69
N PHE B 333 -29.80 7.96 -8.27
CA PHE B 333 -28.45 7.42 -8.16
C PHE B 333 -27.85 7.19 -9.55
N ARG B 334 -28.68 6.78 -10.49
CA ARG B 334 -28.24 6.61 -11.87
C ARG B 334 -27.85 7.97 -12.44
N ASP B 335 -28.73 8.95 -12.25
CA ASP B 335 -28.46 10.32 -12.67
C ASP B 335 -27.20 10.83 -11.99
N PHE B 336 -27.01 10.49 -10.73
CA PHE B 336 -25.82 10.89 -9.99
C PHE B 336 -24.55 10.28 -10.60
N CYS B 337 -24.59 8.96 -10.83
CA CYS B 337 -23.45 8.25 -11.36
C CYS B 337 -23.14 8.62 -12.80
N SER B 338 -24.17 8.97 -13.56
CA SER B 338 -24.00 9.30 -14.97
C SER B 338 -23.21 10.57 -15.23
N ILE B 339 -23.07 11.43 -14.23
CA ILE B 339 -22.53 12.77 -14.44
C ILE B 339 -21.05 12.81 -14.81
N ALA B 340 -20.21 12.14 -14.02
CA ALA B 340 -18.76 12.23 -14.22
C ALA B 340 -18.34 11.82 -15.64
N PRO B 341 -18.88 10.70 -16.15
CA PRO B 341 -18.61 10.39 -17.55
C PRO B 341 -19.08 11.48 -18.51
N VAL B 342 -20.25 12.06 -18.25
CA VAL B 342 -20.79 13.11 -19.11
C VAL B 342 -19.85 14.30 -19.12
N LEU B 343 -19.27 14.61 -17.95
CA LEU B 343 -18.30 15.69 -17.86
C LEU B 343 -17.03 15.34 -18.62
N PHE B 344 -16.50 14.15 -18.37
CA PHE B 344 -15.29 13.71 -19.06
C PHE B 344 -15.52 13.57 -20.57
N SER B 345 -16.76 13.36 -20.97
CA SER B 345 -17.09 13.28 -22.39
C SER B 345 -17.01 14.66 -23.05
N ASN B 346 -17.18 15.71 -22.25
CA ASN B 346 -17.15 17.09 -22.75
C ASN B 346 -16.05 17.92 -22.10
N LYS B 347 -15.01 17.24 -21.63
CA LYS B 347 -13.94 17.92 -20.89
C LYS B 347 -13.09 18.83 -21.78
N ILE B 348 -12.37 19.73 -21.13
CA ILE B 348 -11.41 20.61 -21.81
C ILE B 348 -10.02 20.42 -21.16
N ALA B 349 -8.98 20.54 -21.98
CA ALA B 349 -7.61 20.34 -21.52
C ALA B 349 -6.80 21.63 -21.58
N ARG B 350 -6.19 21.99 -20.45
CA ARG B 350 -5.31 23.14 -20.39
C ARG B 350 -3.91 22.72 -20.85
N LEU B 351 -3.18 23.64 -21.45
CA LEU B 351 -1.93 23.31 -22.13
C LEU B 351 -0.69 23.82 -21.38
N GLY B 352 -0.74 23.85 -20.07
CA GLY B 352 0.41 24.18 -19.25
C GLY B 352 0.92 25.60 -19.46
N LYS B 353 2.23 25.78 -19.33
CA LYS B 353 2.85 27.09 -19.44
C LYS B 353 2.80 27.62 -20.88
N GLY B 354 3.42 26.88 -21.79
CA GLY B 354 3.47 27.28 -23.20
C GLY B 354 4.77 26.85 -23.84
N PHE B 355 5.38 27.77 -24.60
CA PHE B 355 6.68 27.53 -25.21
C PHE B 355 7.59 28.73 -25.04
N MET B 356 8.86 28.46 -24.76
CA MET B 356 9.85 29.51 -24.55
C MET B 356 10.62 29.81 -25.83
N ILE B 357 10.52 31.06 -26.31
CA ILE B 357 11.29 31.48 -27.48
C ILE B 357 12.48 32.33 -27.02
N THR B 358 13.58 32.24 -27.76
CA THR B 358 14.83 32.87 -27.34
C THR B 358 15.63 33.44 -28.51
N SER B 359 16.58 34.30 -28.17
CA SER B 359 17.60 34.75 -29.11
C SER B 359 18.96 34.62 -28.45
N LYS B 360 19.83 33.84 -29.08
CA LYS B 360 21.17 33.54 -28.59
C LYS B 360 22.08 34.75 -28.79
N THR B 361 21.83 35.47 -29.88
CA THR B 361 22.58 36.68 -30.18
C THR B 361 22.43 37.69 -29.06
N LYS B 362 21.17 37.96 -28.70
CA LYS B 362 20.86 38.95 -27.67
C LYS B 362 20.86 38.32 -26.27
N ARG B 363 20.96 37.00 -26.22
CA ARG B 363 20.84 36.26 -24.96
C ARG B 363 19.52 36.61 -24.27
N LEU B 364 18.42 36.43 -24.97
CA LEU B 364 17.10 36.74 -24.42
C LEU B 364 16.18 35.54 -24.52
N LYS B 365 15.26 35.43 -23.57
CA LYS B 365 14.27 34.35 -23.57
C LYS B 365 12.91 34.85 -23.09
N ALA B 366 11.84 34.22 -23.57
CA ALA B 366 10.49 34.55 -23.12
C ALA B 366 9.50 33.42 -23.32
N GLN B 367 8.64 33.23 -22.32
CA GLN B 367 7.54 32.26 -22.38
C GLN B 367 6.35 32.85 -23.14
N ILE B 368 5.79 32.06 -24.05
CA ILE B 368 4.60 32.45 -24.79
C ILE B 368 3.39 31.70 -24.26
N PRO B 369 2.52 32.39 -23.49
CA PRO B 369 1.33 31.72 -22.95
C PRO B 369 0.48 31.05 -24.03
N CYS B 370 -0.30 30.04 -23.64
CA CYS B 370 -1.12 29.29 -24.57
C CYS B 370 -2.12 30.17 -25.33
N PRO B 371 -2.62 31.23 -24.68
CA PRO B 371 -3.46 32.16 -25.45
C PRO B 371 -2.70 32.82 -26.60
N ASP B 372 -1.48 33.27 -26.33
CA ASP B 372 -0.66 33.93 -27.33
C ASP B 372 0.09 32.93 -28.21
N LEU B 373 -0.21 31.65 -28.02
CA LEU B 373 0.47 30.57 -28.72
C LEU B 373 0.53 30.80 -30.23
N PHE B 374 -0.55 31.33 -30.80
CA PHE B 374 -0.65 31.51 -32.25
C PHE B 374 -0.44 32.96 -32.67
N SER B 375 -0.10 33.82 -31.71
CA SER B 375 0.19 35.22 -32.00
C SER B 375 1.64 35.37 -32.44
N ILE B 376 2.02 34.62 -33.47
CA ILE B 376 3.41 34.54 -33.89
C ILE B 376 3.51 33.68 -35.15
N PRO B 377 4.40 34.04 -36.09
CA PRO B 377 4.57 33.17 -37.26
C PRO B 377 5.03 31.77 -36.87
N LEU B 378 4.37 30.74 -37.39
CA LEU B 378 4.67 29.37 -37.03
C LEU B 378 6.10 28.98 -37.40
N GLU B 379 6.71 29.73 -38.31
CA GLU B 379 8.09 29.46 -38.72
C GLU B 379 9.07 29.74 -37.59
N ARG B 380 8.66 30.56 -36.63
CA ARG B 380 9.53 30.94 -35.52
C ARG B 380 9.59 29.83 -34.46
N TYR B 381 8.62 28.93 -34.50
CA TYR B 381 8.67 27.72 -33.68
C TYR B 381 9.59 26.70 -34.32
N ASN B 382 10.00 25.67 -33.58
CA ASN B 382 10.88 24.66 -34.14
C ASN B 382 10.12 23.73 -35.08
N GLU B 383 10.82 22.77 -35.68
CA GLU B 383 10.25 21.95 -36.74
C GLU B 383 9.10 21.06 -36.27
N GLU B 384 9.25 20.47 -35.09
CA GLU B 384 8.23 19.56 -34.56
C GLU B 384 7.02 20.33 -34.03
N THR B 385 7.29 21.36 -33.24
CA THR B 385 6.24 22.19 -32.67
C THR B 385 5.41 22.84 -33.77
N ARG B 386 6.06 23.15 -34.89
CA ARG B 386 5.37 23.73 -36.04
C ARG B 386 4.36 22.72 -36.58
N ALA B 387 4.76 21.44 -36.58
CA ALA B 387 3.88 20.38 -37.05
C ALA B 387 2.74 20.16 -36.06
N LYS B 388 3.07 20.16 -34.77
CA LYS B 388 2.06 19.98 -33.73
C LYS B 388 0.98 21.07 -33.75
N LEU B 389 1.43 22.33 -33.71
CA LEU B 389 0.53 23.47 -33.61
C LEU B 389 -0.46 23.51 -34.77
N LYS B 390 -0.02 23.10 -35.96
CA LYS B 390 -0.90 23.01 -37.11
C LYS B 390 -2.00 21.98 -36.87
N LYS B 391 -1.61 20.85 -36.28
CA LYS B 391 -2.54 19.76 -36.01
C LYS B 391 -3.45 20.08 -34.83
N LEU B 392 -2.96 20.92 -33.91
CA LEU B 392 -3.75 21.32 -32.76
C LEU B 392 -4.93 22.22 -33.12
N LYS B 393 -4.77 23.02 -34.18
CA LYS B 393 -5.74 24.05 -34.57
C LYS B 393 -7.22 23.68 -34.44
N PRO B 394 -7.65 22.61 -35.13
CA PRO B 394 -9.07 22.26 -35.12
C PRO B 394 -9.66 22.02 -33.73
N PHE B 395 -8.80 21.68 -32.76
CA PHE B 395 -9.25 21.42 -31.40
C PHE B 395 -8.84 22.54 -30.44
N PHE B 396 -8.33 23.64 -31.00
CA PHE B 396 -7.84 24.75 -30.21
C PHE B 396 -8.92 25.78 -29.92
N ASN B 397 -8.91 26.33 -28.70
CA ASN B 397 -9.89 27.32 -28.26
C ASN B 397 -9.26 28.71 -28.12
N GLU B 398 -10.08 29.74 -28.31
CA GLU B 398 -9.63 31.13 -28.25
C GLU B 398 -8.86 31.44 -26.97
N GLU B 399 -9.37 30.96 -25.84
CA GLU B 399 -8.77 31.31 -24.55
C GLU B 399 -7.50 30.51 -24.25
N GLY B 400 -7.06 29.71 -25.22
CA GLY B 400 -5.81 28.98 -25.10
C GLY B 400 -5.95 27.64 -24.41
N THR B 401 -6.97 26.89 -24.80
CA THR B 401 -7.18 25.54 -24.28
C THR B 401 -7.52 24.60 -25.42
N ALA B 402 -7.42 23.29 -25.16
CA ALA B 402 -7.67 22.28 -26.17
C ALA B 402 -8.89 21.45 -25.83
N SER B 403 -9.86 21.43 -26.73
CA SER B 403 -11.02 20.56 -26.58
C SER B 403 -10.58 19.10 -26.72
N LEU B 404 -11.16 18.23 -25.90
CA LEU B 404 -10.74 16.84 -25.86
C LEU B 404 -11.89 15.94 -25.40
N SER B 405 -12.81 15.66 -26.32
CA SER B 405 -13.96 14.82 -26.01
C SER B 405 -13.57 13.37 -25.72
N PRO B 406 -12.78 12.75 -26.61
CA PRO B 406 -12.45 11.34 -26.38
C PRO B 406 -11.28 11.17 -25.38
N GLY B 407 -11.02 9.93 -24.99
CA GLY B 407 -9.87 9.61 -24.16
C GLY B 407 -10.06 9.94 -22.69
N MET B 408 -9.20 9.36 -21.86
CA MET B 408 -9.16 9.64 -20.43
C MET B 408 -7.80 10.24 -20.08
N MET B 409 -7.68 10.77 -18.87
CA MET B 409 -6.42 11.30 -18.37
C MET B 409 -5.68 10.23 -17.56
N MET B 410 -4.38 10.43 -17.37
CA MET B 410 -3.55 9.48 -16.63
C MET B 410 -4.03 9.31 -15.19
N GLY B 411 -4.66 8.18 -14.91
CA GLY B 411 -5.15 7.88 -13.57
C GLY B 411 -6.41 8.63 -13.22
N MET B 412 -7.55 8.12 -13.70
CA MET B 412 -8.86 8.71 -13.40
C MET B 412 -9.85 7.63 -13.02
N PHE B 413 -10.23 6.83 -14.00
CA PHE B 413 -11.14 5.70 -13.76
C PHE B 413 -10.38 4.39 -13.80
N ASN B 414 -9.44 4.22 -12.89
CA ASN B 414 -8.63 3.00 -12.83
C ASN B 414 -9.49 1.77 -12.58
N MET B 415 -10.30 1.83 -11.53
CA MET B 415 -11.22 0.74 -11.20
C MET B 415 -12.16 0.42 -12.36
N LEU B 416 -12.92 1.42 -12.79
CA LEU B 416 -13.94 1.23 -13.80
C LEU B 416 -13.36 0.75 -15.14
N SER B 417 -12.11 1.08 -15.41
CA SER B 417 -11.43 0.60 -16.61
C SER B 417 -10.93 -0.83 -16.39
N THR B 418 -10.42 -1.09 -15.19
CA THR B 418 -10.04 -2.45 -14.81
C THR B 418 -11.22 -3.40 -14.98
N VAL B 419 -12.40 -2.91 -14.60
CA VAL B 419 -13.63 -3.66 -14.81
C VAL B 419 -13.82 -3.98 -16.30
N LEU B 420 -13.64 -2.98 -17.15
CA LEU B 420 -13.77 -3.17 -18.58
C LEU B 420 -12.76 -4.19 -19.10
N GLY B 421 -11.56 -4.21 -18.54
CA GLY B 421 -10.58 -5.23 -18.87
C GLY B 421 -11.01 -6.63 -18.45
N VAL B 422 -11.42 -6.75 -17.19
CA VAL B 422 -11.93 -8.01 -16.70
C VAL B 422 -13.08 -8.49 -17.59
N ALA B 423 -13.91 -7.56 -18.03
CA ALA B 423 -15.02 -7.86 -18.92
C ALA B 423 -14.51 -8.52 -20.19
N ALA B 424 -13.33 -8.10 -20.64
CA ALA B 424 -12.69 -8.75 -21.78
C ALA B 424 -12.25 -10.14 -21.35
N LEU B 425 -11.64 -10.23 -20.18
CA LEU B 425 -11.22 -11.53 -19.67
C LEU B 425 -12.39 -12.50 -19.40
N GLY B 426 -13.61 -11.97 -19.33
CA GLY B 426 -14.76 -12.79 -18.96
C GLY B 426 -15.33 -13.66 -20.06
N ILE B 427 -15.01 -13.35 -21.31
CA ILE B 427 -15.52 -14.09 -22.45
C ILE B 427 -14.92 -15.50 -22.52
N LYS B 428 -13.60 -15.58 -22.42
CA LYS B 428 -12.85 -16.84 -22.32
C LYS B 428 -12.81 -17.67 -23.60
N ASN B 429 -13.79 -17.49 -24.49
CA ASN B 429 -13.86 -18.29 -25.70
C ASN B 429 -14.70 -17.62 -26.77
N ILE B 430 -14.47 -17.99 -28.03
CA ILE B 430 -15.25 -17.47 -29.14
C ILE B 430 -15.49 -18.54 -30.20
N GLY B 431 -16.76 -18.77 -30.53
CA GLY B 431 -17.13 -19.71 -31.57
C GLY B 431 -16.89 -21.15 -31.19
N ASN B 432 -16.83 -21.43 -29.89
CA ASN B 432 -16.64 -22.77 -29.37
C ASN B 432 -15.38 -23.44 -29.93
N LYS B 433 -14.34 -22.64 -30.16
CA LYS B 433 -13.06 -23.16 -30.60
C LYS B 433 -12.36 -23.87 -29.44
N GLU B 434 -11.44 -24.77 -29.77
CA GLU B 434 -10.83 -25.64 -28.75
C GLU B 434 -9.75 -24.92 -27.96
N TYR B 435 -10.15 -23.90 -27.20
CA TYR B 435 -9.26 -23.22 -26.27
C TYR B 435 -10.06 -22.52 -25.19
N LEU B 436 -9.38 -22.11 -24.12
CA LEU B 436 -10.00 -21.31 -23.07
C LEU B 436 -8.98 -20.34 -22.48
N TRP B 437 -9.33 -19.05 -22.44
CA TRP B 437 -8.43 -18.06 -21.86
C TRP B 437 -8.97 -17.52 -20.54
N ASP B 438 -8.03 -17.17 -19.67
CA ASP B 438 -8.33 -16.52 -18.40
C ASP B 438 -7.18 -15.55 -18.17
N GLY B 439 -7.22 -14.80 -17.07
CA GLY B 439 -6.14 -13.89 -16.79
C GLY B 439 -6.40 -12.92 -15.65
N LEU B 440 -5.43 -12.03 -15.43
CA LEU B 440 -5.54 -11.01 -14.40
C LEU B 440 -5.32 -9.63 -15.02
N GLN B 441 -6.16 -8.67 -14.61
CA GLN B 441 -6.12 -7.33 -15.17
C GLN B 441 -5.71 -6.30 -14.13
N SER B 442 -5.01 -5.26 -14.57
CA SER B 442 -4.68 -4.12 -13.71
C SER B 442 -4.41 -2.88 -14.56
N SER B 443 -5.46 -2.11 -14.79
CA SER B 443 -5.40 -0.91 -15.63
C SER B 443 -4.81 -1.21 -17.02
N ASP B 444 -3.63 -0.68 -17.31
CA ASP B 444 -3.00 -0.88 -18.60
C ASP B 444 -2.16 -2.15 -18.63
N ASP B 445 -1.97 -2.76 -17.47
CA ASP B 445 -1.15 -3.97 -17.34
C ASP B 445 -2.05 -5.19 -17.14
N PHE B 446 -1.82 -6.23 -17.93
CA PHE B 446 -2.61 -7.46 -17.84
C PHE B 446 -1.77 -8.71 -18.08
N ALA B 447 -2.25 -9.84 -17.57
CA ALA B 447 -1.60 -11.14 -17.78
C ALA B 447 -2.63 -12.13 -18.27
N LEU B 448 -2.40 -12.72 -19.45
CA LEU B 448 -3.40 -13.56 -20.09
C LEU B 448 -2.95 -15.02 -20.22
N PHE B 449 -3.67 -15.91 -19.57
CA PHE B 449 -3.42 -17.34 -19.70
C PHE B 449 -4.34 -17.94 -20.76
N VAL B 450 -3.79 -18.84 -21.57
CA VAL B 450 -4.54 -19.49 -22.63
C VAL B 450 -4.25 -20.99 -22.69
N ASN B 451 -5.28 -21.79 -22.48
CA ASN B 451 -5.16 -23.25 -22.52
C ASN B 451 -5.80 -23.83 -23.79
N ALA B 452 -5.07 -24.72 -24.46
CA ALA B 452 -5.58 -25.40 -25.65
C ALA B 452 -4.75 -26.65 -25.97
N LYS B 453 -5.18 -27.37 -26.99
CA LYS B 453 -4.58 -28.66 -27.32
C LYS B 453 -3.27 -28.52 -28.08
N ASP B 454 -3.21 -27.56 -29.00
CA ASP B 454 -1.98 -27.25 -29.73
C ASP B 454 -1.79 -25.76 -29.80
N GLU B 455 -0.54 -25.32 -29.82
CA GLU B 455 -0.22 -23.90 -29.71
C GLU B 455 -0.82 -23.08 -30.86
N GLU B 456 -0.92 -23.70 -32.04
CA GLU B 456 -1.55 -23.05 -33.19
C GLU B 456 -2.94 -22.53 -32.82
N THR B 457 -3.61 -23.23 -31.91
CA THR B 457 -4.91 -22.82 -31.42
C THR B 457 -4.77 -21.70 -30.38
N CYS B 458 -3.81 -21.87 -29.48
CA CYS B 458 -3.53 -20.86 -28.45
C CYS B 458 -3.31 -19.50 -29.08
N MET B 459 -2.48 -19.44 -30.11
CA MET B 459 -2.19 -18.18 -30.78
C MET B 459 -3.46 -17.57 -31.38
N GLU B 460 -4.34 -18.42 -31.88
CA GLU B 460 -5.60 -17.94 -32.45
C GLU B 460 -6.52 -17.48 -31.33
N GLY B 461 -6.40 -18.10 -30.17
CA GLY B 461 -7.12 -17.64 -28.99
C GLY B 461 -6.65 -16.26 -28.57
N ILE B 462 -5.34 -16.09 -28.51
CA ILE B 462 -4.74 -14.80 -28.23
C ILE B 462 -5.18 -13.77 -29.27
N ASN B 463 -5.16 -14.17 -30.54
CA ASN B 463 -5.61 -13.29 -31.63
C ASN B 463 -7.07 -12.92 -31.46
N ASP B 464 -7.87 -13.89 -31.05
CA ASP B 464 -9.28 -13.66 -30.77
C ASP B 464 -9.42 -12.64 -29.63
N PHE B 465 -8.61 -12.82 -28.58
CA PHE B 465 -8.62 -11.90 -27.45
C PHE B 465 -8.26 -10.48 -27.89
N TYR B 466 -7.20 -10.38 -28.69
CA TYR B 466 -6.79 -9.10 -29.27
C TYR B 466 -7.95 -8.45 -30.03
N ARG B 467 -8.45 -9.17 -31.03
CA ARG B 467 -9.54 -8.69 -31.88
C ARG B 467 -10.78 -8.39 -31.06
N THR B 468 -10.97 -9.09 -29.95
CA THR B 468 -12.05 -8.80 -29.02
C THR B 468 -11.80 -7.46 -28.34
N CYS B 469 -10.62 -7.32 -27.75
CA CYS B 469 -10.27 -6.12 -27.01
C CYS B 469 -10.40 -4.88 -27.88
N LYS B 470 -10.02 -5.00 -29.16
CA LYS B 470 -10.25 -3.90 -30.10
C LYS B 470 -11.68 -3.37 -30.05
N LEU B 471 -12.65 -4.26 -29.90
CA LEU B 471 -14.06 -3.86 -29.89
C LEU B 471 -14.45 -3.13 -28.60
N LEU B 472 -13.62 -3.25 -27.57
CA LEU B 472 -13.84 -2.55 -26.31
C LEU B 472 -13.04 -1.25 -26.24
N GLY B 473 -12.27 -0.98 -27.30
CA GLY B 473 -11.40 0.18 -27.32
C GLY B 473 -10.11 -0.07 -26.54
N ILE B 474 -9.86 -1.33 -26.22
CA ILE B 474 -8.64 -1.74 -25.54
C ILE B 474 -7.62 -2.23 -26.56
N ASN B 475 -6.43 -1.64 -26.54
CA ASN B 475 -5.41 -1.93 -27.53
C ASN B 475 -4.17 -2.57 -26.91
N MET B 476 -3.89 -3.80 -27.33
CA MET B 476 -2.74 -4.55 -26.83
C MET B 476 -1.46 -4.05 -27.50
N SER B 477 -0.38 -4.01 -26.72
CA SER B 477 0.92 -3.58 -27.25
C SER B 477 1.67 -4.73 -27.90
N LYS B 478 1.57 -4.83 -29.22
CA LYS B 478 2.28 -5.87 -29.96
C LYS B 478 3.79 -5.75 -29.77
N LYS B 479 4.24 -4.53 -29.49
CA LYS B 479 5.67 -4.26 -29.35
C LYS B 479 6.21 -4.67 -27.98
N LYS B 480 5.45 -4.41 -26.92
CA LYS B 480 5.91 -4.65 -25.56
C LYS B 480 5.42 -5.98 -24.98
N SER B 481 4.32 -6.49 -25.52
CA SER B 481 3.76 -7.75 -25.02
C SER B 481 4.40 -8.96 -25.70
N TYR B 482 4.54 -10.04 -24.95
CA TYR B 482 5.08 -11.29 -25.47
C TYR B 482 4.46 -12.50 -24.78
N CYS B 483 4.48 -13.63 -25.48
CA CYS B 483 3.84 -14.86 -25.03
C CYS B 483 4.85 -15.99 -24.86
N ASN B 484 4.58 -16.88 -23.91
CA ASN B 484 5.43 -18.05 -23.70
C ASN B 484 4.67 -19.19 -23.05
N GLU B 485 5.29 -20.36 -23.01
CA GLU B 485 4.70 -21.52 -22.36
C GLU B 485 4.62 -21.26 -20.85
N THR B 486 3.46 -21.56 -20.27
CA THR B 486 3.21 -21.26 -18.87
C THR B 486 4.24 -21.89 -17.94
N GLY B 487 4.60 -21.14 -16.90
CA GLY B 487 5.63 -21.55 -15.98
C GLY B 487 6.33 -20.31 -15.43
N MET B 488 6.59 -19.35 -16.30
CA MET B 488 7.16 -18.07 -15.90
C MET B 488 6.56 -16.91 -16.66
N PHE B 489 6.46 -15.75 -16.00
CA PHE B 489 5.92 -14.56 -16.63
C PHE B 489 6.21 -13.31 -15.80
N GLU B 490 5.81 -12.15 -16.32
CA GLU B 490 6.00 -10.87 -15.63
C GLU B 490 4.68 -10.13 -15.52
N PHE B 491 4.44 -9.51 -14.37
CA PHE B 491 3.22 -8.74 -14.15
C PHE B 491 3.47 -7.59 -13.19
N THR B 492 3.31 -6.36 -13.70
CA THR B 492 3.54 -5.15 -12.93
C THR B 492 4.85 -5.24 -12.14
N SER B 493 5.92 -5.57 -12.85
CA SER B 493 7.25 -5.69 -12.25
C SER B 493 7.30 -6.73 -11.13
N MET B 494 6.41 -7.73 -11.22
CA MET B 494 6.51 -8.91 -10.38
C MET B 494 6.77 -10.11 -11.28
N PHE B 495 7.82 -10.86 -10.97
CA PHE B 495 8.31 -11.91 -11.86
C PHE B 495 8.01 -13.30 -11.31
N TYR B 496 7.21 -14.05 -12.06
CA TYR B 496 6.88 -15.42 -11.71
C TYR B 496 7.76 -16.39 -12.49
N ARG B 497 8.33 -17.36 -11.78
CA ARG B 497 9.07 -18.45 -12.39
C ARG B 497 8.90 -19.70 -11.54
N ASP B 498 7.83 -20.44 -11.80
CA ASP B 498 7.46 -21.58 -10.95
C ASP B 498 7.35 -21.09 -9.51
N GLY B 499 6.84 -19.87 -9.36
CA GLY B 499 6.78 -19.18 -8.09
C GLY B 499 7.36 -17.79 -8.23
N PHE B 500 6.72 -16.81 -7.61
CA PHE B 500 7.17 -15.43 -7.69
C PHE B 500 8.52 -15.23 -7.00
N VAL B 501 9.49 -14.72 -7.76
CA VAL B 501 10.81 -14.44 -7.23
C VAL B 501 10.84 -13.05 -6.58
N SER B 502 11.88 -12.77 -5.80
CA SER B 502 12.04 -11.47 -5.17
C SER B 502 12.63 -10.47 -6.14
N ASN B 503 12.30 -9.19 -5.94
CA ASN B 503 12.81 -8.10 -6.76
C ASN B 503 13.27 -6.96 -5.86
N PHE B 504 14.25 -7.27 -5.02
CA PHE B 504 14.73 -6.38 -3.97
C PHE B 504 15.02 -4.96 -4.45
N ALA B 505 15.46 -4.84 -5.70
CA ALA B 505 15.79 -3.55 -6.30
C ALA B 505 14.63 -2.56 -6.20
N MET B 506 13.44 -3.03 -6.55
CA MET B 506 12.24 -2.21 -6.58
C MET B 506 12.04 -1.34 -5.35
N GLU B 507 12.32 -1.90 -4.18
CA GLU B 507 12.07 -1.20 -2.92
C GLU B 507 13.30 -0.48 -2.40
N LEU B 508 14.43 -0.60 -3.12
CA LEU B 508 15.70 -0.12 -2.61
C LEU B 508 15.71 1.39 -2.34
N PRO B 509 15.11 2.20 -3.22
CA PRO B 509 15.04 3.65 -2.95
C PRO B 509 14.37 4.01 -1.62
N SER B 510 13.48 3.15 -1.13
CA SER B 510 12.74 3.45 0.10
C SER B 510 13.62 3.32 1.34
N PHE B 511 14.75 2.65 1.20
CA PHE B 511 15.64 2.40 2.34
C PHE B 511 16.24 3.69 2.88
N GLY B 512 16.41 4.68 2.01
CA GLY B 512 16.97 5.96 2.40
C GLY B 512 16.13 6.67 3.43
N VAL B 513 16.64 7.80 3.92
CA VAL B 513 15.94 8.60 4.92
C VAL B 513 14.72 9.25 4.25
N ALA B 514 13.55 9.07 4.87
CA ALA B 514 12.28 9.43 4.24
C ALA B 514 12.10 10.93 4.10
N GLY B 515 12.32 11.66 5.20
CA GLY B 515 12.23 13.10 5.20
C GLY B 515 10.99 13.63 5.91
N VAL B 516 10.58 12.94 6.97
CA VAL B 516 9.51 13.42 7.84
C VAL B 516 10.13 14.18 9.00
N ASN B 517 10.91 13.46 9.82
CA ASN B 517 11.76 14.05 10.85
C ASN B 517 12.62 13.00 11.52
N GLU B 518 13.45 13.43 12.46
CA GLU B 518 14.40 12.55 13.13
C GLU B 518 13.69 11.37 13.80
N SER B 519 12.58 11.66 14.49
CA SER B 519 11.84 10.64 15.21
C SER B 519 11.26 9.61 14.25
N ALA B 520 10.49 10.09 13.28
CA ALA B 520 9.78 9.20 12.34
C ALA B 520 10.72 8.42 11.44
N ASP B 521 11.66 9.13 10.83
CA ASP B 521 12.52 8.53 9.80
C ASP B 521 13.29 7.32 10.32
N MET B 522 13.60 7.32 11.62
CA MET B 522 14.23 6.16 12.24
C MET B 522 13.29 4.97 12.18
N ALA B 523 12.12 5.14 12.79
CA ALA B 523 11.08 4.11 12.81
C ALA B 523 10.83 3.58 11.41
N ILE B 524 10.58 4.50 10.48
CA ILE B 524 10.40 4.16 9.08
C ILE B 524 11.60 3.38 8.56
N GLY B 525 12.79 3.88 8.84
CA GLY B 525 14.02 3.28 8.36
C GLY B 525 14.21 1.85 8.80
N MET B 526 13.91 1.57 10.06
CA MET B 526 14.02 0.20 10.56
C MET B 526 12.87 -0.67 10.05
N THR B 527 11.66 -0.12 10.08
CA THR B 527 10.47 -0.82 9.62
C THR B 527 10.59 -1.27 8.16
N ILE B 528 11.20 -0.44 7.32
CA ILE B 528 11.42 -0.80 5.93
C ILE B 528 12.31 -2.03 5.80
N ILE B 529 13.38 -2.08 6.58
CA ILE B 529 14.26 -3.25 6.62
C ILE B 529 13.48 -4.47 7.10
N LYS B 530 12.80 -4.30 8.23
CA LYS B 530 11.98 -5.35 8.82
C LYS B 530 11.01 -5.94 7.81
N ASN B 531 10.31 -5.07 7.08
CA ASN B 531 9.36 -5.52 6.07
C ASN B 531 10.03 -6.17 4.86
N ASN B 532 11.10 -5.55 4.36
CA ASN B 532 11.78 -6.08 3.19
C ASN B 532 12.45 -7.42 3.48
N MET B 533 12.80 -7.65 4.75
CA MET B 533 13.29 -8.96 5.17
C MET B 533 12.21 -10.02 4.97
N ILE B 534 11.00 -9.68 5.37
CA ILE B 534 9.85 -10.56 5.25
C ILE B 534 9.46 -10.77 3.79
N ASN B 535 9.03 -9.70 3.13
CA ASN B 535 8.43 -9.81 1.79
C ASN B 535 9.41 -9.96 0.63
N ASN B 536 10.43 -9.11 0.59
CA ASN B 536 11.27 -9.01 -0.61
C ASN B 536 12.56 -9.82 -0.57
N GLY B 537 12.67 -10.71 0.41
CA GLY B 537 13.78 -11.65 0.45
C GLY B 537 15.14 -11.01 0.69
N MET B 538 15.28 -10.37 1.85
CA MET B 538 16.56 -9.81 2.28
C MET B 538 17.11 -10.62 3.44
N GLY B 539 18.28 -11.21 3.25
CA GLY B 539 18.90 -12.03 4.29
C GLY B 539 19.29 -11.22 5.50
N PRO B 540 19.67 -11.89 6.60
CA PRO B 540 20.02 -11.22 7.85
C PRO B 540 21.31 -10.39 7.77
N ALA B 541 22.25 -10.83 6.95
CA ALA B 541 23.49 -10.09 6.74
C ALA B 541 23.22 -8.78 6.00
N THR B 542 22.54 -8.88 4.87
CA THR B 542 22.19 -7.71 4.08
C THR B 542 21.29 -6.76 4.88
N ALA B 543 20.39 -7.33 5.67
CA ALA B 543 19.54 -6.54 6.54
C ALA B 543 20.37 -5.81 7.58
N GLN B 544 21.27 -6.54 8.24
CA GLN B 544 22.17 -5.93 9.22
C GLN B 544 23.07 -4.88 8.58
N THR B 545 23.40 -5.08 7.31
CA THR B 545 24.13 -4.08 6.55
C THR B 545 23.26 -2.83 6.34
N ALA B 546 22.03 -3.04 5.91
CA ALA B 546 21.09 -1.94 5.72
C ALA B 546 20.85 -1.18 7.02
N ILE B 547 20.83 -1.91 8.13
CA ILE B 547 20.74 -1.29 9.46
C ILE B 547 21.88 -0.30 9.65
N GLN B 548 23.06 -0.66 9.15
CA GLN B 548 24.22 0.21 9.24
C GLN B 548 24.11 1.39 8.27
N LEU B 549 23.88 1.08 6.99
CA LEU B 549 23.78 2.10 5.96
C LEU B 549 22.74 3.17 6.30
N PHE B 550 21.60 2.76 6.83
CA PHE B 550 20.58 3.74 7.18
C PHE B 550 21.05 4.68 8.28
N ILE B 551 21.73 4.15 9.29
CA ILE B 551 22.27 5.00 10.36
C ILE B 551 23.32 5.93 9.77
N ALA B 552 24.13 5.41 8.86
CA ALA B 552 25.11 6.23 8.15
C ALA B 552 24.45 7.41 7.47
N ASP B 553 23.42 7.13 6.67
CA ASP B 553 22.67 8.18 5.99
C ASP B 553 21.99 9.11 7.00
N TYR B 554 21.46 8.51 8.06
CA TYR B 554 20.69 9.21 9.08
C TYR B 554 21.55 10.23 9.82
N ARG B 555 22.77 9.83 10.18
CA ARG B 555 23.67 10.68 10.96
C ARG B 555 24.24 11.84 10.13
N TYR B 556 24.47 11.60 8.84
CA TYR B 556 24.94 12.67 7.96
C TYR B 556 23.80 13.63 7.64
N THR B 557 22.65 13.08 7.25
CA THR B 557 21.50 13.90 6.90
C THR B 557 21.11 14.84 8.04
N TYR B 558 20.96 14.27 9.23
CA TYR B 558 20.54 15.05 10.40
C TYR B 558 21.72 15.54 11.23
N LYS B 559 22.93 15.32 10.73
CA LYS B 559 24.14 15.84 11.37
C LYS B 559 24.15 15.54 12.87
N CYS B 560 24.12 14.24 13.20
CA CYS B 560 24.08 13.81 14.59
C CYS B 560 24.97 12.59 14.82
N HIS B 561 26.26 12.77 14.60
CA HIS B 561 27.23 11.69 14.77
C HIS B 561 27.45 11.40 16.25
N ARG B 562 28.14 10.29 16.52
CA ARG B 562 28.38 9.85 17.90
C ARG B 562 28.99 10.95 18.77
N GLY B 563 28.46 11.09 19.98
CA GLY B 563 28.95 12.09 20.90
C GLY B 563 30.41 11.90 21.26
N ASP B 564 30.88 10.67 21.17
CA ASP B 564 32.29 10.38 21.45
C ASP B 564 33.16 10.66 20.22
N SER B 565 32.55 10.67 19.03
CA SER B 565 33.29 10.97 17.82
C SER B 565 33.67 12.45 17.80
N LYS B 566 34.56 12.81 16.87
CA LYS B 566 35.09 14.18 16.81
C LYS B 566 34.71 14.87 15.51
N VAL B 567 33.52 14.58 15.00
CA VAL B 567 33.00 15.25 13.82
C VAL B 567 32.46 16.62 14.23
N GLU B 568 32.90 17.66 13.53
CA GLU B 568 32.55 19.02 13.91
C GLU B 568 31.26 19.49 13.23
N GLY B 569 30.58 20.42 13.90
CA GLY B 569 29.31 20.94 13.41
C GLY B 569 28.62 21.71 14.53
N LYS B 570 27.68 22.58 14.16
CA LYS B 570 26.97 23.39 15.13
C LYS B 570 26.24 22.53 16.15
N ARG B 571 25.54 21.52 15.65
CA ARG B 571 24.83 20.59 16.52
C ARG B 571 25.81 19.71 17.30
N MET B 572 26.80 19.16 16.59
CA MET B 572 27.80 18.27 17.19
C MET B 572 28.48 18.89 18.40
N LYS B 573 28.68 20.21 18.35
CA LYS B 573 29.31 20.93 19.44
C LYS B 573 28.51 20.79 20.73
N ILE B 574 27.18 20.72 20.58
CA ILE B 574 26.29 20.54 21.73
C ILE B 574 26.12 19.06 22.05
N ILE B 575 26.07 18.23 21.00
CA ILE B 575 25.98 16.78 21.17
C ILE B 575 27.12 16.26 22.02
N LYS B 576 28.33 16.73 21.76
CA LYS B 576 29.50 16.33 22.52
C LYS B 576 29.34 16.71 24.00
N GLU B 577 28.82 17.90 24.25
CA GLU B 577 28.54 18.35 25.62
C GLU B 577 27.54 17.40 26.27
N LEU B 578 26.45 17.12 25.56
CA LEU B 578 25.44 16.19 26.05
C LEU B 578 26.06 14.83 26.34
N TRP B 579 27.00 14.42 25.50
CA TRP B 579 27.71 13.17 25.69
C TRP B 579 28.52 13.22 26.98
N GLU B 580 29.26 14.31 27.18
CA GLU B 580 30.02 14.48 28.41
C GLU B 580 29.12 14.58 29.65
N ASN B 581 27.98 15.25 29.53
CA ASN B 581 27.09 15.45 30.68
C ASN B 581 26.32 14.20 31.07
N THR B 582 25.76 13.52 30.09
CA THR B 582 24.91 12.36 30.34
C THR B 582 25.71 11.19 30.89
N LYS B 583 25.10 10.47 31.84
CA LYS B 583 25.72 9.28 32.42
C LYS B 583 25.32 8.04 31.61
N GLY B 584 24.02 7.86 31.42
CA GLY B 584 23.50 6.76 30.64
C GLY B 584 23.59 7.07 29.16
N ARG B 585 24.80 7.00 28.61
CA ARG B 585 25.05 7.35 27.22
C ARG B 585 24.34 6.42 26.25
N ASP B 586 24.27 5.14 26.58
CA ASP B 586 23.56 4.17 25.75
C ASP B 586 22.06 4.47 25.72
N GLY B 587 21.61 5.32 26.63
CA GLY B 587 20.22 5.74 26.66
C GLY B 587 19.93 6.85 25.67
N LEU B 588 20.98 7.53 25.22
CA LEU B 588 20.83 8.62 24.25
C LEU B 588 20.40 8.11 22.89
N LEU B 589 19.47 8.82 22.26
CA LEU B 589 19.07 8.51 20.89
C LEU B 589 20.18 8.89 19.93
N VAL B 590 20.17 8.29 18.73
CA VAL B 590 21.16 8.60 17.71
C VAL B 590 21.09 10.07 17.33
N ALA B 591 19.87 10.62 17.33
CA ALA B 591 19.66 12.03 17.01
C ALA B 591 20.42 12.93 17.99
N ASP B 592 20.65 12.42 19.20
CA ASP B 592 21.40 13.14 20.22
C ASP B 592 22.81 12.57 20.35
N GLY B 593 23.33 12.09 19.22
CA GLY B 593 24.68 11.55 19.17
C GLY B 593 24.83 10.30 20.02
N GLY B 594 23.73 9.58 20.19
CA GLY B 594 23.74 8.34 20.96
C GLY B 594 24.10 7.17 20.07
N PRO B 595 24.39 6.01 20.70
CA PRO B 595 24.82 4.81 19.96
C PRO B 595 23.64 4.04 19.39
N ASN B 596 23.82 3.47 18.20
CA ASN B 596 22.78 2.66 17.58
C ASN B 596 22.67 1.29 18.25
N ILE B 597 21.51 1.03 18.85
CA ILE B 597 21.30 -0.20 19.61
C ILE B 597 20.43 -1.19 18.86
N TYR B 598 20.01 -0.83 17.65
CA TYR B 598 19.13 -1.67 16.85
C TYR B 598 19.84 -2.90 16.29
N ASN B 599 19.07 -3.98 16.11
CA ASN B 599 19.53 -5.17 15.42
C ASN B 599 18.33 -5.84 14.76
N LEU B 600 18.53 -7.03 14.22
CA LEU B 600 17.46 -7.72 13.50
C LEU B 600 16.22 -7.94 14.37
N ARG B 601 16.43 -8.28 15.64
CA ARG B 601 15.34 -8.74 16.49
C ARG B 601 14.45 -7.63 17.04
N ASN B 602 14.96 -6.41 17.13
CA ASN B 602 14.20 -5.31 17.71
C ASN B 602 13.97 -4.16 16.73
N LEU B 603 13.82 -4.48 15.46
CA LEU B 603 13.46 -3.49 14.45
C LEU B 603 12.08 -2.93 14.72
N HIS B 604 11.20 -3.75 15.28
CA HIS B 604 9.80 -3.39 15.46
C HIS B 604 9.55 -2.59 16.73
N ILE B 605 10.62 -2.24 17.45
CA ILE B 605 10.49 -1.52 18.71
C ILE B 605 11.01 -0.08 18.58
N PRO B 606 10.19 0.91 18.96
CA PRO B 606 10.65 2.31 18.92
C PRO B 606 11.91 2.53 19.76
N GLU B 607 12.79 3.38 19.27
CA GLU B 607 14.10 3.61 19.91
C GLU B 607 13.96 4.15 21.33
N ILE B 608 13.03 5.10 21.51
CA ILE B 608 12.77 5.66 22.82
C ILE B 608 12.33 4.56 23.79
N VAL B 609 11.40 3.72 23.35
CA VAL B 609 10.90 2.63 24.17
C VAL B 609 12.02 1.64 24.49
N LEU B 610 12.87 1.35 23.51
CA LEU B 610 14.03 0.50 23.73
C LEU B 610 14.92 1.09 24.82
N LYS B 611 15.32 2.33 24.62
CA LYS B 611 16.35 2.95 25.46
C LYS B 611 15.83 3.60 26.74
N TYR B 612 14.50 3.75 26.86
CA TYR B 612 13.88 4.43 28.00
C TYR B 612 14.53 4.15 29.35
N ASN B 613 14.68 2.87 29.71
CA ASN B 613 15.24 2.51 31.00
C ASN B 613 16.72 2.89 31.15
N LEU B 614 17.38 3.13 30.02
CA LEU B 614 18.81 3.48 30.02
C LEU B 614 19.04 4.99 30.09
N MET B 615 17.97 5.76 30.00
CA MET B 615 18.05 7.22 30.00
C MET B 615 18.19 7.77 31.41
N ASP B 616 18.71 8.99 31.51
CA ASP B 616 18.72 9.72 32.77
C ASP B 616 17.39 10.45 32.93
N PRO B 617 16.95 10.66 34.18
CA PRO B 617 15.65 11.31 34.41
C PRO B 617 15.53 12.68 33.75
N GLU B 618 16.57 13.50 33.85
CA GLU B 618 16.56 14.83 33.26
C GLU B 618 16.54 14.74 31.74
N TYR B 619 17.27 13.76 31.19
CA TYR B 619 17.35 13.60 29.74
C TYR B 619 16.02 13.14 29.16
N LYS B 620 15.38 12.17 29.81
CA LYS B 620 14.08 11.71 29.34
C LYS B 620 13.02 12.76 29.62
N GLY B 621 13.21 13.50 30.71
CA GLY B 621 12.32 14.60 31.05
C GLY B 621 12.34 15.69 30.00
N ARG B 622 13.54 16.11 29.62
CA ARG B 622 13.72 17.11 28.58
C ARG B 622 13.28 16.55 27.22
N LEU B 623 13.69 15.32 26.94
CA LEU B 623 13.41 14.68 25.66
C LEU B 623 11.92 14.47 25.44
N LEU B 624 11.19 14.27 26.53
CA LEU B 624 9.76 13.95 26.45
C LEU B 624 8.93 14.96 27.22
N HIS B 625 9.45 16.18 27.35
CA HIS B 625 8.73 17.23 28.05
C HIS B 625 7.36 17.42 27.40
N PRO B 626 6.27 17.18 28.16
CA PRO B 626 4.91 17.22 27.61
C PRO B 626 4.60 18.46 26.77
N GLN B 627 4.95 19.64 27.27
CA GLN B 627 4.63 20.88 26.58
C GLN B 627 5.81 21.47 25.82
N ASN B 628 6.68 20.61 25.29
CA ASN B 628 7.82 21.10 24.53
C ASN B 628 7.34 21.82 23.27
N PRO B 629 8.11 22.82 22.81
CA PRO B 629 7.64 23.69 21.72
C PRO B 629 7.85 23.11 20.32
N PHE B 630 8.62 22.03 20.23
CA PHE B 630 9.01 21.48 18.94
C PHE B 630 7.88 20.71 18.25
N VAL B 631 7.05 20.04 19.03
CA VAL B 631 5.90 19.30 18.47
C VAL B 631 4.68 20.21 18.39
N GLY B 632 4.05 20.24 17.23
CA GLY B 632 2.92 21.13 16.99
C GLY B 632 1.60 20.50 17.38
N HIS B 633 0.50 21.16 16.99
CA HIS B 633 -0.84 20.66 17.27
C HIS B 633 -1.14 19.50 16.32
N LEU B 634 -0.95 18.28 16.82
CA LEU B 634 -1.11 17.08 16.01
C LEU B 634 -2.57 16.75 15.77
N SER B 635 -2.84 16.01 14.69
CA SER B 635 -4.19 15.56 14.35
C SER B 635 -4.14 14.16 13.76
N ILE B 636 -4.96 13.26 14.30
CA ILE B 636 -4.95 11.87 13.88
C ILE B 636 -5.69 11.69 12.55
N LYS B 653 0.99 5.22 0.85
CA LYS B 653 0.97 5.72 2.22
C LYS B 653 1.15 4.59 3.23
N MET B 654 2.02 4.82 4.21
CA MET B 654 2.22 3.89 5.32
C MET B 654 2.39 4.64 6.63
N ASP B 655 1.93 4.03 7.72
CA ASP B 655 2.05 4.61 9.04
C ASP B 655 3.12 3.87 9.84
N TYR B 656 3.63 4.55 10.87
CA TYR B 656 4.76 4.04 11.65
C TYR B 656 4.48 4.14 13.14
N ASP B 657 5.27 3.40 13.93
CA ASP B 657 5.18 3.46 15.38
C ASP B 657 6.31 4.30 15.96
N ALA B 658 5.95 5.44 16.54
CA ALA B 658 6.93 6.34 17.12
C ALA B 658 6.36 7.08 18.32
N VAL B 659 7.26 7.57 19.18
CA VAL B 659 6.88 8.29 20.39
C VAL B 659 7.02 9.79 20.17
N SER B 660 6.03 10.56 20.63
CA SER B 660 6.05 12.00 20.49
C SER B 660 7.04 12.64 21.45
N GLY B 661 8.23 12.96 20.94
CA GLY B 661 9.27 13.62 21.72
C GLY B 661 9.76 14.84 20.98
N THR B 662 10.83 15.45 21.51
CA THR B 662 11.37 16.68 20.95
C THR B 662 11.90 16.50 19.53
N HIS B 663 12.28 15.29 19.17
CA HIS B 663 12.77 15.01 17.83
C HIS B 663 11.62 14.88 16.84
N SER B 664 10.39 14.95 17.34
CA SER B 664 9.21 14.84 16.50
C SER B 664 8.76 16.22 16.05
N TRP B 665 9.66 16.96 15.41
CA TRP B 665 9.40 18.34 15.04
C TRP B 665 8.89 18.50 13.61
N ARG B 666 8.49 19.72 13.27
CA ARG B 666 8.07 20.08 11.92
C ARG B 666 8.89 21.24 11.39
N THR B 667 9.12 21.26 10.08
CA THR B 667 9.97 22.26 9.46
C THR B 667 9.23 23.57 9.20
N LYS B 668 9.98 24.59 8.79
CA LYS B 668 9.40 25.89 8.48
C LYS B 668 8.58 25.83 7.19
N ARG B 669 7.62 26.73 7.07
CA ARG B 669 6.82 26.85 5.86
C ARG B 669 7.65 27.45 4.74
N ASN B 670 7.38 27.04 3.51
CA ASN B 670 8.02 27.64 2.34
C ASN B 670 7.68 29.12 2.25
N ARG B 671 8.71 29.96 2.20
CA ARG B 671 8.53 31.40 2.38
C ARG B 671 8.42 32.18 1.07
N SER B 672 8.55 31.49 -0.05
CA SER B 672 8.48 32.13 -1.36
C SER B 672 7.17 32.88 -1.57
N ILE B 673 6.15 32.52 -0.81
CA ILE B 673 4.84 33.15 -0.95
C ILE B 673 4.87 34.59 -0.44
N LEU B 674 5.78 34.89 0.48
CA LEU B 674 5.83 36.20 1.13
C LEU B 674 5.97 37.35 0.14
N ASN B 675 6.77 37.17 -0.90
CA ASN B 675 6.96 38.22 -1.91
C ASN B 675 6.23 37.88 -3.20
N THR B 676 4.96 37.48 -3.06
CA THR B 676 4.03 37.37 -4.17
C THR B 676 2.69 37.90 -3.72
N ASP B 677 1.70 37.91 -4.61
CA ASP B 677 0.41 38.52 -4.30
C ASP B 677 -0.49 37.59 -3.49
N GLN B 678 0.02 36.43 -3.11
CA GLN B 678 -0.76 35.45 -2.35
C GLN B 678 -0.57 35.60 -0.84
N ARG B 679 0.09 36.68 -0.42
CA ARG B 679 0.28 36.98 1.00
C ARG B 679 -1.02 36.83 1.78
N ASN B 680 -2.10 37.28 1.17
CA ASN B 680 -3.44 37.23 1.76
C ASN B 680 -3.70 35.91 2.47
N MET B 681 -3.48 34.82 1.74
CA MET B 681 -3.78 33.48 2.23
C MET B 681 -3.13 33.18 3.58
N ILE B 682 -2.08 33.92 3.93
CA ILE B 682 -1.47 33.76 5.24
C ILE B 682 -2.41 34.30 6.31
N LEU B 683 -3.01 35.44 6.04
CA LEU B 683 -3.93 36.06 6.99
C LEU B 683 -5.24 35.30 6.97
N GLU B 684 -5.65 34.88 5.78
CA GLU B 684 -6.86 34.10 5.60
C GLU B 684 -6.73 32.78 6.36
N GLU B 685 -5.56 32.16 6.25
CA GLU B 685 -5.25 30.94 6.99
C GLU B 685 -5.33 31.18 8.49
N GLN B 686 -4.37 31.95 9.00
CA GLN B 686 -4.27 32.24 10.42
C GLN B 686 -5.60 32.71 11.03
N CYS B 687 -6.42 33.36 10.22
CA CYS B 687 -7.74 33.78 10.67
C CYS B 687 -8.58 32.56 11.02
N TYR B 688 -8.49 31.53 10.19
CA TYR B 688 -9.18 30.29 10.48
C TYR B 688 -8.51 29.63 11.67
N ALA B 689 -7.19 29.44 11.55
CA ALA B 689 -6.37 28.79 12.57
C ALA B 689 -6.71 29.24 13.98
N LYS B 690 -6.92 30.54 14.16
CA LYS B 690 -7.31 31.08 15.45
C LYS B 690 -8.65 30.52 15.90
N CYS B 691 -9.60 30.46 14.97
CA CYS B 691 -10.95 30.04 15.30
C CYS B 691 -10.97 28.56 15.60
N CYS B 692 -10.20 27.80 14.83
CA CYS B 692 -10.12 26.36 15.01
C CYS B 692 -9.34 26.00 16.27
N ASN B 693 -8.26 26.75 16.53
CA ASN B 693 -7.48 26.54 17.74
C ASN B 693 -8.31 26.80 18.99
N LEU B 694 -9.22 27.76 18.90
CA LEU B 694 -10.12 28.06 20.01
C LEU B 694 -11.20 27.00 20.10
N PHE B 695 -11.84 26.72 18.96
CA PHE B 695 -12.89 25.71 18.89
C PHE B 695 -12.40 24.36 19.42
N GLU B 696 -11.11 24.08 19.24
CA GLU B 696 -10.49 22.87 19.76
C GLU B 696 -10.34 22.95 21.28
N ALA B 697 -10.21 24.17 21.80
CA ALA B 697 -10.08 24.35 23.23
C ALA B 697 -11.44 24.21 23.89
N CYS B 698 -12.48 24.59 23.15
CA CYS B 698 -13.85 24.42 23.61
C CYS B 698 -14.29 22.98 23.50
N PHE B 699 -13.86 22.32 22.41
CA PHE B 699 -14.21 20.92 22.16
C PHE B 699 -12.94 20.11 21.91
N ASN B 700 -12.38 19.57 22.98
CA ASN B 700 -11.10 18.85 22.90
C ASN B 700 -11.10 17.68 21.93
N SER B 701 -12.27 17.08 21.71
CA SER B 701 -12.38 15.90 20.85
C SER B 701 -12.30 16.25 19.37
N ALA B 702 -12.38 17.55 19.06
CA ALA B 702 -12.40 18.02 17.67
C ALA B 702 -11.17 17.57 16.90
N SER B 703 -10.04 17.46 17.59
CA SER B 703 -8.80 17.01 16.97
C SER B 703 -8.89 15.55 16.56
N TYR B 704 -9.53 14.74 17.39
CA TYR B 704 -9.68 13.31 17.13
C TYR B 704 -10.86 13.04 16.21
N ARG B 705 -12.07 13.31 16.72
CA ARG B 705 -13.31 13.03 16.00
C ARG B 705 -13.80 14.25 15.24
N LYS B 706 -14.33 14.03 14.03
CA LYS B 706 -14.88 15.11 13.23
C LYS B 706 -16.16 15.65 13.89
N PRO B 707 -16.16 16.95 14.26
CA PRO B 707 -17.41 17.51 14.80
C PRO B 707 -18.52 17.52 13.75
N VAL B 708 -19.77 17.35 14.19
CA VAL B 708 -20.90 17.34 13.28
C VAL B 708 -21.92 18.39 13.69
N GLY B 709 -22.57 19.00 12.71
CA GLY B 709 -23.60 20.00 12.97
C GLY B 709 -23.74 21.01 11.85
N GLN B 710 -24.98 21.37 11.56
CA GLN B 710 -25.28 22.38 10.56
C GLN B 710 -25.48 23.74 11.22
N HIS B 711 -25.40 23.77 12.54
CA HIS B 711 -25.58 25.01 13.29
C HIS B 711 -24.30 25.83 13.29
N SER B 712 -24.37 27.02 13.90
CA SER B 712 -23.25 27.96 13.89
C SER B 712 -22.07 27.47 14.72
N MET B 713 -20.87 27.71 14.22
CA MET B 713 -19.64 27.33 14.89
C MET B 713 -19.48 28.10 16.19
N LEU B 714 -20.02 29.32 16.23
CA LEU B 714 -19.96 30.16 17.41
C LEU B 714 -20.93 29.67 18.48
N GLU B 715 -22.16 29.37 18.04
CA GLU B 715 -23.21 28.91 18.94
C GLU B 715 -22.74 27.78 19.84
N ALA B 716 -22.11 26.78 19.24
CA ALA B 716 -21.58 25.63 19.98
C ALA B 716 -20.64 26.07 21.09
N MET B 717 -19.72 26.96 20.75
CA MET B 717 -18.75 27.46 21.72
C MET B 717 -19.43 28.26 22.81
N ALA B 718 -20.41 29.08 22.43
CA ALA B 718 -21.16 29.88 23.39
C ALA B 718 -21.87 28.98 24.40
N HIS B 719 -22.67 28.04 23.90
CA HIS B 719 -23.38 27.10 24.76
C HIS B 719 -22.42 26.31 25.63
N ARG B 720 -21.41 25.71 25.01
CA ARG B 720 -20.45 24.89 25.74
C ARG B 720 -19.76 25.69 26.84
N LEU B 721 -19.35 26.91 26.53
CA LEU B 721 -18.69 27.75 27.52
C LEU B 721 -19.67 28.20 28.60
N ARG B 722 -20.93 28.41 28.22
CA ARG B 722 -21.95 28.77 29.18
C ARG B 722 -22.13 27.63 30.19
N MET B 723 -22.27 26.42 29.67
CA MET B 723 -22.41 25.24 30.52
C MET B 723 -21.17 25.02 31.38
N ASP B 724 -19.99 25.15 30.76
CA ASP B 724 -18.74 25.07 31.49
C ASP B 724 -18.72 26.06 32.64
N ALA B 725 -19.16 27.29 32.37
CA ALA B 725 -19.23 28.33 33.39
C ALA B 725 -20.20 27.93 34.51
N ARG B 726 -21.43 27.60 34.13
CA ARG B 726 -22.47 27.24 35.10
C ARG B 726 -22.03 26.09 35.99
N LEU B 727 -21.50 25.04 35.39
CA LEU B 727 -21.07 23.87 36.13
C LEU B 727 -19.83 24.17 36.96
N ASP B 728 -18.91 24.96 36.42
CA ASP B 728 -17.72 25.34 37.17
C ASP B 728 -18.09 26.22 38.36
N TYR B 729 -19.17 26.99 38.22
CA TYR B 729 -19.68 27.77 39.33
C TYR B 729 -20.36 26.88 40.37
N GLU B 730 -21.41 26.18 39.96
CA GLU B 730 -22.22 25.39 40.89
C GLU B 730 -21.42 24.26 41.53
N SER B 731 -20.42 23.75 40.83
CA SER B 731 -19.57 22.69 41.39
C SER B 731 -18.66 23.26 42.47
N GLY B 732 -18.27 24.51 42.30
CA GLY B 732 -17.42 25.21 43.25
C GLY B 732 -15.99 25.36 42.77
N ARG B 733 -15.83 25.69 41.50
CA ARG B 733 -14.52 25.99 40.93
C ARG B 733 -14.38 27.50 40.77
N MET B 734 -15.28 28.10 40.01
CA MET B 734 -15.29 29.54 39.79
C MET B 734 -16.01 30.25 40.93
N SER B 735 -15.59 31.48 41.20
CA SER B 735 -16.24 32.31 42.22
C SER B 735 -17.35 33.12 41.58
N LYS B 736 -18.20 33.71 42.42
CA LYS B 736 -19.32 34.54 41.95
C LYS B 736 -18.84 35.63 41.00
N ASP B 737 -17.66 36.19 41.30
CA ASP B 737 -17.06 37.20 40.44
C ASP B 737 -16.82 36.65 39.04
N ASP B 738 -16.12 35.52 38.98
CA ASP B 738 -15.79 34.90 37.70
C ASP B 738 -17.03 34.43 36.94
N PHE B 739 -18.01 33.91 37.67
CA PHE B 739 -19.25 33.45 37.06
C PHE B 739 -20.05 34.61 36.49
N GLU B 740 -20.22 35.66 37.30
CA GLU B 740 -20.95 36.84 36.85
C GLU B 740 -20.22 37.50 35.69
N LYS B 741 -18.90 37.56 35.76
CA LYS B 741 -18.09 38.10 34.68
C LYS B 741 -18.26 37.26 33.41
N ALA B 742 -18.20 35.95 33.57
CA ALA B 742 -18.36 35.04 32.45
C ALA B 742 -19.73 35.21 31.80
N MET B 743 -20.77 35.21 32.63
CA MET B 743 -22.14 35.36 32.13
C MET B 743 -22.34 36.76 31.53
N ALA B 744 -21.66 37.75 32.10
CA ALA B 744 -21.71 39.10 31.58
C ALA B 744 -21.09 39.15 30.18
N HIS B 745 -19.93 38.50 30.03
CA HIS B 745 -19.28 38.39 28.72
C HIS B 745 -20.19 37.68 27.72
N LEU B 746 -20.59 36.45 28.08
CA LEU B 746 -21.43 35.63 27.22
C LEU B 746 -22.74 36.31 26.86
N GLY B 747 -23.28 37.10 27.79
CA GLY B 747 -24.51 37.84 27.56
C GLY B 747 -24.40 38.75 26.35
N GLU B 748 -23.25 39.40 26.18
CA GLU B 748 -23.02 40.28 25.05
C GLU B 748 -22.92 39.48 23.75
N ILE B 749 -22.39 38.27 23.85
CA ILE B 749 -22.21 37.41 22.69
C ILE B 749 -23.51 36.72 22.33
N MET C 1 -10.35 28.00 33.78
CA MET C 1 -9.95 28.15 32.34
C MET C 1 -11.07 28.75 31.51
N THR C 2 -12.31 28.47 31.90
CA THR C 2 -13.49 28.94 31.17
C THR C 2 -13.46 30.45 30.93
N LEU C 3 -13.14 31.20 31.97
CA LEU C 3 -13.06 32.65 31.90
C LEU C 3 -12.07 33.09 30.82
N ALA C 4 -10.94 32.41 30.75
CA ALA C 4 -9.92 32.70 29.74
C ALA C 4 -10.44 32.40 28.33
N LYS C 5 -11.18 31.31 28.19
CA LYS C 5 -11.76 30.95 26.90
C LYS C 5 -12.76 32.01 26.46
N ILE C 6 -13.63 32.42 27.38
CA ILE C 6 -14.63 33.45 27.08
C ILE C 6 -13.97 34.78 26.76
N GLU C 7 -12.95 35.14 27.52
CA GLU C 7 -12.20 36.37 27.29
C GLU C 7 -11.53 36.34 25.91
N LEU C 8 -10.87 35.23 25.60
CA LEU C 8 -10.24 35.07 24.28
C LEU C 8 -11.30 35.08 23.19
N LEU C 9 -12.46 34.50 23.48
CA LEU C 9 -13.57 34.51 22.55
C LEU C 9 -14.03 35.93 22.27
N LYS C 10 -14.16 36.73 23.32
CA LYS C 10 -14.58 38.12 23.17
C LYS C 10 -13.51 38.92 22.42
N GLN C 11 -12.25 38.68 22.77
CA GLN C 11 -11.14 39.35 22.09
C GLN C 11 -11.11 38.97 20.60
N LEU C 12 -11.42 37.71 20.32
CA LEU C 12 -11.44 37.23 18.94
C LEU C 12 -12.62 37.81 18.17
N LEU C 13 -13.78 37.84 18.82
CA LEU C 13 -15.00 38.32 18.17
C LEU C 13 -14.93 39.79 17.75
N ARG C 14 -13.98 40.52 18.31
CA ARG C 14 -13.75 41.92 17.93
C ARG C 14 -13.34 41.99 16.46
N ASP C 15 -12.46 41.08 16.06
CA ASP C 15 -12.02 40.99 14.68
C ASP C 15 -13.20 40.59 13.80
N ASN C 16 -13.67 41.53 12.98
CA ASN C 16 -14.84 41.30 12.13
C ASN C 16 -14.69 40.07 11.26
N GLU C 17 -13.48 39.83 10.78
CA GLU C 17 -13.18 38.64 9.99
C GLU C 17 -13.47 37.38 10.80
N ALA C 18 -12.87 37.29 11.98
CA ALA C 18 -13.06 36.14 12.87
C ALA C 18 -14.53 35.97 13.26
N LYS C 19 -15.21 37.08 13.52
CA LYS C 19 -16.62 37.07 13.86
C LYS C 19 -17.44 36.47 12.73
N THR C 20 -17.24 37.01 11.52
CA THR C 20 -17.95 36.52 10.34
C THR C 20 -17.61 35.05 10.07
N VAL C 21 -16.35 34.68 10.27
CA VAL C 21 -15.93 33.30 10.11
C VAL C 21 -16.68 32.39 11.09
N LEU C 22 -16.70 32.79 12.36
CA LEU C 22 -17.36 32.02 13.40
C LEU C 22 -18.87 31.94 13.17
N LYS C 23 -19.46 33.03 12.70
CA LYS C 23 -20.91 33.07 12.45
C LYS C 23 -21.31 32.31 11.18
N GLN C 24 -20.50 32.41 10.13
CA GLN C 24 -20.84 31.82 8.84
C GLN C 24 -20.43 30.34 8.74
N THR C 25 -19.26 30.00 9.26
CA THR C 25 -18.75 28.63 9.18
C THR C 25 -19.57 27.70 10.06
N THR C 26 -19.81 26.49 9.57
CA THR C 26 -20.60 25.48 10.31
C THR C 26 -19.68 24.49 11.00
N VAL C 27 -20.25 23.73 11.94
CA VAL C 27 -19.49 22.74 12.70
C VAL C 27 -18.94 21.65 11.78
N ASP C 28 -19.66 21.37 10.70
CA ASP C 28 -19.16 20.46 9.67
C ASP C 28 -17.97 21.07 8.98
N GLN C 29 -18.15 22.29 8.50
CA GLN C 29 -17.14 22.98 7.72
C GLN C 29 -15.86 23.26 8.50
N TYR C 30 -15.93 23.14 9.83
CA TYR C 30 -14.72 23.20 10.66
C TYR C 30 -13.68 22.24 10.10
N ASN C 31 -14.14 21.06 9.71
CA ASN C 31 -13.27 20.04 9.13
C ASN C 31 -12.59 20.49 7.85
N ILE C 32 -13.14 21.52 7.21
CA ILE C 32 -12.55 22.07 5.98
C ILE C 32 -11.57 23.19 6.32
N ILE C 33 -12.05 24.21 7.04
CA ILE C 33 -11.24 25.39 7.32
C ILE C 33 -10.02 25.08 8.20
N ARG C 34 -10.03 23.93 8.85
CA ARG C 34 -8.88 23.50 9.66
C ARG C 34 -7.73 23.14 8.74
N LYS C 35 -8.04 22.47 7.63
CA LYS C 35 -7.03 21.98 6.70
C LYS C 35 -6.65 23.04 5.67
N PHE C 36 -7.17 24.26 5.84
CA PHE C 36 -6.83 25.37 4.96
C PHE C 36 -5.47 25.95 5.31
N ASN C 37 -4.57 25.99 4.33
CA ASN C 37 -3.25 26.58 4.53
C ASN C 37 -2.54 26.87 3.22
N THR C 38 -1.47 27.64 3.30
CA THR C 38 -0.65 27.98 2.13
C THR C 38 0.27 26.82 1.78
N SER C 39 0.41 25.87 2.70
CA SER C 39 1.32 24.75 2.52
C SER C 39 1.01 23.95 1.26
N ARG C 40 2.05 23.33 0.71
CA ARG C 40 1.94 22.51 -0.48
C ARG C 40 2.45 21.11 -0.16
N ILE C 41 2.03 20.12 -0.94
CA ILE C 41 2.42 18.74 -0.71
C ILE C 41 3.85 18.52 -1.22
N GLU C 42 4.72 18.07 -0.32
CA GLU C 42 6.11 17.81 -0.65
C GLU C 42 6.24 16.53 -1.47
N LYS C 43 6.69 16.66 -2.71
CA LYS C 43 6.76 15.53 -3.63
C LYS C 43 8.08 14.78 -3.55
N ASN C 44 9.06 15.37 -2.86
CA ASN C 44 10.38 14.78 -2.75
C ASN C 44 11.01 15.05 -1.39
N PRO C 45 10.32 14.67 -0.31
CA PRO C 45 10.74 14.99 1.05
C PRO C 45 12.11 14.42 1.39
N SER C 46 12.45 13.27 0.80
CA SER C 46 13.77 12.67 0.98
C SER C 46 14.85 13.65 0.60
N LEU C 47 14.61 14.39 -0.48
CA LEU C 47 15.53 15.41 -0.95
C LEU C 47 15.38 16.70 -0.14
N ARG C 48 14.16 17.19 -0.05
CA ARG C 48 13.86 18.45 0.62
C ARG C 48 14.37 18.48 2.06
N MET C 49 14.39 17.33 2.71
CA MET C 49 14.93 17.24 4.06
C MET C 49 16.45 17.39 4.03
N LYS C 50 17.10 16.68 3.13
CA LYS C 50 18.56 16.74 3.01
C LYS C 50 18.99 18.16 2.66
N TRP C 51 18.18 18.83 1.84
CA TRP C 51 18.41 20.22 1.51
C TRP C 51 18.21 21.09 2.74
N ALA C 52 17.02 20.97 3.34
CA ALA C 52 16.63 21.80 4.47
C ALA C 52 17.59 21.68 5.65
N MET C 53 18.17 20.50 5.83
CA MET C 53 19.10 20.29 6.95
C MET C 53 20.41 21.05 6.77
N CYS C 54 20.68 21.51 5.55
CA CYS C 54 21.87 22.30 5.27
C CYS C 54 21.62 23.80 5.42
N SER C 55 20.38 24.17 5.73
CA SER C 55 20.02 25.57 5.93
C SER C 55 20.31 26.00 7.38
N ASN C 56 20.15 27.29 7.66
CA ASN C 56 20.48 27.83 8.97
C ASN C 56 19.40 27.58 10.02
N PHE C 57 18.15 27.85 9.67
CA PHE C 57 17.03 27.72 10.60
C PHE C 57 15.84 27.01 9.93
N PRO C 58 15.96 25.69 9.73
CA PRO C 58 14.91 24.91 9.05
C PRO C 58 13.66 24.63 9.89
N LEU C 59 13.79 24.56 11.21
CA LEU C 59 12.66 24.16 12.05
C LEU C 59 11.79 25.33 12.49
N ALA C 60 10.52 25.03 12.78
CA ALA C 60 9.57 26.03 13.26
C ALA C 60 9.11 25.71 14.68
N LEU C 61 9.19 26.71 15.56
CA LEU C 61 8.78 26.55 16.95
C LEU C 61 7.32 26.93 17.17
N THR C 62 6.78 26.47 18.28
CA THR C 62 5.44 26.86 18.71
C THR C 62 5.54 28.11 19.58
N LYS C 63 4.61 29.03 19.39
CA LYS C 63 4.62 30.26 20.16
C LYS C 63 4.18 29.99 21.60
N GLY C 64 5.09 30.24 22.54
CA GLY C 64 4.80 30.02 23.95
C GLY C 64 6.00 30.25 24.85
N ASP C 65 5.79 30.04 26.15
CA ASP C 65 6.85 30.26 27.14
C ASP C 65 8.01 29.30 26.97
N MET C 66 7.68 28.05 26.66
CA MET C 66 8.69 27.02 26.52
C MET C 66 9.61 27.32 25.34
N ALA C 67 9.09 28.02 24.34
CA ALA C 67 9.91 28.48 23.24
C ALA C 67 10.83 29.60 23.72
N ASN C 68 10.27 30.49 24.54
CA ASN C 68 11.02 31.63 25.06
C ASN C 68 12.10 31.22 26.05
N ARG C 69 12.03 29.98 26.54
CA ARG C 69 13.05 29.47 27.45
C ARG C 69 14.29 29.07 26.67
N ILE C 70 14.14 28.88 25.36
CA ILE C 70 15.27 28.65 24.47
C ILE C 70 15.94 29.99 24.16
N PRO C 71 17.26 30.08 24.36
CA PRO C 71 17.93 31.35 24.04
C PRO C 71 18.19 31.50 22.55
N LEU C 72 18.47 32.73 22.12
CA LEU C 72 18.70 33.01 20.70
C LEU C 72 19.94 32.28 20.19
N GLU C 73 21.04 32.41 20.92
CA GLU C 73 22.26 31.68 20.58
C GLU C 73 22.81 30.97 21.82
N TYR C 74 23.86 30.18 21.62
CA TYR C 74 24.48 29.47 22.73
C TYR C 74 25.93 29.14 22.39
N LYS C 75 26.83 29.78 23.11
CA LYS C 75 28.28 29.61 22.89
C LYS C 75 28.64 29.75 21.41
N GLY C 76 28.16 30.83 20.79
CA GLY C 76 28.48 31.12 19.40
C GLY C 76 27.46 30.56 18.43
N ILE C 77 26.83 29.46 18.80
CA ILE C 77 25.89 28.77 17.92
C ILE C 77 24.53 29.47 17.92
N GLN C 78 24.05 29.82 16.73
CA GLN C 78 22.72 30.39 16.59
C GLN C 78 21.66 29.31 16.74
N LEU C 79 20.92 29.33 17.85
CA LEU C 79 19.87 28.35 18.10
C LEU C 79 18.61 28.70 17.33
N LYS C 80 18.12 29.93 17.53
CA LYS C 80 16.89 30.39 16.89
C LYS C 80 17.02 31.83 16.39
N THR C 81 16.04 32.24 15.58
CA THR C 81 16.00 33.57 15.00
C THR C 81 14.74 34.32 15.41
N ASN C 82 14.75 35.64 15.24
CA ASN C 82 13.60 36.46 15.59
C ASN C 82 12.46 36.25 14.60
N ALA C 83 12.82 35.98 13.35
CA ALA C 83 11.85 35.83 12.28
C ALA C 83 10.85 34.71 12.58
N GLU C 84 9.56 35.05 12.50
CA GLU C 84 8.51 34.09 12.79
C GLU C 84 8.27 33.14 11.61
N ASP C 85 7.62 32.02 11.89
CA ASP C 85 7.22 31.07 10.86
C ASP C 85 5.81 31.42 10.38
N ILE C 86 5.58 31.27 9.07
CA ILE C 86 4.28 31.58 8.50
C ILE C 86 3.16 30.74 9.11
N GLY C 87 3.43 29.45 9.29
CA GLY C 87 2.45 28.53 9.82
C GLY C 87 2.17 28.70 11.31
N THR C 88 3.23 28.59 12.11
CA THR C 88 3.09 28.59 13.57
C THR C 88 3.03 30.00 14.16
N LYS C 89 3.56 30.96 13.41
CA LYS C 89 3.73 32.32 13.92
C LYS C 89 4.55 32.30 15.21
N GLY C 90 5.41 31.29 15.32
CA GLY C 90 6.40 31.23 16.38
C GLY C 90 7.77 31.36 15.76
N GLN C 91 8.79 31.56 16.60
CA GLN C 91 10.15 31.73 16.11
C GLN C 91 10.62 30.51 15.32
N MET C 92 11.55 30.73 14.38
CA MET C 92 12.18 29.64 13.66
C MET C 92 13.49 29.29 14.36
N CYS C 93 13.99 28.09 14.14
CA CYS C 93 15.21 27.66 14.82
C CYS C 93 15.97 26.60 14.03
N SER C 94 17.21 26.37 14.46
CA SER C 94 18.03 25.34 13.87
C SER C 94 17.85 24.05 14.65
N ILE C 95 18.21 22.94 14.02
CA ILE C 95 18.12 21.64 14.67
C ILE C 95 18.88 21.61 16.00
N ALA C 96 19.97 22.36 16.06
CA ALA C 96 20.77 22.47 17.28
C ALA C 96 19.87 22.77 18.49
N ALA C 97 18.90 23.66 18.28
CA ALA C 97 17.97 24.04 19.33
C ALA C 97 17.33 22.83 20.00
N VAL C 98 17.15 21.75 19.24
CA VAL C 98 16.65 20.51 19.80
C VAL C 98 17.70 19.93 20.75
N THR C 99 18.95 19.95 20.29
CA THR C 99 20.02 19.31 21.02
C THR C 99 20.32 20.09 22.30
N TRP C 100 20.08 21.39 22.24
CA TRP C 100 20.21 22.23 23.42
C TRP C 100 19.11 21.87 24.42
N TRP C 101 17.87 21.95 23.94
CA TRP C 101 16.72 21.67 24.78
C TRP C 101 16.85 20.34 25.50
N ASN C 102 17.34 19.33 24.79
CA ASN C 102 17.52 18.01 25.39
C ASN C 102 18.62 18.00 26.44
N THR C 103 19.55 18.94 26.33
CA THR C 103 20.72 18.95 27.21
C THR C 103 20.52 19.89 28.39
N TYR C 104 20.00 21.08 28.14
CA TYR C 104 19.86 22.10 29.18
C TYR C 104 18.46 22.69 29.27
N GLY C 105 17.49 22.02 28.65
CA GLY C 105 16.11 22.48 28.70
C GLY C 105 15.46 22.16 30.03
N PRO C 106 14.20 22.55 30.20
CA PRO C 106 13.45 22.28 31.44
C PRO C 106 13.04 20.81 31.56
N ILE C 107 13.26 20.22 32.72
CA ILE C 107 12.94 18.82 32.96
C ILE C 107 11.44 18.67 33.26
N GLY C 108 10.73 18.04 32.33
CA GLY C 108 9.28 17.93 32.43
C GLY C 108 8.78 16.66 33.09
N ASP C 109 7.49 16.63 33.35
CA ASP C 109 6.86 15.48 34.01
C ASP C 109 6.65 14.33 33.03
N THR C 110 7.19 13.16 33.37
CA THR C 110 7.06 11.98 32.53
C THR C 110 6.29 10.86 33.24
N GLU C 111 5.55 11.23 34.28
CA GLU C 111 4.76 10.27 35.05
C GLU C 111 3.53 9.86 34.25
N GLY C 112 3.37 8.56 34.04
CA GLY C 112 2.26 8.04 33.26
C GLY C 112 2.72 7.57 31.89
N PHE C 113 3.86 8.07 31.45
CA PHE C 113 4.42 7.76 30.14
C PHE C 113 4.45 6.25 29.84
N GLU C 114 4.83 5.44 30.81
CA GLU C 114 4.91 4.00 30.62
C GLU C 114 3.52 3.40 30.41
N ARG C 115 2.55 3.88 31.18
CA ARG C 115 1.18 3.39 31.07
C ARG C 115 0.54 3.87 29.77
N VAL C 116 0.90 5.07 29.33
CA VAL C 116 0.37 5.62 28.08
C VAL C 116 0.88 4.84 26.88
N TYR C 117 2.18 4.57 26.86
CA TYR C 117 2.81 3.83 25.76
C TYR C 117 3.03 2.36 26.13
N GLU C 118 2.24 1.88 27.07
CA GLU C 118 2.29 0.50 27.53
C GLU C 118 2.36 -0.48 26.36
N SER C 119 1.49 -0.27 25.38
CA SER C 119 1.37 -1.11 24.20
C SER C 119 2.73 -1.43 23.58
N PHE C 120 3.59 -0.43 23.50
CA PHE C 120 4.92 -0.60 22.93
C PHE C 120 5.83 -1.37 23.88
N PHE C 121 5.81 -0.99 25.16
CA PHE C 121 6.66 -1.64 26.16
C PHE C 121 6.38 -3.13 26.25
N LEU C 122 5.11 -3.50 26.07
CA LEU C 122 4.74 -4.91 26.08
C LEU C 122 5.51 -5.69 25.01
N ARG C 123 5.83 -5.06 23.88
CA ARG C 123 6.71 -5.68 22.90
C ARG C 123 8.09 -5.90 23.51
N LYS C 124 8.59 -4.86 24.17
CA LYS C 124 9.92 -4.88 24.74
C LYS C 124 10.03 -5.99 25.78
N MET C 125 8.98 -6.18 26.58
CA MET C 125 9.01 -7.30 27.53
C MET C 125 8.76 -8.62 26.81
N ARG C 126 7.95 -8.60 25.76
CA ARG C 126 7.76 -9.81 24.95
C ARG C 126 9.05 -10.23 24.22
N LEU C 127 9.97 -9.30 23.99
CA LEU C 127 11.28 -9.68 23.46
C LEU C 127 12.26 -10.00 24.58
N ASP C 128 12.39 -9.10 25.55
CA ASP C 128 13.33 -9.27 26.66
C ASP C 128 13.12 -10.59 27.41
N ASN C 129 11.86 -10.97 27.58
CA ASN C 129 11.52 -12.19 28.32
C ASN C 129 11.52 -13.44 27.43
N ALA C 130 11.66 -13.24 26.12
CA ALA C 130 11.61 -14.35 25.17
C ALA C 130 12.83 -15.26 25.31
N THR C 131 12.75 -16.42 24.67
CA THR C 131 13.86 -17.37 24.64
C THR C 131 13.98 -17.94 23.23
N TRP C 132 15.20 -17.90 22.69
CA TRP C 132 15.44 -18.34 21.32
C TRP C 132 15.86 -19.80 21.28
N GLY C 133 15.65 -20.43 20.13
CA GLY C 133 15.97 -21.83 19.94
C GLY C 133 16.96 -22.05 18.81
N ARG C 134 16.79 -23.17 18.11
CA ARG C 134 17.72 -23.55 17.04
C ARG C 134 17.42 -22.83 15.74
N ILE C 135 18.44 -22.67 14.91
CA ILE C 135 18.26 -22.21 13.55
C ILE C 135 18.53 -23.39 12.62
N THR C 136 17.64 -23.62 11.66
CA THR C 136 17.78 -24.77 10.76
C THR C 136 17.67 -24.34 9.31
N PHE C 137 18.63 -24.77 8.50
CA PHE C 137 18.64 -24.44 7.08
C PHE C 137 17.97 -25.55 6.27
N GLY C 138 17.11 -25.15 5.35
CA GLY C 138 16.33 -26.10 4.56
C GLY C 138 15.07 -25.42 4.05
N PRO C 139 14.46 -25.98 3.01
CA PRO C 139 13.32 -25.33 2.34
C PRO C 139 12.18 -24.98 3.29
N VAL C 140 11.43 -23.94 2.94
CA VAL C 140 10.27 -23.52 3.71
C VAL C 140 9.15 -23.08 2.77
N GLU C 141 8.02 -23.76 2.83
CA GLU C 141 6.84 -23.34 2.10
C GLU C 141 6.17 -22.19 2.85
N ARG C 142 6.15 -21.02 2.23
CA ARG C 142 5.50 -19.87 2.82
C ARG C 142 4.13 -19.66 2.19
N VAL C 143 3.10 -19.64 3.02
CA VAL C 143 1.74 -19.40 2.55
C VAL C 143 1.36 -17.97 2.87
N ARG C 144 0.92 -17.24 1.84
CA ARG C 144 0.58 -15.83 1.99
C ARG C 144 -0.84 -15.64 2.51
N LYS C 145 -0.94 -15.21 3.77
CA LYS C 145 -2.23 -15.09 4.45
C LYS C 145 -2.39 -13.78 5.21
N ARG C 146 -3.63 -13.31 5.30
CA ARG C 146 -3.95 -12.15 6.12
C ARG C 146 -3.75 -12.51 7.59
N VAL C 147 -2.97 -11.69 8.30
CA VAL C 147 -2.69 -11.95 9.71
C VAL C 147 -2.64 -10.67 10.53
N LEU C 148 -2.84 -10.82 11.84
CA LEU C 148 -2.79 -9.70 12.77
C LEU C 148 -1.35 -9.35 13.06
N LEU C 149 -0.99 -8.09 12.80
CA LEU C 149 0.38 -7.64 12.92
C LEU C 149 0.83 -7.49 14.37
N ASN C 150 -0.04 -6.91 15.21
CA ASN C 150 0.30 -6.68 16.61
C ASN C 150 -0.80 -7.13 17.56
N PRO C 151 -0.42 -7.62 18.76
CA PRO C 151 -1.41 -8.07 19.74
C PRO C 151 -2.17 -6.92 20.38
N LEU C 152 -3.50 -7.02 20.41
CA LEU C 152 -4.35 -5.94 20.89
C LEU C 152 -4.74 -6.13 22.36
N THR C 153 -5.40 -5.11 22.91
CA THR C 153 -5.97 -5.20 24.25
C THR C 153 -7.35 -5.83 24.17
N LYS C 154 -8.15 -5.36 23.19
CA LYS C 154 -9.47 -5.91 22.94
C LYS C 154 -9.95 -5.45 21.57
N GLU C 155 -10.07 -6.40 20.65
CA GLU C 155 -10.39 -6.08 19.26
C GLU C 155 -11.82 -5.61 19.07
N MET C 156 -11.96 -4.44 18.46
CA MET C 156 -13.26 -3.85 18.15
C MET C 156 -13.24 -3.33 16.72
N PRO C 157 -14.43 -3.15 16.11
CA PRO C 157 -14.47 -2.38 14.87
C PRO C 157 -14.13 -0.91 15.16
N PRO C 158 -13.56 -0.18 14.17
CA PRO C 158 -13.19 1.22 14.33
C PRO C 158 -14.28 2.08 14.98
N ASP C 159 -15.52 1.96 14.49
CA ASP C 159 -16.64 2.73 15.03
C ASP C 159 -16.84 2.45 16.51
N GLU C 160 -16.74 1.18 16.88
CA GLU C 160 -16.93 0.78 18.27
C GLU C 160 -15.76 1.26 19.12
N ALA C 161 -14.56 1.20 18.56
CA ALA C 161 -13.35 1.60 19.28
C ALA C 161 -13.33 3.10 19.55
N SER C 162 -13.66 3.88 18.53
CA SER C 162 -13.63 5.33 18.63
C SER C 162 -14.58 5.82 19.73
N ASN C 163 -15.73 5.17 19.85
CA ASN C 163 -16.69 5.53 20.89
C ASN C 163 -16.14 5.24 22.28
N VAL C 164 -15.43 4.12 22.41
CA VAL C 164 -14.80 3.78 23.69
C VAL C 164 -13.71 4.79 24.01
N ILE C 165 -12.86 5.08 23.04
CA ILE C 165 -11.84 6.11 23.18
C ILE C 165 -12.49 7.43 23.58
N MET C 166 -13.62 7.72 22.96
CA MET C 166 -14.35 8.95 23.23
C MET C 166 -14.88 8.94 24.67
N GLU C 167 -15.38 7.79 25.11
CA GLU C 167 -15.85 7.63 26.47
C GLU C 167 -14.71 7.80 27.47
N ILE C 168 -13.54 7.27 27.12
CA ILE C 168 -12.38 7.38 27.99
C ILE C 168 -11.87 8.80 28.09
N LEU C 169 -11.63 9.44 26.95
CA LEU C 169 -10.91 10.72 26.90
C LEU C 169 -11.81 11.95 26.94
N PHE C 170 -12.93 11.91 26.22
CA PHE C 170 -13.83 13.07 26.12
C PHE C 170 -15.26 12.65 26.44
N PRO C 171 -15.54 12.32 27.71
CA PRO C 171 -16.83 11.75 28.08
C PRO C 171 -18.00 12.70 27.81
N LYS C 172 -17.76 13.99 27.95
CA LYS C 172 -18.81 14.99 27.78
C LYS C 172 -19.23 15.15 26.31
N GLU C 173 -18.34 14.77 25.40
CA GLU C 173 -18.57 14.99 23.97
C GLU C 173 -18.88 13.70 23.22
N ALA C 174 -19.20 12.64 23.96
CA ALA C 174 -19.43 11.33 23.37
C ALA C 174 -20.72 11.29 22.55
N GLY C 175 -21.69 12.11 22.94
CA GLY C 175 -22.95 12.18 22.23
C GLY C 175 -23.93 11.08 22.61
N ILE C 176 -24.46 10.39 21.61
CA ILE C 176 -25.46 9.36 21.85
C ILE C 176 -24.82 8.11 22.48
N PRO C 177 -25.38 7.64 23.62
CA PRO C 177 -24.83 6.41 24.22
C PRO C 177 -25.00 5.17 23.34
N ARG C 178 -23.95 4.36 23.25
CA ARG C 178 -24.00 3.10 22.53
C ARG C 178 -23.96 1.94 23.51
N GLU C 179 -24.24 0.73 23.04
CA GLU C 179 -24.19 -0.45 23.90
C GLU C 179 -22.76 -0.78 24.30
N SER C 180 -21.82 -0.42 23.42
CA SER C 180 -20.40 -0.67 23.64
C SER C 180 -19.94 -0.27 25.05
N THR C 181 -20.38 0.90 25.48
CA THR C 181 -20.03 1.42 26.81
C THR C 181 -20.31 0.40 27.90
N TRP C 182 -21.49 -0.22 27.83
CA TRP C 182 -21.90 -1.20 28.82
C TRP C 182 -21.10 -2.49 28.72
N ILE C 183 -20.65 -2.81 27.50
CA ILE C 183 -19.92 -4.04 27.25
C ILE C 183 -18.46 -3.93 27.73
N HIS C 184 -17.88 -2.75 27.55
CA HIS C 184 -16.47 -2.53 27.88
C HIS C 184 -16.30 -1.59 29.06
N ARG C 185 -17.32 -1.51 29.91
CA ARG C 185 -17.30 -0.58 31.04
C ARG C 185 -16.07 -0.79 31.93
N GLU C 186 -15.63 -2.05 32.02
CA GLU C 186 -14.48 -2.38 32.85
C GLU C 186 -13.19 -1.90 32.19
N LEU C 187 -13.12 -2.06 30.88
CA LEU C 187 -11.96 -1.58 30.12
C LEU C 187 -11.88 -0.07 30.23
N ILE C 188 -13.01 0.60 30.00
CA ILE C 188 -13.10 2.05 30.14
C ILE C 188 -12.67 2.47 31.54
N LYS C 189 -13.24 1.83 32.55
CA LYS C 189 -12.85 2.08 33.94
C LYS C 189 -11.34 1.99 34.10
N GLU C 190 -10.77 0.88 33.63
CA GLU C 190 -9.33 0.62 33.74
C GLU C 190 -8.50 1.71 33.07
N LYS C 191 -8.73 1.93 31.79
CA LYS C 191 -7.96 2.91 31.03
C LYS C 191 -8.14 4.31 31.61
N ARG C 192 -9.35 4.61 32.07
CA ARG C 192 -9.61 5.87 32.75
C ARG C 192 -8.73 5.99 33.99
N GLU C 193 -8.69 4.94 34.80
CA GLU C 193 -7.82 4.93 35.97
C GLU C 193 -6.33 5.00 35.62
N LYS C 194 -5.91 4.30 34.56
CA LYS C 194 -4.49 4.25 34.20
C LYS C 194 -3.98 5.54 33.59
N LEU C 195 -4.83 6.25 32.84
CA LEU C 195 -4.43 7.44 32.09
C LEU C 195 -4.90 8.74 32.73
N LYS C 196 -5.10 8.73 34.05
CA LYS C 196 -5.65 9.89 34.72
C LYS C 196 -4.62 11.01 34.90
N GLY C 197 -3.55 10.72 35.63
CA GLY C 197 -2.62 11.75 36.05
C GLY C 197 -1.66 12.29 35.00
N THR C 198 -1.58 11.63 33.85
CA THR C 198 -0.59 11.99 32.84
C THR C 198 -0.81 13.39 32.27
N MET C 199 0.26 13.98 31.75
CA MET C 199 0.22 15.33 31.20
C MET C 199 0.25 15.32 29.67
N ILE C 200 0.30 14.13 29.09
CA ILE C 200 0.42 14.00 27.64
C ILE C 200 -0.89 14.37 26.94
N THR C 201 -0.76 14.95 25.76
CA THR C 201 -1.92 15.46 25.02
C THR C 201 -2.88 14.33 24.66
N PRO C 202 -4.19 14.53 24.89
CA PRO C 202 -5.22 13.53 24.58
C PRO C 202 -5.12 12.93 23.18
N ILE C 203 -4.74 13.75 22.19
CA ILE C 203 -4.71 13.30 20.80
C ILE C 203 -3.70 12.16 20.65
N VAL C 204 -2.71 12.11 21.53
CA VAL C 204 -1.75 11.01 21.56
C VAL C 204 -2.36 9.78 22.23
N LEU C 205 -3.04 10.00 23.35
CA LEU C 205 -3.71 8.92 24.07
C LEU C 205 -4.71 8.21 23.17
N ALA C 206 -5.46 8.98 22.38
CA ALA C 206 -6.43 8.40 21.45
C ALA C 206 -5.72 7.56 20.38
N TYR C 207 -4.56 8.03 19.95
CA TYR C 207 -3.76 7.31 18.96
C TYR C 207 -3.29 5.98 19.55
N MET C 208 -2.67 6.03 20.72
CA MET C 208 -2.17 4.81 21.36
C MET C 208 -3.29 3.85 21.73
N LEU C 209 -4.44 4.39 22.13
CA LEU C 209 -5.62 3.56 22.38
C LEU C 209 -6.07 2.87 21.11
N GLU C 210 -6.27 3.67 20.06
CA GLU C 210 -6.68 3.15 18.77
C GLU C 210 -5.70 2.10 18.26
N ARG C 211 -4.41 2.28 18.56
CA ARG C 211 -3.40 1.30 18.19
C ARG C 211 -3.64 -0.05 18.87
N GLU C 212 -4.07 -0.02 20.12
CA GLU C 212 -4.25 -1.26 20.89
C GLU C 212 -5.72 -1.69 20.94
N LEU C 213 -6.62 -0.91 20.35
CA LEU C 213 -8.00 -1.37 20.13
C LEU C 213 -8.25 -1.81 18.69
N VAL C 214 -8.01 -0.92 17.72
CA VAL C 214 -8.24 -1.26 16.32
C VAL C 214 -7.18 -2.22 15.80
N ALA C 215 -7.60 -3.18 14.99
CA ALA C 215 -6.71 -4.24 14.50
C ALA C 215 -6.02 -3.85 13.20
N ARG C 216 -4.76 -4.26 13.07
CA ARG C 216 -4.01 -4.12 11.83
C ARG C 216 -3.79 -5.51 11.22
N ARG C 217 -4.66 -5.88 10.28
CA ARG C 217 -4.57 -7.19 9.65
C ARG C 217 -4.09 -7.09 8.20
N ARG C 218 -3.00 -7.76 7.89
CA ARG C 218 -2.36 -7.63 6.57
C ARG C 218 -1.85 -8.96 6.03
N PHE C 219 -1.84 -9.08 4.70
CA PHE C 219 -1.34 -10.28 4.04
C PHE C 219 0.16 -10.40 4.18
N LEU C 220 0.62 -11.56 4.62
CA LEU C 220 2.05 -11.83 4.75
C LEU C 220 2.39 -13.28 4.42
N PRO C 221 3.61 -13.53 3.93
CA PRO C 221 4.09 -14.90 3.79
C PRO C 221 4.40 -15.51 5.16
N VAL C 222 3.64 -16.53 5.53
CA VAL C 222 3.77 -17.15 6.85
C VAL C 222 4.05 -18.64 6.72
N ALA C 223 4.71 -19.20 7.72
CA ALA C 223 4.95 -20.63 7.80
C ALA C 223 5.02 -21.06 9.26
N GLY C 224 4.02 -21.81 9.71
CA GLY C 224 3.98 -22.34 11.06
C GLY C 224 3.27 -21.42 12.04
N ALA C 225 3.98 -20.43 12.55
CA ALA C 225 3.43 -19.52 13.55
C ALA C 225 2.64 -18.38 12.90
N THR C 226 1.48 -18.07 13.46
CA THR C 226 0.58 -17.06 12.91
C THR C 226 0.00 -16.15 14.00
N SER C 227 0.30 -16.45 15.26
CA SER C 227 -0.14 -15.62 16.37
C SER C 227 0.53 -14.26 16.26
N ALA C 228 -0.15 -13.22 16.74
CA ALA C 228 0.35 -11.85 16.63
C ALA C 228 1.76 -11.69 17.21
N GLU C 229 1.95 -12.21 18.42
CA GLU C 229 3.24 -12.12 19.10
C GLU C 229 4.33 -12.93 18.39
N PHE C 230 3.94 -13.68 17.37
CA PHE C 230 4.90 -14.32 16.47
C PHE C 230 5.06 -13.50 15.21
N ILE C 231 3.93 -13.02 14.67
CA ILE C 231 3.93 -12.20 13.47
C ILE C 231 4.82 -10.96 13.65
N GLU C 232 4.75 -10.34 14.82
CA GLU C 232 5.53 -9.14 15.09
C GLU C 232 7.04 -9.40 15.05
N MET C 233 7.42 -10.66 15.08
CA MET C 233 8.82 -11.08 15.02
C MET C 233 9.09 -11.87 13.74
N LEU C 234 8.10 -11.90 12.84
CA LEU C 234 8.14 -12.73 11.64
C LEU C 234 9.45 -12.65 10.85
N HIS C 235 10.00 -11.45 10.76
CA HIS C 235 11.24 -11.23 10.02
C HIS C 235 12.39 -12.09 10.53
N CYS C 236 12.33 -12.48 11.80
CA CYS C 236 13.37 -13.30 12.41
C CYS C 236 13.00 -14.78 12.45
N LEU C 237 11.71 -15.07 12.37
CA LEU C 237 11.23 -16.44 12.54
C LEU C 237 11.67 -17.39 11.43
N GLN C 238 11.72 -16.87 10.20
CA GLN C 238 11.91 -17.74 9.05
C GLN C 238 12.37 -16.98 7.81
N GLY C 239 12.81 -17.74 6.82
CA GLY C 239 13.10 -17.22 5.50
C GLY C 239 12.46 -18.14 4.48
N GLU C 240 13.05 -18.19 3.29
CA GLU C 240 12.63 -19.16 2.28
C GLU C 240 13.45 -20.43 2.45
N ASN C 241 14.66 -20.25 2.97
CA ASN C 241 15.64 -21.33 3.03
C ASN C 241 16.18 -21.57 4.44
N TRP C 242 15.53 -20.99 5.45
CA TRP C 242 15.95 -21.22 6.82
C TRP C 242 14.80 -21.02 7.81
N ARG C 243 14.98 -21.58 9.01
CA ARG C 243 13.98 -21.53 10.06
C ARG C 243 14.65 -21.15 11.38
N GLN C 244 13.93 -20.38 12.21
CA GLN C 244 14.44 -19.96 13.51
C GLN C 244 13.39 -20.18 14.60
N ILE C 245 13.72 -21.04 15.56
CA ILE C 245 12.82 -21.31 16.68
C ILE C 245 12.85 -20.16 17.69
N TYR C 246 11.67 -19.61 17.95
CA TYR C 246 11.52 -18.42 18.79
C TYR C 246 10.36 -18.59 19.76
N HIS C 247 10.62 -18.37 21.05
CA HIS C 247 9.60 -18.53 22.09
C HIS C 247 9.34 -17.20 22.79
N PRO C 248 8.28 -16.49 22.39
CA PRO C 248 8.01 -15.17 22.98
C PRO C 248 7.57 -15.24 24.44
N GLY C 249 7.95 -14.23 25.21
CA GLY C 249 7.60 -14.14 26.62
C GLY C 249 6.17 -13.71 26.81
N GLY C 250 5.77 -13.56 28.07
CA GLY C 250 4.41 -13.19 28.42
C GLY C 250 3.47 -14.38 28.35
N ASN C 251 2.22 -14.15 28.73
CA ASN C 251 1.19 -15.21 28.70
C ASN C 251 0.71 -15.46 27.28
N LYS C 252 0.32 -16.71 27.01
CA LYS C 252 -0.25 -17.07 25.71
C LYS C 252 -1.66 -17.60 25.88
N LEU C 253 -2.48 -17.40 24.86
CA LEU C 253 -3.89 -17.74 24.91
C LEU C 253 -4.11 -19.24 24.87
N THR C 254 -5.26 -19.68 25.36
CA THR C 254 -5.62 -21.10 25.34
C THR C 254 -6.09 -21.53 23.95
N GLU C 255 -6.95 -20.71 23.36
CA GLU C 255 -7.46 -20.97 22.02
C GLU C 255 -6.32 -21.07 21.02
N SER C 256 -5.24 -20.33 21.27
CA SER C 256 -4.08 -20.36 20.40
C SER C 256 -3.40 -21.73 20.47
N ARG C 257 -3.45 -22.35 21.65
CA ARG C 257 -2.97 -23.71 21.79
C ARG C 257 -3.93 -24.67 21.10
N SER C 258 -5.22 -24.49 21.38
CA SER C 258 -6.25 -25.32 20.79
C SER C 258 -6.17 -25.34 19.27
N GLN C 259 -5.85 -24.19 18.68
CA GLN C 259 -5.68 -24.09 17.23
C GLN C 259 -4.55 -24.97 16.72
N SER C 260 -3.36 -24.77 17.29
CA SER C 260 -2.16 -25.47 16.83
C SER C 260 -2.23 -26.97 17.12
N MET C 261 -2.62 -27.31 18.34
CA MET C 261 -2.78 -28.70 18.79
C MET C 261 -3.37 -29.60 17.70
N ILE C 262 -4.52 -29.17 17.17
CA ILE C 262 -5.22 -29.94 16.14
C ILE C 262 -4.34 -30.15 14.91
N VAL C 263 -3.76 -29.06 14.40
CA VAL C 263 -2.89 -29.13 13.23
C VAL C 263 -1.73 -30.10 13.48
N ALA C 264 -1.15 -29.99 14.68
CA ALA C 264 -0.03 -30.84 15.06
C ALA C 264 -0.45 -32.31 15.00
N CYS C 265 -1.54 -32.64 15.71
CA CYS C 265 -2.03 -34.01 15.74
C CYS C 265 -2.33 -34.53 14.34
N ARG C 266 -3.10 -33.76 13.57
CA ARG C 266 -3.39 -34.12 12.18
C ARG C 266 -2.11 -34.38 11.40
N LYS C 267 -1.13 -33.51 11.58
CA LYS C 267 0.12 -33.62 10.83
C LYS C 267 0.93 -34.85 11.26
N ILE C 268 0.89 -35.17 12.55
CA ILE C 268 1.50 -36.41 13.05
C ILE C 268 0.84 -37.61 12.38
N ILE C 269 -0.49 -37.63 12.47
CA ILE C 269 -1.28 -38.73 11.92
C ILE C 269 -1.01 -38.92 10.43
N ARG C 270 -1.17 -37.86 9.64
CA ARG C 270 -1.00 -37.93 8.20
C ARG C 270 0.31 -38.59 7.79
N ARG C 271 1.35 -38.38 8.60
CA ARG C 271 2.62 -39.03 8.36
C ARG C 271 2.58 -40.47 8.81
N SER C 272 2.20 -40.69 10.06
CA SER C 272 2.26 -42.04 10.64
C SER C 272 1.31 -43.06 9.97
N ILE C 273 0.34 -42.57 9.21
CA ILE C 273 -0.63 -43.44 8.52
C ILE C 273 0.06 -44.38 7.52
N VAL C 274 0.95 -43.83 6.70
CA VAL C 274 1.54 -44.59 5.59
C VAL C 274 2.51 -45.67 6.07
N ALA C 275 3.25 -45.38 7.14
CA ALA C 275 4.19 -46.34 7.68
C ALA C 275 3.44 -47.41 8.47
N SER C 276 3.84 -48.67 8.28
CA SER C 276 3.23 -49.78 9.01
C SER C 276 3.44 -49.58 10.50
N ASN C 277 2.50 -50.08 11.29
CA ASN C 277 2.46 -49.82 12.73
C ASN C 277 2.35 -48.31 13.04
N PRO C 278 1.33 -47.65 12.47
CA PRO C 278 1.09 -46.21 12.71
C PRO C 278 1.20 -45.75 14.16
N LEU C 279 0.63 -46.51 15.09
CA LEU C 279 0.65 -46.16 16.50
C LEU C 279 2.07 -45.89 16.99
N GLU C 280 3.00 -46.70 16.51
CA GLU C 280 4.40 -46.59 16.92
C GLU C 280 4.93 -45.21 16.55
N LEU C 281 4.78 -44.83 15.28
CA LEU C 281 5.23 -43.52 14.82
C LEU C 281 4.49 -42.40 15.54
N ALA C 282 3.16 -42.47 15.50
CA ALA C 282 2.31 -41.47 16.15
C ALA C 282 2.77 -41.21 17.59
N VAL C 283 3.01 -42.28 18.34
CA VAL C 283 3.48 -42.15 19.72
C VAL C 283 4.92 -41.62 19.76
N GLU C 284 5.79 -42.16 18.91
CA GLU C 284 7.18 -41.71 18.86
C GLU C 284 7.26 -40.20 18.65
N ILE C 285 6.51 -39.70 17.68
CA ILE C 285 6.50 -38.28 17.32
C ILE C 285 5.77 -37.45 18.36
N ALA C 286 4.53 -37.81 18.64
CA ALA C 286 3.72 -37.09 19.62
C ALA C 286 4.41 -36.96 20.98
N ASN C 287 5.22 -37.95 21.33
CA ASN C 287 6.01 -37.88 22.56
C ASN C 287 6.95 -36.68 22.56
N LYS C 288 7.46 -36.34 21.38
CA LYS C 288 8.53 -35.35 21.26
C LYS C 288 8.12 -34.14 20.42
N THR C 289 6.82 -33.94 20.25
CA THR C 289 6.33 -32.71 19.63
C THR C 289 6.16 -31.64 20.70
N VAL C 290 6.32 -30.39 20.30
CA VAL C 290 6.22 -29.27 21.22
C VAL C 290 5.43 -28.13 20.59
N ILE C 291 4.48 -27.60 21.36
CA ILE C 291 3.73 -26.41 20.96
C ILE C 291 4.29 -25.20 21.68
N ASP C 292 5.07 -24.39 20.95
CA ASP C 292 5.79 -23.27 21.52
C ASP C 292 6.66 -23.77 22.68
N THR C 293 6.10 -23.85 23.88
CA THR C 293 6.84 -24.30 25.05
C THR C 293 6.23 -25.57 25.64
N GLU C 294 4.92 -25.70 25.56
CA GLU C 294 4.23 -26.85 26.13
C GLU C 294 4.36 -28.10 25.25
N PRO C 295 4.66 -29.26 25.86
CA PRO C 295 4.59 -30.53 25.11
C PRO C 295 3.16 -30.89 24.72
N LEU C 296 3.00 -31.63 23.64
CA LEU C 296 1.68 -32.03 23.16
C LEU C 296 0.92 -32.81 24.23
N LYS C 297 1.65 -33.58 25.03
CA LYS C 297 1.08 -34.28 26.17
C LYS C 297 0.37 -33.30 27.10
N SER C 298 1.14 -32.35 27.61
CA SER C 298 0.63 -31.37 28.57
C SER C 298 -0.57 -30.63 28.00
N CYS C 299 -0.50 -30.29 26.71
CA CYS C 299 -1.58 -29.59 26.03
C CYS C 299 -2.85 -30.43 25.97
N LEU C 300 -2.73 -31.61 25.36
CA LEU C 300 -3.86 -32.53 25.23
C LEU C 300 -4.45 -32.87 26.60
N ALA C 301 -3.59 -32.95 27.60
CA ALA C 301 -4.03 -33.23 28.97
C ALA C 301 -4.78 -32.05 29.57
N ALA C 302 -4.18 -30.86 29.50
CA ALA C 302 -4.74 -29.69 30.15
C ALA C 302 -5.95 -29.12 29.43
N ILE C 303 -5.86 -28.99 28.10
CA ILE C 303 -6.95 -28.43 27.32
C ILE C 303 -8.08 -29.44 27.10
N ASP C 304 -9.31 -28.99 27.29
CA ASP C 304 -10.50 -29.81 27.04
C ASP C 304 -11.17 -29.42 25.74
N GLY C 305 -10.43 -29.56 24.64
CA GLY C 305 -10.93 -29.22 23.32
C GLY C 305 -10.86 -30.39 22.37
N GLY C 306 -9.84 -30.38 21.51
CA GLY C 306 -9.64 -31.46 20.56
C GLY C 306 -10.73 -31.51 19.50
N ASP C 307 -10.69 -32.54 18.66
CA ASP C 307 -11.71 -32.73 17.63
C ASP C 307 -11.84 -34.19 17.21
N VAL C 308 -10.77 -34.77 16.71
CA VAL C 308 -10.77 -36.12 16.16
C VAL C 308 -9.37 -36.68 16.31
N ALA C 309 -8.42 -35.99 15.70
CA ALA C 309 -7.01 -36.37 15.77
C ALA C 309 -6.52 -36.30 17.21
N CYS C 310 -6.91 -35.23 17.89
CA CYS C 310 -6.52 -35.02 19.29
C CYS C 310 -6.92 -36.20 20.15
N ASP C 311 -8.16 -36.67 20.01
CA ASP C 311 -8.61 -37.84 20.76
C ASP C 311 -7.77 -39.06 20.41
N ILE C 312 -7.53 -39.27 19.10
CA ILE C 312 -6.75 -40.41 18.64
C ILE C 312 -5.36 -40.43 19.25
N ILE C 313 -4.72 -39.27 19.32
CA ILE C 313 -3.42 -39.16 19.98
C ILE C 313 -3.56 -39.33 21.49
N ARG C 314 -4.59 -38.70 22.04
CA ARG C 314 -4.90 -38.78 23.47
C ARG C 314 -5.03 -40.24 23.91
N ALA C 315 -5.63 -41.06 23.05
CA ALA C 315 -5.77 -42.50 23.30
C ALA C 315 -4.49 -43.25 22.94
N ALA C 316 -3.57 -42.60 22.24
CA ALA C 316 -2.31 -43.23 21.85
C ALA C 316 -1.25 -43.03 22.93
N LEU C 317 -1.30 -41.91 23.63
CA LEU C 317 -0.42 -41.69 24.77
C LEU C 317 -1.03 -42.17 26.08
N GLY C 318 -2.37 -42.15 26.17
CA GLY C 318 -3.06 -42.68 27.33
C GLY C 318 -3.64 -41.60 28.21
N LEU C 319 -4.83 -41.15 27.84
CA LEU C 319 -5.61 -40.23 28.66
C LEU C 319 -7.03 -40.13 28.09
N LYS C 320 -7.94 -39.54 28.86
CA LYS C 320 -9.33 -39.38 28.45
C LYS C 320 -9.45 -38.74 27.07
N ILE C 321 -10.58 -38.97 26.40
CA ILE C 321 -10.81 -38.38 25.09
C ILE C 321 -12.13 -37.61 25.07
N ARG C 322 -12.02 -36.28 25.10
CA ARG C 322 -13.18 -35.41 25.05
C ARG C 322 -13.70 -35.31 23.63
N GLN C 323 -14.77 -36.04 23.33
CA GLN C 323 -15.40 -35.98 22.02
C GLN C 323 -16.23 -34.72 21.92
N ARG C 324 -15.57 -33.59 21.76
CA ARG C 324 -16.24 -32.29 21.71
C ARG C 324 -16.26 -31.71 20.30
N GLN C 325 -17.35 -31.05 19.95
CA GLN C 325 -17.49 -30.41 18.65
C GLN C 325 -17.79 -28.92 18.80
N ARG C 326 -17.53 -28.16 17.75
CA ARG C 326 -17.81 -26.73 17.73
C ARG C 326 -18.55 -26.34 16.45
N PHE C 327 -19.81 -25.96 16.60
CA PHE C 327 -20.59 -25.43 15.49
C PHE C 327 -20.66 -23.92 15.60
N GLY C 328 -19.68 -23.25 15.02
CA GLY C 328 -19.59 -21.81 15.12
C GLY C 328 -19.44 -21.36 16.57
N ARG C 329 -20.56 -21.01 17.18
CA ARG C 329 -20.57 -20.58 18.58
C ARG C 329 -21.03 -21.69 19.51
N LEU C 330 -21.68 -22.70 18.94
CA LEU C 330 -22.24 -23.78 19.74
C LEU C 330 -21.19 -24.83 20.09
N GLU C 331 -20.99 -25.06 21.38
CA GLU C 331 -20.03 -26.07 21.83
C GLU C 331 -20.74 -27.34 22.32
N LEU C 332 -20.33 -28.47 21.76
CA LEU C 332 -20.96 -29.76 22.01
C LEU C 332 -19.98 -30.75 22.61
N LYS C 333 -20.49 -31.60 23.50
CA LYS C 333 -19.78 -32.81 23.94
C LYS C 333 -20.69 -34.00 23.71
N ARG C 334 -20.10 -35.15 23.39
CA ARG C 334 -20.86 -36.34 23.04
C ARG C 334 -21.23 -37.16 24.25
N ILE C 335 -22.53 -37.39 24.46
CA ILE C 335 -22.99 -38.24 25.54
C ILE C 335 -23.11 -39.68 25.04
N SER C 336 -23.77 -39.84 23.90
CA SER C 336 -23.93 -41.16 23.29
C SER C 336 -24.36 -41.04 21.83
N GLY C 337 -24.26 -42.14 21.11
CA GLY C 337 -24.64 -42.18 19.71
C GLY C 337 -23.54 -41.69 18.80
N ARG C 338 -23.20 -42.50 17.80
CA ARG C 338 -22.18 -42.16 16.81
C ARG C 338 -22.77 -42.13 15.41
N GLY C 339 -23.02 -40.93 14.90
CA GLY C 339 -23.65 -40.76 13.60
C GLY C 339 -22.66 -40.82 12.45
N PHE C 340 -23.18 -40.95 11.23
CA PHE C 340 -22.35 -41.04 10.03
C PHE C 340 -22.79 -40.07 8.95
N LYS C 341 -21.83 -39.32 8.42
CA LYS C 341 -22.10 -38.30 7.40
C LYS C 341 -22.35 -38.95 6.04
N ASN C 342 -23.37 -38.46 5.34
CA ASN C 342 -23.71 -38.92 4.00
C ASN C 342 -24.11 -37.75 3.12
N ASP C 343 -23.43 -37.59 1.99
CA ASP C 343 -23.67 -36.47 1.09
C ASP C 343 -24.95 -36.66 0.28
N GLU C 344 -25.93 -35.78 0.52
CA GLU C 344 -27.20 -35.79 -0.21
C GLU C 344 -27.48 -34.41 -0.78
N GLU C 345 -28.47 -34.34 -1.66
CA GLU C 345 -28.91 -33.08 -2.23
C GLU C 345 -30.29 -32.71 -1.70
N ILE C 346 -30.37 -31.58 -1.00
CA ILE C 346 -31.60 -31.12 -0.37
C ILE C 346 -32.14 -29.89 -1.09
N LEU C 347 -33.43 -29.92 -1.41
CA LEU C 347 -34.14 -28.78 -1.97
C LEU C 347 -34.60 -27.86 -0.84
N ILE C 348 -33.84 -26.79 -0.60
CA ILE C 348 -34.06 -25.93 0.56
C ILE C 348 -35.25 -24.99 0.34
N GLY C 349 -35.85 -24.55 1.45
CA GLY C 349 -37.06 -23.74 1.45
C GLY C 349 -37.25 -22.70 0.36
N ASN C 350 -36.22 -21.89 0.10
CA ASN C 350 -36.36 -20.81 -0.88
C ASN C 350 -36.56 -21.34 -2.29
N GLY C 351 -36.17 -22.60 -2.51
CA GLY C 351 -36.38 -23.26 -3.79
C GLY C 351 -35.09 -23.46 -4.57
N THR C 352 -34.10 -24.06 -3.90
CA THR C 352 -32.81 -24.35 -4.54
C THR C 352 -32.22 -25.66 -4.03
N ILE C 353 -31.53 -26.36 -4.91
CA ILE C 353 -30.88 -27.62 -4.57
C ILE C 353 -29.52 -27.35 -3.93
N GLN C 354 -29.24 -28.03 -2.82
CA GLN C 354 -27.97 -27.86 -2.12
C GLN C 354 -27.37 -29.20 -1.69
N LYS C 355 -26.11 -29.41 -2.07
CA LYS C 355 -25.37 -30.60 -1.68
C LYS C 355 -24.90 -30.49 -0.24
N ILE C 356 -25.54 -31.25 0.66
CA ILE C 356 -25.24 -31.18 2.09
C ILE C 356 -24.95 -32.57 2.64
N GLY C 357 -24.02 -32.64 3.60
CA GLY C 357 -23.70 -33.89 4.26
C GLY C 357 -24.61 -34.13 5.46
N ILE C 358 -25.58 -35.02 5.28
CA ILE C 358 -26.56 -35.32 6.32
C ILE C 358 -26.01 -36.40 7.24
N TRP C 359 -26.22 -36.21 8.54
CA TRP C 359 -25.70 -37.14 9.53
C TRP C 359 -26.74 -38.18 9.94
N ASP C 360 -26.53 -39.41 9.48
CA ASP C 360 -27.42 -40.53 9.81
C ASP C 360 -27.10 -41.08 11.19
N GLY C 361 -28.13 -41.61 11.85
CA GLY C 361 -27.96 -42.23 13.16
C GLY C 361 -28.40 -41.32 14.29
N GLU C 362 -28.88 -41.94 15.37
CA GLU C 362 -29.31 -41.21 16.56
C GLU C 362 -28.09 -40.72 17.32
N GLU C 363 -28.23 -39.55 17.96
CA GLU C 363 -27.13 -38.97 18.72
C GLU C 363 -27.61 -38.15 19.90
N GLU C 364 -26.84 -38.17 20.99
CA GLU C 364 -27.14 -37.39 22.17
C GLU C 364 -25.91 -36.63 22.66
N PHE C 365 -26.03 -35.31 22.75
CA PHE C 365 -24.91 -34.45 23.13
C PHE C 365 -25.20 -33.65 24.40
N HIS C 366 -24.16 -33.34 25.16
CA HIS C 366 -24.23 -32.32 26.20
C HIS C 366 -23.84 -30.98 25.55
N VAL C 367 -24.77 -30.03 25.62
CA VAL C 367 -24.69 -28.82 24.81
C VAL C 367 -24.45 -27.56 25.64
N ARG C 368 -23.64 -26.65 25.10
CA ARG C 368 -23.43 -25.35 25.73
C ARG C 368 -23.18 -24.25 24.70
N CYS C 369 -23.86 -23.11 24.90
CA CYS C 369 -23.70 -21.92 24.07
C CYS C 369 -23.58 -20.69 24.96
N GLY C 370 -22.41 -20.06 24.95
CA GLY C 370 -22.15 -18.89 25.78
C GLY C 370 -22.37 -19.18 27.25
N GLU C 371 -23.53 -18.79 27.75
CA GLU C 371 -23.88 -19.00 29.15
C GLU C 371 -24.99 -20.05 29.30
N CYS C 372 -25.65 -20.35 28.18
CA CYS C 372 -26.80 -21.25 28.21
C CYS C 372 -26.39 -22.70 27.99
N ARG C 373 -26.78 -23.59 28.89
CA ARG C 373 -26.42 -25.00 28.83
C ARG C 373 -27.64 -25.87 28.56
N GLY C 374 -27.43 -27.09 28.08
CA GLY C 374 -28.52 -28.02 27.88
C GLY C 374 -28.08 -29.40 27.42
N ILE C 375 -29.06 -30.21 27.04
CA ILE C 375 -28.81 -31.54 26.49
C ILE C 375 -29.60 -31.70 25.21
N LEU C 376 -28.95 -32.27 24.19
CA LEU C 376 -29.55 -32.41 22.86
C LEU C 376 -29.68 -33.86 22.44
N LYS C 377 -30.88 -34.23 22.01
CA LYS C 377 -31.15 -35.57 21.48
C LYS C 377 -31.69 -35.42 20.06
N LYS C 378 -30.91 -35.90 19.08
CA LYS C 378 -31.27 -35.76 17.67
C LYS C 378 -31.17 -37.07 16.92
N SER C 379 -31.83 -37.12 15.77
CA SER C 379 -31.72 -38.23 14.84
C SER C 379 -31.61 -37.68 13.43
N LYS C 380 -31.55 -38.56 12.43
CA LYS C 380 -31.39 -38.15 11.04
C LYS C 380 -32.43 -37.11 10.63
N MET C 381 -31.98 -35.85 10.57
CA MET C 381 -32.83 -34.73 10.20
C MET C 381 -34.04 -34.60 11.12
N LYS C 382 -33.81 -34.62 12.43
CA LYS C 382 -34.89 -34.46 13.39
C LYS C 382 -34.40 -34.13 14.79
N LEU C 383 -34.95 -33.07 15.36
CA LEU C 383 -34.76 -32.77 16.78
C LEU C 383 -35.71 -33.61 17.61
N GLU C 384 -35.18 -34.64 18.28
CA GLU C 384 -36.01 -35.50 19.10
C GLU C 384 -36.30 -34.83 20.44
N LYS C 385 -35.26 -34.30 21.09
CA LYS C 385 -35.45 -33.55 22.33
C LYS C 385 -34.38 -32.48 22.50
N LEU C 386 -34.77 -31.37 23.14
CA LEU C 386 -33.84 -30.30 23.49
C LEU C 386 -34.12 -29.84 24.92
N LEU C 387 -33.31 -30.33 25.86
CA LEU C 387 -33.51 -30.07 27.29
C LEU C 387 -32.51 -29.02 27.79
N ILE C 388 -32.92 -27.76 27.78
CA ILE C 388 -32.01 -26.66 28.11
C ILE C 388 -32.32 -26.01 29.46
N ASN C 389 -31.40 -25.17 29.92
CA ASN C 389 -31.58 -24.40 31.14
C ASN C 389 -31.92 -22.95 30.81
N SER C 390 -32.36 -22.21 31.82
CA SER C 390 -32.68 -20.79 31.64
C SER C 390 -31.43 -19.93 31.71
N ALA C 391 -31.35 -18.91 30.87
CA ALA C 391 -30.21 -18.01 30.83
C ALA C 391 -30.59 -16.73 30.09
N LYS C 392 -29.58 -16.01 29.58
CA LYS C 392 -29.84 -14.79 28.85
C LYS C 392 -30.55 -15.10 27.54
N LYS C 393 -31.48 -14.23 27.15
CA LYS C 393 -32.37 -14.47 26.02
C LYS C 393 -31.62 -14.77 24.72
N GLU C 394 -30.56 -14.02 24.44
CA GLU C 394 -29.81 -14.20 23.21
C GLU C 394 -29.10 -15.55 23.20
N ASP C 395 -28.65 -15.99 24.38
CA ASP C 395 -27.99 -17.28 24.51
C ASP C 395 -28.96 -18.44 24.36
N MET C 396 -30.12 -18.32 25.01
CA MET C 396 -31.17 -19.32 24.87
C MET C 396 -31.58 -19.41 23.41
N ARG C 397 -31.90 -18.26 22.82
CA ARG C 397 -32.28 -18.20 21.41
C ARG C 397 -31.22 -18.82 20.51
N ASP C 398 -30.02 -18.29 20.57
CA ASP C 398 -28.93 -18.77 19.71
C ASP C 398 -28.61 -20.23 19.97
N LEU C 399 -28.78 -20.67 21.21
CA LEU C 399 -28.62 -22.08 21.53
C LEU C 399 -29.65 -22.90 20.77
N ILE C 400 -30.92 -22.53 20.92
CA ILE C 400 -31.99 -23.23 20.25
C ILE C 400 -31.83 -23.20 18.71
N ILE C 401 -31.45 -22.05 18.17
CA ILE C 401 -31.23 -21.92 16.73
C ILE C 401 -30.07 -22.78 16.25
N LEU C 402 -28.94 -22.69 16.97
CA LEU C 402 -27.76 -23.46 16.63
C LEU C 402 -28.03 -24.96 16.75
N CYS C 403 -28.86 -25.34 17.72
CA CYS C 403 -29.28 -26.72 17.85
C CYS C 403 -30.20 -27.13 16.69
N MET C 404 -31.12 -26.23 16.34
CA MET C 404 -32.04 -26.47 15.23
C MET C 404 -31.28 -26.66 13.91
N VAL C 405 -30.27 -25.83 13.68
CA VAL C 405 -29.46 -25.94 12.47
C VAL C 405 -28.57 -27.17 12.52
N PHE C 406 -27.89 -27.36 13.66
CA PHE C 406 -27.00 -28.50 13.84
C PHE C 406 -27.72 -29.83 13.64
N SER C 407 -28.99 -29.87 14.00
CA SER C 407 -29.79 -31.07 13.91
C SER C 407 -30.21 -31.38 12.46
N GLN C 408 -30.01 -30.42 11.58
CA GLN C 408 -30.31 -30.60 10.15
C GLN C 408 -31.77 -30.99 9.93
N ASP C 409 -32.66 -30.43 10.74
CA ASP C 409 -34.08 -30.78 10.67
C ASP C 409 -34.69 -30.25 9.37
N THR C 410 -35.62 -31.02 8.79
CA THR C 410 -36.30 -30.61 7.57
C THR C 410 -37.13 -29.35 7.81
N ARG C 411 -37.63 -29.20 9.04
CA ARG C 411 -38.37 -28.00 9.42
C ARG C 411 -37.48 -26.76 9.34
N MET C 412 -36.18 -26.96 9.54
CA MET C 412 -35.21 -25.89 9.40
C MET C 412 -34.86 -25.69 7.93
N PHE C 413 -34.53 -26.78 7.24
CA PHE C 413 -34.19 -26.73 5.83
C PHE C 413 -35.32 -26.11 5.00
N GLN C 414 -36.56 -26.35 5.40
CA GLN C 414 -37.70 -25.78 4.70
C GLN C 414 -38.21 -24.53 5.42
N GLY C 415 -37.28 -23.65 5.77
CA GLY C 415 -37.61 -22.39 6.43
C GLY C 415 -36.72 -21.27 5.94
N VAL C 416 -36.25 -21.40 4.71
CA VAL C 416 -35.35 -20.43 4.11
C VAL C 416 -36.07 -19.50 3.13
N ARG C 417 -35.71 -18.22 3.18
CA ARG C 417 -36.28 -17.22 2.28
C ARG C 417 -35.17 -16.38 1.65
N GLY C 418 -35.37 -15.98 0.40
CA GLY C 418 -34.41 -15.15 -0.29
C GLY C 418 -33.19 -15.93 -0.77
N GLU C 419 -32.03 -15.60 -0.23
CA GLU C 419 -30.78 -16.25 -0.63
C GLU C 419 -29.89 -16.55 0.58
N ILE C 420 -29.14 -17.64 0.49
CA ILE C 420 -28.18 -18.03 1.51
C ILE C 420 -26.95 -18.60 0.81
N ASN C 421 -26.36 -17.78 -0.06
CA ASN C 421 -25.05 -18.08 -0.62
C ASN C 421 -24.19 -16.83 -0.64
N PHE C 422 -24.26 -16.07 0.45
CA PHE C 422 -23.46 -14.85 0.59
C PHE C 422 -22.04 -15.17 1.03
N LEU C 423 -21.08 -14.40 0.51
CA LEU C 423 -19.68 -14.55 0.88
C LEU C 423 -19.38 -13.77 2.16
N ASN C 424 -18.16 -13.92 2.68
CA ASN C 424 -17.72 -13.12 3.82
C ASN C 424 -17.12 -11.81 3.31
N ARG C 425 -16.71 -10.95 4.22
CA ARG C 425 -16.28 -9.59 3.85
C ARG C 425 -15.09 -9.59 2.90
N ALA C 426 -14.23 -10.61 3.01
CA ALA C 426 -13.06 -10.71 2.15
C ALA C 426 -13.46 -11.17 0.75
N GLY C 427 -14.55 -11.93 0.66
CA GLY C 427 -15.06 -12.43 -0.61
C GLY C 427 -14.87 -13.93 -0.76
N GLN C 428 -15.10 -14.66 0.34
CA GLN C 428 -14.93 -16.11 0.37
C GLN C 428 -16.27 -16.80 0.62
N LEU C 429 -16.53 -17.89 -0.09
CA LEU C 429 -17.77 -18.63 0.04
C LEU C 429 -17.77 -19.51 1.27
N LEU C 430 -18.75 -19.33 2.15
CA LEU C 430 -18.86 -20.12 3.37
C LEU C 430 -19.43 -21.50 3.05
N SER C 431 -19.31 -22.42 4.00
CA SER C 431 -19.79 -23.79 3.79
C SER C 431 -21.30 -23.87 4.00
N PRO C 432 -21.97 -24.82 3.30
CA PRO C 432 -23.43 -25.01 3.31
C PRO C 432 -24.12 -24.83 4.66
N MET C 433 -23.59 -25.46 5.71
CA MET C 433 -24.20 -25.38 7.03
C MET C 433 -23.92 -24.05 7.72
N TYR C 434 -22.67 -23.60 7.66
CA TYR C 434 -22.27 -22.35 8.28
C TYR C 434 -22.98 -21.16 7.65
N GLN C 435 -23.36 -21.30 6.37
CA GLN C 435 -24.18 -20.30 5.70
C GLN C 435 -25.56 -20.25 6.35
N LEU C 436 -26.16 -21.42 6.53
CA LEU C 436 -27.45 -21.54 7.19
C LEU C 436 -27.38 -21.02 8.62
N GLN C 437 -26.24 -21.25 9.28
CA GLN C 437 -26.03 -20.70 10.62
C GLN C 437 -26.02 -19.17 10.57
N ARG C 438 -25.13 -18.64 9.72
CA ARG C 438 -24.99 -17.20 9.56
C ARG C 438 -26.31 -16.55 9.17
N TYR C 439 -27.13 -17.28 8.41
CA TYR C 439 -28.44 -16.77 8.01
C TYR C 439 -29.45 -16.81 9.16
N PHE C 440 -29.70 -18.00 9.70
CA PHE C 440 -30.72 -18.17 10.72
C PHE C 440 -30.36 -17.51 12.04
N LEU C 441 -29.08 -17.21 12.25
CA LEU C 441 -28.68 -16.41 13.40
C LEU C 441 -29.25 -15.00 13.28
N ASN C 442 -29.34 -14.51 12.04
CA ASN C 442 -29.94 -13.20 11.78
C ASN C 442 -31.46 -13.31 11.64
N ARG C 443 -31.91 -14.01 10.60
CA ARG C 443 -33.34 -14.14 10.33
C ARG C 443 -33.87 -15.46 10.88
N SER C 444 -34.44 -15.39 12.09
CA SER C 444 -34.90 -16.58 12.80
C SER C 444 -36.42 -16.72 12.78
N ASN C 445 -37.13 -15.64 12.46
CA ASN C 445 -38.59 -15.65 12.47
C ASN C 445 -39.18 -16.74 11.56
N ASP C 446 -38.56 -16.93 10.40
CA ASP C 446 -38.99 -17.97 9.47
C ASP C 446 -38.84 -19.35 10.09
N LEU C 447 -37.72 -19.56 10.78
CA LEU C 447 -37.46 -20.82 11.46
C LEU C 447 -38.49 -21.06 12.56
N PHE C 448 -38.63 -20.10 13.46
CA PHE C 448 -39.56 -20.19 14.59
C PHE C 448 -41.00 -20.39 14.12
N ASP C 449 -41.37 -19.70 13.04
CA ASP C 449 -42.71 -19.85 12.48
C ASP C 449 -42.87 -21.23 11.82
N GLN C 450 -41.86 -21.64 11.06
CA GLN C 450 -41.91 -22.91 10.35
C GLN C 450 -41.72 -24.11 11.27
N TRP C 451 -41.13 -23.89 12.44
CA TRP C 451 -40.88 -24.97 13.39
C TRP C 451 -42.18 -25.67 13.84
N GLY C 452 -43.00 -24.96 14.59
CA GLY C 452 -44.24 -25.52 15.13
C GLY C 452 -44.20 -25.60 16.64
N TYR C 453 -45.38 -25.59 17.27
CA TYR C 453 -45.49 -25.55 18.72
C TYR C 453 -46.28 -26.73 19.28
N GLU C 454 -46.24 -26.91 20.60
CA GLU C 454 -46.98 -27.98 21.26
C GLU C 454 -47.14 -27.69 22.74
N GLU C 455 -47.87 -28.57 23.43
CA GLU C 455 -48.13 -28.40 24.86
C GLU C 455 -46.85 -28.44 25.69
N SER C 456 -46.78 -27.57 26.70
CA SER C 456 -45.63 -27.53 27.59
C SER C 456 -45.69 -28.65 28.62
N PRO C 457 -44.54 -29.02 29.19
CA PRO C 457 -44.51 -30.07 30.21
C PRO C 457 -45.10 -29.60 31.54
N LYS C 458 -45.97 -30.42 32.13
CA LYS C 458 -46.66 -30.04 33.35
C LYS C 458 -45.97 -30.58 34.59
N ALA C 459 -44.75 -31.09 34.42
CA ALA C 459 -43.93 -31.46 35.56
C ALA C 459 -43.38 -30.20 36.19
N SER C 460 -43.39 -30.14 37.52
CA SER C 460 -43.06 -28.92 38.26
C SER C 460 -41.68 -28.35 37.89
N GLU C 461 -40.70 -29.22 37.68
CA GLU C 461 -39.34 -28.78 37.40
C GLU C 461 -39.18 -28.34 35.94
N LEU C 462 -40.09 -28.77 35.08
CA LEU C 462 -40.00 -28.48 33.64
C LEU C 462 -40.87 -27.28 33.26
N HIS C 463 -40.44 -26.56 32.24
CA HIS C 463 -41.19 -25.43 31.70
C HIS C 463 -40.98 -25.32 30.19
N GLY C 464 -41.89 -24.60 29.52
CA GLY C 464 -41.80 -24.38 28.09
C GLY C 464 -41.72 -22.89 27.80
N ILE C 465 -41.12 -22.54 26.65
CA ILE C 465 -40.95 -21.15 26.26
C ILE C 465 -41.40 -20.90 24.82
N ASN C 466 -41.61 -19.63 24.47
CA ASN C 466 -42.10 -19.25 23.14
C ASN C 466 -41.03 -18.50 22.34
N GLU C 467 -41.45 -17.93 21.20
CA GLU C 467 -40.52 -17.33 20.26
C GLU C 467 -39.66 -16.21 20.86
N SER C 468 -40.23 -15.46 21.79
CA SER C 468 -39.53 -14.32 22.39
C SER C 468 -38.79 -14.71 23.66
N MET C 469 -38.49 -16.01 23.80
CA MET C 469 -37.74 -16.53 24.94
C MET C 469 -38.42 -16.19 26.27
N ASN C 470 -39.73 -16.41 26.33
CA ASN C 470 -40.50 -16.23 27.55
C ASN C 470 -41.32 -17.48 27.85
N ALA C 471 -41.59 -17.73 29.13
CA ALA C 471 -42.36 -18.90 29.54
C ALA C 471 -43.75 -18.89 28.91
N SER C 472 -44.22 -20.05 28.48
CA SER C 472 -45.52 -20.16 27.81
C SER C 472 -46.08 -21.57 27.91
N ASP C 473 -47.40 -21.68 27.77
CA ASP C 473 -48.06 -22.98 27.80
C ASP C 473 -47.81 -23.74 26.49
N TYR C 474 -47.71 -22.98 25.39
CA TYR C 474 -47.43 -23.55 24.08
C TYR C 474 -45.94 -23.43 23.75
N THR C 475 -45.21 -24.52 23.90
CA THR C 475 -43.76 -24.49 23.74
C THR C 475 -43.40 -24.85 22.31
N LEU C 476 -42.14 -24.69 21.95
CA LEU C 476 -41.67 -25.07 20.63
C LEU C 476 -41.54 -26.59 20.55
N LYS C 477 -41.94 -27.15 19.41
CA LYS C 477 -41.99 -28.60 19.23
C LYS C 477 -40.62 -29.25 19.40
N GLY C 478 -40.42 -29.88 20.55
CA GLY C 478 -39.18 -30.57 20.85
C GLY C 478 -38.28 -29.80 21.81
N VAL C 479 -38.77 -28.66 22.27
CA VAL C 479 -37.99 -27.79 23.16
C VAL C 479 -38.52 -27.85 24.58
N VAL C 480 -37.61 -27.96 25.55
CA VAL C 480 -37.97 -27.97 26.96
C VAL C 480 -36.94 -27.22 27.81
N VAL C 481 -37.45 -26.36 28.69
CA VAL C 481 -36.61 -25.59 29.62
C VAL C 481 -36.80 -26.13 31.04
N THR C 482 -35.80 -26.85 31.53
CA THR C 482 -35.87 -27.46 32.85
C THR C 482 -35.16 -26.59 33.89
N ARG C 483 -35.63 -26.66 35.13
CA ARG C 483 -35.05 -25.87 36.21
C ARG C 483 -33.73 -26.46 36.72
N ASN C 484 -33.61 -27.77 36.63
CA ASN C 484 -32.37 -28.45 37.03
C ASN C 484 -31.27 -28.25 35.99
N VAL C 485 -30.05 -28.00 36.47
CA VAL C 485 -28.91 -27.79 35.58
C VAL C 485 -28.40 -29.11 35.03
N LYS C 496 -13.77 -48.37 29.36
CA LYS C 496 -12.48 -47.86 28.92
C LYS C 496 -12.37 -47.89 27.40
N VAL C 497 -11.32 -47.27 26.88
CA VAL C 497 -11.10 -47.21 25.43
C VAL C 497 -9.68 -47.66 25.09
N SER C 498 -9.53 -48.29 23.93
CA SER C 498 -8.23 -48.72 23.44
C SER C 498 -8.03 -48.28 21.99
N ILE C 499 -6.80 -48.41 21.48
CA ILE C 499 -6.46 -47.91 20.15
C ILE C 499 -5.79 -48.98 19.28
N THR C 500 -6.18 -49.02 18.02
CA THR C 500 -5.67 -50.02 17.09
C THR C 500 -4.31 -49.62 16.54
N LYS C 501 -3.63 -50.61 15.97
CA LYS C 501 -2.40 -50.38 15.22
C LYS C 501 -2.62 -49.32 14.14
N ASN C 502 -3.80 -49.31 13.53
CA ASN C 502 -4.11 -48.35 12.47
C ASN C 502 -4.94 -47.18 12.98
N LEU C 503 -4.71 -46.82 14.24
CA LEU C 503 -5.21 -45.57 14.82
C LEU C 503 -6.74 -45.42 14.79
N SER C 504 -7.45 -46.51 15.03
CA SER C 504 -8.89 -46.46 15.25
C SER C 504 -9.15 -46.84 16.70
N LEU C 505 -10.03 -46.09 17.37
CA LEU C 505 -10.28 -46.33 18.80
C LEU C 505 -11.41 -47.32 19.02
N ILE C 506 -11.13 -48.39 19.77
CA ILE C 506 -12.09 -49.45 20.04
C ILE C 506 -12.56 -49.38 21.50
N LYS C 507 -13.83 -49.71 21.72
CA LYS C 507 -14.39 -49.75 23.06
C LYS C 507 -14.50 -51.21 23.50
N ARG C 508 -14.74 -51.42 24.80
CA ARG C 508 -14.79 -52.77 25.36
C ARG C 508 -15.74 -53.69 24.60
N THR C 509 -16.84 -53.13 24.11
CA THR C 509 -17.86 -53.93 23.42
C THR C 509 -17.51 -54.17 21.96
N GLY C 510 -16.28 -53.83 21.58
CA GLY C 510 -15.79 -54.11 20.25
C GLY C 510 -16.06 -53.01 19.23
N GLU C 511 -17.00 -52.12 19.53
CA GLU C 511 -17.36 -51.05 18.61
C GLU C 511 -16.23 -50.03 18.51
N VAL C 512 -16.09 -49.42 17.33
CA VAL C 512 -15.09 -48.39 17.10
C VAL C 512 -15.74 -47.01 17.07
N ILE C 513 -15.15 -46.07 17.80
CA ILE C 513 -15.74 -44.74 18.00
C ILE C 513 -15.01 -43.66 17.20
N MET C 514 -13.68 -43.76 17.12
CA MET C 514 -12.89 -42.84 16.31
C MET C 514 -12.39 -43.53 15.05
N GLY C 515 -12.56 -42.86 13.92
CA GLY C 515 -12.04 -43.35 12.65
C GLY C 515 -10.74 -42.67 12.29
N ALA C 516 -9.71 -43.47 12.00
CA ALA C 516 -8.45 -42.93 11.52
C ALA C 516 -8.71 -42.15 10.24
N ASN C 517 -9.68 -42.62 9.46
CA ASN C 517 -10.08 -41.96 8.24
C ASN C 517 -11.29 -41.05 8.48
N ASP C 518 -11.29 -40.38 9.63
CA ASP C 518 -12.39 -39.51 10.02
C ASP C 518 -11.88 -38.11 10.39
N VAL C 519 -10.57 -37.91 10.29
CA VAL C 519 -9.98 -36.59 10.51
C VAL C 519 -10.08 -35.75 9.23
N SER C 520 -9.90 -34.44 9.37
CA SER C 520 -9.95 -33.54 8.22
C SER C 520 -8.65 -33.54 7.44
N GLU C 521 -8.76 -33.57 6.12
CA GLU C 521 -7.59 -33.50 5.25
C GLU C 521 -7.10 -32.06 5.13
N LEU C 522 -7.97 -31.12 5.49
CA LEU C 522 -7.63 -29.70 5.45
C LEU C 522 -6.39 -29.42 6.29
N GLU C 523 -5.33 -28.97 5.61
CA GLU C 523 -4.04 -28.71 6.24
C GLU C 523 -3.81 -27.22 6.39
N SER C 524 -4.22 -26.67 7.54
CA SER C 524 -4.16 -25.24 7.79
C SER C 524 -2.88 -24.86 8.55
N GLN C 525 -2.59 -23.56 8.58
CA GLN C 525 -1.45 -23.04 9.30
C GLN C 525 -1.74 -22.99 10.81
N ALA C 526 -0.76 -23.39 11.61
CA ALA C 526 -0.91 -23.36 13.06
C ALA C 526 -0.95 -21.93 13.56
N GLN C 527 -1.07 -21.77 14.88
CA GLN C 527 -1.05 -20.45 15.49
C GLN C 527 0.28 -20.22 16.21
N LEU C 528 0.74 -21.23 16.93
CA LEU C 528 2.02 -21.14 17.66
C LEU C 528 3.10 -21.96 16.97
N MET C 529 4.31 -21.89 17.52
CA MET C 529 5.45 -22.59 16.96
C MET C 529 5.31 -24.10 17.12
N ILE C 530 5.11 -24.79 16.00
CA ILE C 530 5.01 -26.24 16.00
C ILE C 530 6.42 -26.84 15.81
N THR C 531 6.94 -27.47 16.87
CA THR C 531 8.28 -28.02 16.86
C THR C 531 8.28 -29.54 17.02
N TYR C 532 9.22 -30.21 16.36
CA TYR C 532 9.35 -31.66 16.43
C TYR C 532 10.72 -32.05 16.97
N ASP C 533 10.84 -32.19 18.29
CA ASP C 533 12.12 -32.45 18.92
C ASP C 533 12.65 -33.86 18.59
N THR C 534 12.84 -34.11 17.29
CA THR C 534 13.33 -35.40 16.83
C THR C 534 14.20 -35.23 15.61
N PRO C 535 15.09 -36.21 15.34
CA PRO C 535 15.71 -36.19 14.02
C PRO C 535 14.64 -36.36 12.95
N LYS C 536 14.93 -35.90 11.74
CA LYS C 536 13.95 -35.91 10.65
C LYS C 536 12.67 -35.16 11.01
N MET C 537 12.76 -33.84 11.11
CA MET C 537 11.59 -33.01 11.32
C MET C 537 10.76 -32.95 10.05
N TRP C 538 11.48 -32.82 8.92
CA TRP C 538 10.89 -32.61 7.60
C TRP C 538 9.70 -33.51 7.35
N GLU C 539 9.81 -34.75 7.80
CA GLU C 539 8.78 -35.77 7.62
C GLU C 539 7.38 -35.21 7.88
N MET C 540 7.24 -34.40 8.93
CA MET C 540 6.01 -33.63 9.15
C MET C 540 6.15 -32.26 8.50
N GLY C 541 6.21 -32.24 7.17
CA GLY C 541 6.39 -31.02 6.42
C GLY C 541 5.37 -30.89 5.31
N THR C 542 5.53 -29.84 4.52
CA THR C 542 4.63 -29.58 3.40
C THR C 542 5.05 -30.41 2.19
N THR C 543 4.17 -30.48 1.20
CA THR C 543 4.43 -31.20 -0.04
C THR C 543 5.82 -30.92 -0.60
N LYS C 544 6.05 -29.66 -0.96
CA LYS C 544 7.29 -29.26 -1.61
C LYS C 544 8.51 -29.47 -0.73
N GLU C 545 8.36 -29.21 0.58
CA GLU C 545 9.44 -29.44 1.52
C GLU C 545 9.89 -30.90 1.47
N LEU C 546 8.92 -31.79 1.61
CA LEU C 546 9.19 -33.22 1.57
C LEU C 546 9.76 -33.65 0.21
N VAL C 547 9.15 -33.16 -0.87
CA VAL C 547 9.63 -33.45 -2.22
C VAL C 547 11.11 -33.12 -2.37
N GLN C 548 11.43 -31.88 -1.99
CA GLN C 548 12.78 -31.36 -2.10
C GLN C 548 13.75 -32.15 -1.23
N ASN C 549 13.44 -32.29 0.06
CA ASN C 549 14.29 -33.05 0.96
C ASN C 549 14.50 -34.48 0.47
N THR C 550 13.44 -35.08 -0.06
CA THR C 550 13.50 -36.43 -0.60
C THR C 550 14.48 -36.50 -1.76
N TYR C 551 14.23 -35.71 -2.80
CA TYR C 551 15.11 -35.70 -3.97
C TYR C 551 16.55 -35.35 -3.60
N GLN C 552 16.69 -34.47 -2.60
CA GLN C 552 18.02 -34.14 -2.07
C GLN C 552 18.65 -35.40 -1.48
N TRP C 553 17.90 -36.12 -0.67
CA TRP C 553 18.39 -37.34 -0.07
C TRP C 553 18.74 -38.38 -1.13
N VAL C 554 17.98 -38.40 -2.23
CA VAL C 554 18.31 -39.24 -3.38
C VAL C 554 19.64 -38.85 -4.00
N LEU C 555 19.74 -37.59 -4.40
CA LEU C 555 20.97 -37.07 -5.01
C LEU C 555 22.17 -37.30 -4.11
N LYS C 556 21.96 -37.15 -2.80
CA LYS C 556 23.05 -37.32 -1.84
C LYS C 556 23.59 -38.74 -1.86
N ASN C 557 22.72 -39.72 -2.15
CA ASN C 557 23.10 -41.13 -2.15
C ASN C 557 23.00 -41.81 -3.51
N LEU C 558 22.68 -41.03 -4.54
CA LEU C 558 22.73 -41.50 -5.94
C LEU C 558 23.92 -42.41 -6.26
N VAL C 559 25.08 -42.14 -5.65
CA VAL C 559 26.27 -42.97 -5.88
C VAL C 559 25.99 -44.44 -5.62
N THR C 560 25.48 -44.74 -4.43
CA THR C 560 25.13 -46.11 -4.06
C THR C 560 23.80 -46.55 -4.66
N LEU C 561 22.81 -45.66 -4.65
CA LEU C 561 21.49 -46.00 -5.16
C LEU C 561 21.52 -46.38 -6.64
N LYS C 562 22.40 -45.75 -7.42
CA LYS C 562 22.52 -46.08 -8.84
C LYS C 562 23.32 -47.36 -9.05
N ALA C 563 24.21 -47.66 -8.12
CA ALA C 563 25.04 -48.86 -8.20
C ALA C 563 24.24 -50.11 -7.82
N GLN C 564 23.59 -50.06 -6.66
CA GLN C 564 22.80 -51.18 -6.17
C GLN C 564 21.68 -51.56 -7.13
N PHE C 565 21.29 -50.63 -7.99
CA PHE C 565 20.24 -50.87 -8.96
C PHE C 565 20.72 -51.81 -10.07
N LEU C 566 22.00 -52.17 -10.03
CA LEU C 566 22.56 -53.16 -10.92
C LEU C 566 22.94 -54.41 -10.14
N LEU C 567 22.35 -54.56 -8.95
CA LEU C 567 22.64 -55.67 -8.07
C LEU C 567 21.39 -56.11 -7.31
N GLY C 568 21.00 -55.33 -6.32
CA GLY C 568 19.79 -55.60 -5.56
C GLY C 568 18.55 -55.24 -6.36
N LYS C 569 17.72 -56.24 -6.61
CA LYS C 569 16.53 -56.06 -7.44
C LYS C 569 15.58 -55.02 -6.86
N GLU C 570 14.77 -55.43 -5.89
CA GLU C 570 13.76 -54.55 -5.28
C GLU C 570 14.16 -54.10 -3.89
N ASP C 571 15.47 -53.99 -3.66
CA ASP C 571 15.97 -53.68 -2.33
C ASP C 571 15.92 -52.18 -2.06
N MET C 572 16.10 -51.37 -3.09
CA MET C 572 16.13 -49.93 -2.94
C MET C 572 14.74 -49.34 -2.75
N PHE C 573 13.81 -49.81 -3.57
CA PHE C 573 12.47 -49.23 -3.67
C PHE C 573 11.84 -48.89 -2.32
N GLN C 574 12.19 -49.67 -1.30
CA GLN C 574 11.73 -49.40 0.06
C GLN C 574 12.89 -48.91 0.90
N TRP C 575 12.84 -47.63 1.26
CA TRP C 575 13.87 -46.99 2.06
C TRP C 575 13.24 -45.99 3.02
N ASP C 576 13.75 -45.93 4.24
CA ASP C 576 13.23 -45.08 5.31
C ASP C 576 12.75 -43.71 4.83
N ALA C 577 13.54 -43.08 3.99
CA ALA C 577 13.30 -41.70 3.58
C ALA C 577 12.03 -41.54 2.74
N PHE C 578 11.65 -42.57 2.01
CA PHE C 578 10.54 -42.47 1.07
C PHE C 578 9.17 -42.54 1.74
N GLU C 579 9.11 -43.11 2.95
CA GLU C 579 7.86 -43.17 3.70
C GLU C 579 7.22 -41.80 3.80
N ALA C 580 8.04 -40.81 4.10
CA ALA C 580 7.59 -39.43 4.18
C ALA C 580 6.97 -39.01 2.87
N PHE C 581 7.75 -39.10 1.80
CA PHE C 581 7.32 -38.72 0.46
C PHE C 581 5.94 -39.28 0.18
N GLU C 582 5.76 -40.58 0.41
CA GLU C 582 4.50 -41.24 0.13
C GLU C 582 3.33 -40.58 0.86
N SER C 583 3.60 -39.99 2.03
CA SER C 583 2.54 -39.37 2.81
C SER C 583 1.97 -38.16 2.08
N ILE C 584 2.65 -37.75 1.01
CA ILE C 584 2.17 -36.69 0.15
C ILE C 584 1.19 -37.25 -0.86
N ILE C 585 1.49 -38.44 -1.37
CA ILE C 585 0.81 -38.95 -2.54
C ILE C 585 -0.62 -39.38 -2.21
N PRO C 586 -1.59 -39.08 -3.10
CA PRO C 586 -2.95 -39.61 -2.90
C PRO C 586 -2.94 -41.14 -2.82
N GLN C 587 -3.46 -41.68 -1.73
CA GLN C 587 -3.44 -43.13 -1.53
C GLN C 587 -4.15 -43.86 -2.66
N LYS C 588 -5.04 -43.15 -3.35
CA LYS C 588 -5.80 -43.74 -4.45
C LYS C 588 -4.96 -43.83 -5.72
N MET C 589 -3.73 -43.31 -5.69
CA MET C 589 -2.84 -43.34 -6.85
C MET C 589 -1.44 -43.86 -6.53
N ALA C 590 -1.10 -43.89 -5.24
CA ALA C 590 0.24 -44.30 -4.79
C ALA C 590 0.70 -45.61 -5.43
N GLY C 591 -0.15 -46.63 -5.33
CA GLY C 591 0.15 -47.92 -5.90
C GLY C 591 0.26 -47.88 -7.41
N GLN C 592 -0.69 -47.21 -8.06
CA GLN C 592 -0.70 -47.11 -9.52
C GLN C 592 0.58 -46.44 -10.02
N TYR C 593 1.02 -45.41 -9.29
CA TYR C 593 2.26 -44.73 -9.59
C TYR C 593 3.45 -45.66 -9.38
N SER C 594 3.52 -46.26 -8.19
CA SER C 594 4.63 -47.15 -7.85
C SER C 594 4.80 -48.28 -8.87
N GLY C 595 3.69 -48.89 -9.25
CA GLY C 595 3.71 -49.98 -10.22
C GLY C 595 4.24 -49.54 -11.57
N PHE C 596 4.02 -48.25 -11.89
CA PHE C 596 4.47 -47.68 -13.14
C PHE C 596 5.95 -47.31 -13.08
N ALA C 597 6.30 -46.55 -12.04
CA ALA C 597 7.67 -46.12 -11.81
C ALA C 597 8.63 -47.31 -11.71
N ARG C 598 8.23 -48.32 -10.94
CA ARG C 598 9.06 -49.51 -10.78
C ARG C 598 9.30 -50.19 -12.12
N ALA C 599 8.28 -50.21 -12.98
CA ALA C 599 8.39 -50.83 -14.30
C ALA C 599 9.28 -50.03 -15.23
N VAL C 600 9.04 -48.72 -15.28
CA VAL C 600 9.85 -47.83 -16.12
C VAL C 600 11.31 -47.86 -15.68
N LEU C 601 11.54 -47.94 -14.38
CA LEU C 601 12.89 -48.11 -13.84
C LEU C 601 13.47 -49.47 -14.23
N LYS C 602 12.68 -50.52 -14.03
CA LYS C 602 13.08 -51.88 -14.37
C LYS C 602 13.39 -51.98 -15.86
N GLN C 603 12.74 -51.15 -16.67
CA GLN C 603 13.08 -51.04 -18.07
C GLN C 603 14.52 -50.58 -18.24
N MET C 604 14.87 -49.49 -17.57
CA MET C 604 16.21 -48.92 -17.65
C MET C 604 17.25 -49.86 -17.02
N ARG C 605 16.83 -50.63 -16.03
CA ARG C 605 17.70 -51.66 -15.46
C ARG C 605 17.95 -52.79 -16.44
N ASP C 606 16.91 -53.57 -16.71
CA ASP C 606 17.03 -54.80 -17.49
C ASP C 606 17.53 -54.56 -18.91
N GLN C 607 17.11 -53.45 -19.51
CA GLN C 607 17.55 -53.08 -20.85
C GLN C 607 18.67 -52.06 -20.79
N GLU C 608 19.29 -51.79 -21.94
CA GLU C 608 20.47 -50.94 -22.01
C GLU C 608 20.11 -49.49 -22.33
N VAL C 609 19.19 -48.91 -21.57
CA VAL C 609 18.77 -47.53 -21.77
C VAL C 609 18.52 -46.82 -20.42
N MET C 610 19.57 -46.21 -19.89
CA MET C 610 19.50 -45.56 -18.58
C MET C 610 19.29 -44.05 -18.72
N LYS C 611 18.67 -43.45 -17.71
CA LYS C 611 18.47 -42.01 -17.64
C LYS C 611 18.50 -41.56 -16.19
N THR C 612 19.67 -41.14 -15.72
CA THR C 612 19.86 -40.82 -14.31
C THR C 612 18.87 -39.77 -13.81
N ASP C 613 18.60 -38.77 -14.65
CA ASP C 613 17.69 -37.70 -14.30
C ASP C 613 16.27 -38.23 -14.07
N GLN C 614 15.93 -39.28 -14.79
CA GLN C 614 14.62 -39.91 -14.65
C GLN C 614 14.61 -40.85 -13.45
N PHE C 615 15.63 -41.69 -13.38
CA PHE C 615 15.86 -42.58 -12.24
C PHE C 615 15.65 -41.82 -10.93
N ILE C 616 16.34 -40.69 -10.82
CA ILE C 616 16.19 -39.82 -9.67
C ILE C 616 14.74 -39.34 -9.50
N LYS C 617 14.08 -39.06 -10.61
CA LYS C 617 12.72 -38.52 -10.58
C LYS C 617 11.70 -39.55 -10.10
N LEU C 618 11.88 -40.78 -10.54
CA LEU C 618 10.89 -41.83 -10.29
C LEU C 618 11.16 -42.64 -9.02
N LEU C 619 12.43 -42.85 -8.69
CA LEU C 619 12.81 -43.72 -7.57
C LEU C 619 12.02 -43.49 -6.27
N PRO C 620 11.67 -42.22 -5.96
CA PRO C 620 10.89 -42.03 -4.74
C PRO C 620 9.45 -42.57 -4.82
N PHE C 621 8.87 -42.57 -6.01
CA PHE C 621 7.48 -42.99 -6.18
C PHE C 621 7.27 -44.50 -6.02
N CYS C 622 8.36 -45.25 -5.88
CA CYS C 622 8.30 -46.71 -5.89
C CYS C 622 8.20 -47.35 -4.51
N PHE C 623 8.04 -46.54 -3.46
CA PHE C 623 7.98 -47.07 -2.12
C PHE C 623 6.69 -47.84 -1.86
N SER C 624 5.56 -47.17 -2.09
CA SER C 624 4.25 -47.76 -1.85
C SER C 624 4.08 -49.06 -2.62
N PRO C 625 3.50 -50.09 -1.98
CA PRO C 625 3.24 -51.37 -2.67
C PRO C 625 2.52 -51.17 -4.00
N PRO C 626 3.09 -51.69 -5.10
CA PRO C 626 2.59 -51.35 -6.44
C PRO C 626 1.21 -51.92 -6.76
N LYS C 627 0.59 -51.36 -7.79
CA LYS C 627 -0.72 -51.81 -8.27
C LYS C 627 -0.76 -51.77 -9.79
N LEU C 628 -0.74 -52.95 -10.40
CA LEU C 628 -0.81 -53.08 -11.85
C LEU C 628 -2.27 -53.20 -12.30
N ARG C 629 -2.48 -53.21 -13.62
CA ARG C 629 -3.81 -53.43 -14.17
C ARG C 629 -4.12 -54.92 -14.20
N SER C 630 -5.33 -55.26 -14.60
CA SER C 630 -5.75 -56.65 -14.74
C SER C 630 -4.80 -57.40 -15.68
N ASN C 631 -4.31 -56.70 -16.70
CA ASN C 631 -3.44 -57.31 -17.71
C ASN C 631 -2.06 -57.65 -17.19
N GLY C 632 -1.65 -57.02 -16.09
CA GLY C 632 -0.32 -57.17 -15.56
C GLY C 632 0.54 -55.96 -15.90
N GLU C 633 0.09 -55.20 -16.90
CA GLU C 633 0.76 -53.96 -17.27
C GLU C 633 0.39 -52.86 -16.27
N PRO C 634 1.30 -51.91 -16.04
CA PRO C 634 0.99 -50.83 -15.08
C PRO C 634 0.13 -49.72 -15.69
N TYR C 635 -0.27 -48.76 -14.85
CA TYR C 635 -0.99 -47.59 -15.33
C TYR C 635 -0.04 -46.58 -15.95
N GLN C 636 -0.33 -46.15 -17.17
CA GLN C 636 0.50 -45.15 -17.84
C GLN C 636 0.08 -43.75 -17.39
N PHE C 637 1.04 -42.82 -17.37
CA PHE C 637 0.79 -41.47 -16.85
C PHE C 637 1.52 -40.39 -17.65
N LEU C 638 0.90 -39.20 -17.71
CA LEU C 638 1.56 -38.01 -18.23
C LEU C 638 2.24 -37.27 -17.08
N LYS C 639 1.50 -37.13 -15.97
CA LYS C 639 2.01 -36.45 -14.79
C LYS C 639 1.51 -37.09 -13.50
N LEU C 640 2.39 -37.13 -12.50
CA LEU C 640 2.05 -37.67 -11.19
C LEU C 640 1.68 -36.54 -10.24
N VAL C 641 0.41 -36.45 -9.90
CA VAL C 641 -0.11 -35.39 -9.04
C VAL C 641 0.17 -35.67 -7.56
N LEU C 642 0.32 -34.58 -6.79
CA LEU C 642 0.53 -34.66 -5.35
C LEU C 642 -0.51 -33.82 -4.62
N LYS C 643 -0.55 -33.95 -3.29
CA LYS C 643 -1.60 -33.33 -2.50
C LYS C 643 -1.43 -31.82 -2.36
N GLY C 644 -2.50 -31.09 -2.69
CA GLY C 644 -2.54 -29.66 -2.47
C GLY C 644 -1.85 -28.86 -3.54
N GLY C 645 -2.52 -27.82 -4.01
CA GLY C 645 -1.94 -26.91 -5.00
C GLY C 645 -1.83 -27.54 -6.38
N GLY C 646 -2.50 -26.92 -7.35
CA GLY C 646 -2.49 -27.40 -8.71
C GLY C 646 -1.10 -27.44 -9.32
N GLU C 647 -0.15 -26.78 -8.66
CA GLU C 647 1.22 -26.74 -9.12
C GLU C 647 1.90 -28.08 -8.91
N ASN C 648 1.59 -28.71 -7.77
CA ASN C 648 2.37 -29.84 -7.29
C ASN C 648 2.13 -31.11 -8.09
N PHE C 649 2.91 -31.29 -9.16
CA PHE C 649 2.87 -32.52 -9.93
C PHE C 649 4.20 -32.75 -10.64
N ILE C 650 4.53 -34.00 -10.87
CA ILE C 650 5.76 -34.38 -11.57
C ILE C 650 5.45 -34.92 -12.96
N GLU C 651 5.79 -34.15 -13.99
CA GLU C 651 5.60 -34.59 -15.36
C GLU C 651 6.58 -35.70 -15.70
N VAL C 652 6.17 -36.60 -16.61
CA VAL C 652 6.97 -37.76 -16.97
C VAL C 652 7.86 -37.47 -18.18
N ARG C 653 7.29 -36.81 -19.18
CA ARG C 653 8.00 -36.47 -20.41
C ARG C 653 8.61 -35.07 -20.31
N LYS C 654 7.77 -34.12 -19.88
CA LYS C 654 8.17 -32.73 -19.74
C LYS C 654 8.74 -32.49 -18.34
N GLY C 655 9.29 -31.29 -18.10
CA GLY C 655 9.64 -30.88 -16.75
C GLY C 655 8.40 -30.37 -16.04
N SER C 656 8.55 -29.89 -14.81
CA SER C 656 7.40 -29.45 -14.03
C SER C 656 7.80 -28.50 -12.90
N PRO C 657 6.83 -27.68 -12.42
CA PRO C 657 7.03 -26.73 -11.33
C PRO C 657 7.84 -27.27 -10.16
N LEU C 658 7.79 -28.57 -9.94
CA LEU C 658 8.52 -29.20 -8.85
C LEU C 658 9.87 -29.73 -9.31
N PHE C 659 9.89 -30.30 -10.51
CA PHE C 659 11.06 -31.05 -10.97
C PHE C 659 11.31 -30.79 -12.44
N SER C 660 12.50 -30.28 -12.77
CA SER C 660 12.90 -30.18 -14.17
C SER C 660 14.40 -30.36 -14.37
N TYR C 661 14.79 -30.73 -15.58
CA TYR C 661 16.19 -31.01 -15.88
C TYR C 661 16.69 -30.26 -17.10
N ASN C 662 17.85 -29.62 -16.92
CA ASN C 662 18.51 -28.90 -18.00
C ASN C 662 19.78 -29.63 -18.45
N PRO C 663 19.71 -30.33 -19.60
CA PRO C 663 20.84 -31.16 -20.05
C PRO C 663 21.96 -30.37 -20.69
N GLN C 664 21.72 -29.10 -21.01
CA GLN C 664 22.76 -28.24 -21.57
C GLN C 664 23.85 -28.01 -20.54
N THR C 665 23.44 -27.70 -19.32
CA THR C 665 24.37 -27.47 -18.22
C THR C 665 24.38 -28.64 -17.25
N GLU C 666 23.59 -29.67 -17.55
CA GLU C 666 23.43 -30.82 -16.65
C GLU C 666 23.00 -30.34 -15.27
N VAL C 667 22.00 -29.46 -15.26
CA VAL C 667 21.52 -28.84 -14.02
C VAL C 667 20.10 -29.28 -13.71
N LEU C 668 19.94 -29.88 -12.53
CA LEU C 668 18.64 -30.35 -12.07
C LEU C 668 17.98 -29.31 -11.17
N THR C 669 16.77 -28.91 -11.54
CA THR C 669 15.99 -27.95 -10.78
C THR C 669 14.92 -28.63 -9.95
N ILE C 670 15.03 -28.45 -8.64
CA ILE C 670 14.10 -29.00 -7.66
C ILE C 670 13.42 -27.88 -6.87
N CYS C 671 12.13 -27.66 -7.13
CA CYS C 671 11.37 -26.63 -6.44
C CYS C 671 12.07 -25.28 -6.44
N GLY C 672 12.78 -24.99 -7.53
CA GLY C 672 13.50 -23.75 -7.67
C GLY C 672 14.99 -23.87 -7.37
N ARG C 673 15.36 -24.80 -6.50
CA ARG C 673 16.76 -24.93 -6.11
C ARG C 673 17.56 -25.66 -7.19
N MET C 674 18.82 -25.25 -7.36
CA MET C 674 19.68 -25.77 -8.41
C MET C 674 20.60 -26.89 -7.91
N MET C 675 20.69 -27.97 -8.69
CA MET C 675 21.65 -29.05 -8.42
C MET C 675 22.43 -29.40 -9.67
N SER C 676 23.66 -29.87 -9.49
CA SER C 676 24.54 -30.21 -10.62
C SER C 676 24.75 -31.70 -10.73
N LEU C 677 24.39 -32.25 -11.88
CA LEU C 677 24.56 -33.68 -12.15
C LEU C 677 25.83 -33.99 -12.91
N LYS C 678 26.57 -32.95 -13.28
CA LYS C 678 27.82 -33.13 -14.01
C LYS C 678 28.77 -34.02 -13.24
N GLY C 679 29.37 -34.99 -13.94
CA GLY C 679 30.24 -35.96 -13.30
C GLY C 679 29.47 -37.15 -12.76
N LYS C 680 28.18 -37.20 -13.07
CA LYS C 680 27.33 -38.31 -12.66
C LYS C 680 26.34 -38.66 -13.78
N ILE C 681 26.85 -38.66 -15.02
CA ILE C 681 26.03 -38.99 -16.18
C ILE C 681 26.83 -39.85 -17.16
N GLU C 682 26.16 -40.86 -17.73
CA GLU C 682 26.83 -41.79 -18.64
C GLU C 682 27.10 -41.13 -19.99
N ASP C 683 27.99 -41.75 -20.77
CA ASP C 683 28.42 -41.17 -22.05
C ASP C 683 27.34 -41.18 -23.11
N GLU C 684 26.55 -42.25 -23.15
CA GLU C 684 25.61 -42.49 -24.24
C GLU C 684 24.25 -41.81 -24.03
N GLU C 685 24.16 -40.93 -23.06
CA GLU C 685 22.90 -40.24 -22.78
C GLU C 685 22.75 -38.98 -23.63
N ARG C 686 23.64 -38.83 -24.63
CA ARG C 686 23.58 -37.70 -25.53
C ARG C 686 22.29 -37.76 -26.36
N ASN C 687 22.30 -38.58 -27.41
CA ASN C 687 21.16 -38.73 -28.29
C ASN C 687 20.28 -39.89 -27.86
N ARG C 688 20.01 -39.96 -26.56
CA ARG C 688 19.17 -41.00 -25.99
C ARG C 688 17.78 -40.45 -25.74
N SER C 689 16.85 -40.73 -26.65
CA SER C 689 15.50 -40.20 -26.55
C SER C 689 14.84 -40.61 -25.24
N MET C 690 13.79 -39.88 -24.87
CA MET C 690 13.14 -40.10 -23.58
C MET C 690 12.04 -41.15 -23.68
N GLY C 691 11.57 -41.42 -24.90
CA GLY C 691 10.53 -42.42 -25.11
C GLY C 691 10.84 -43.77 -24.48
N ASN C 692 12.12 -44.02 -24.24
CA ASN C 692 12.55 -45.27 -23.62
C ASN C 692 12.49 -45.25 -22.10
N ALA C 693 11.77 -44.27 -21.53
CA ALA C 693 11.57 -44.21 -20.09
C ALA C 693 10.38 -43.31 -19.77
N VAL C 694 9.40 -43.32 -20.65
CA VAL C 694 8.18 -42.52 -20.50
C VAL C 694 6.99 -43.43 -20.26
N LEU C 695 6.91 -44.51 -21.04
CA LEU C 695 5.91 -45.54 -20.84
C LEU C 695 6.59 -46.86 -20.46
N ALA C 696 5.97 -47.61 -19.55
CA ALA C 696 6.50 -48.91 -19.14
C ALA C 696 6.27 -49.94 -20.25
N GLY C 697 7.32 -50.63 -20.64
CA GLY C 697 7.25 -51.61 -21.70
C GLY C 697 7.10 -50.98 -23.06
N PHE C 698 7.85 -49.91 -23.30
CA PHE C 698 7.83 -49.21 -24.59
C PHE C 698 9.23 -48.77 -24.99
N LEU C 699 9.51 -48.83 -26.29
CA LEU C 699 10.81 -48.41 -26.82
C LEU C 699 10.66 -47.62 -28.11
N VAL C 700 11.56 -46.68 -28.33
CA VAL C 700 11.58 -45.89 -29.55
C VAL C 700 12.15 -46.72 -30.71
N SER C 701 11.38 -46.80 -31.80
CA SER C 701 11.81 -47.52 -33.00
C SER C 701 12.48 -46.55 -33.97
N GLY C 702 11.71 -45.57 -34.44
CA GLY C 702 12.21 -44.55 -35.34
C GLY C 702 11.78 -43.17 -34.88
N LYS C 703 11.25 -42.39 -35.81
CA LYS C 703 10.72 -41.07 -35.49
C LYS C 703 9.37 -40.86 -36.16
N TYR C 704 8.68 -39.79 -35.77
CA TYR C 704 7.29 -39.55 -36.16
C TYR C 704 6.96 -39.90 -37.61
N ASP C 705 6.18 -40.96 -37.77
CA ASP C 705 5.73 -41.41 -39.08
C ASP C 705 4.27 -41.03 -39.29
N PRO C 706 4.01 -40.03 -40.16
CA PRO C 706 2.64 -39.54 -40.40
C PRO C 706 1.62 -40.63 -40.65
N ASP C 707 2.03 -41.73 -41.27
CA ASP C 707 1.11 -42.81 -41.59
C ASP C 707 0.53 -43.46 -40.34
N LEU C 708 1.22 -43.34 -39.21
CA LEU C 708 0.73 -43.88 -37.95
C LEU C 708 -0.41 -43.03 -37.40
N GLY C 709 -0.43 -41.76 -37.80
CA GLY C 709 -1.51 -40.86 -37.44
C GLY C 709 -1.13 -39.82 -36.39
N ASP C 710 -2.03 -39.62 -35.44
CA ASP C 710 -1.85 -38.59 -34.42
C ASP C 710 -1.04 -39.10 -33.25
N PHE C 711 -0.73 -38.20 -32.31
CA PHE C 711 -0.07 -38.58 -31.07
C PHE C 711 -1.07 -39.30 -30.17
N LYS C 712 -0.86 -40.59 -29.97
CA LYS C 712 -1.82 -41.44 -29.29
C LYS C 712 -1.81 -41.22 -27.78
N THR C 713 -3.01 -41.02 -27.22
CA THR C 713 -3.16 -40.75 -25.79
C THR C 713 -3.01 -42.02 -24.96
N ILE C 714 -2.94 -41.85 -23.64
CA ILE C 714 -2.75 -42.96 -22.72
C ILE C 714 -3.84 -44.02 -22.85
N GLU C 715 -5.08 -43.57 -23.01
CA GLU C 715 -6.20 -44.50 -23.15
C GLU C 715 -6.00 -45.40 -24.37
N GLU C 716 -5.36 -44.87 -25.40
CA GLU C 716 -5.05 -45.65 -26.59
C GLU C 716 -3.82 -46.52 -26.34
N LEU C 717 -2.77 -45.89 -25.82
CA LEU C 717 -1.49 -46.56 -25.58
C LEU C 717 -1.64 -47.79 -24.68
N GLU C 718 -2.48 -47.69 -23.67
CA GLU C 718 -2.72 -48.81 -22.77
C GLU C 718 -3.48 -49.93 -23.48
N LYS C 719 -4.30 -49.55 -24.46
CA LYS C 719 -5.12 -50.50 -25.19
C LYS C 719 -4.42 -51.05 -26.43
N LEU C 720 -3.26 -50.50 -26.77
CA LEU C 720 -2.49 -51.02 -27.89
C LEU C 720 -1.94 -52.40 -27.57
N LYS C 721 -1.91 -53.27 -28.58
CA LYS C 721 -1.39 -54.62 -28.41
C LYS C 721 0.13 -54.61 -28.48
N PRO C 722 0.78 -55.57 -27.79
CA PRO C 722 2.26 -55.62 -27.80
C PRO C 722 2.83 -55.78 -29.20
N GLY C 723 3.92 -55.07 -29.48
CA GLY C 723 4.54 -55.10 -30.78
C GLY C 723 3.73 -54.33 -31.80
N GLU C 724 3.42 -53.07 -31.48
CA GLU C 724 2.61 -52.23 -32.33
C GLU C 724 3.06 -50.77 -32.24
N LYS C 725 3.42 -50.20 -33.39
CA LYS C 725 4.00 -48.86 -33.44
C LYS C 725 2.96 -47.76 -33.21
N ALA C 726 3.41 -46.67 -32.59
CA ALA C 726 2.54 -45.50 -32.38
C ALA C 726 3.35 -44.23 -32.17
N ASN C 727 2.72 -43.08 -32.40
CA ASN C 727 3.38 -41.79 -32.23
C ASN C 727 3.11 -41.17 -30.87
N ILE C 728 4.16 -40.64 -30.24
CA ILE C 728 4.05 -40.01 -28.93
C ILE C 728 4.78 -38.67 -28.92
N LEU C 729 4.20 -37.70 -28.22
CA LEU C 729 4.81 -36.39 -28.05
C LEU C 729 5.42 -36.26 -26.65
N LEU C 730 6.74 -36.16 -26.58
CA LEU C 730 7.43 -36.04 -25.30
C LEU C 730 7.08 -34.71 -24.64
N TYR C 731 7.83 -33.66 -25.00
CA TYR C 731 7.47 -32.30 -24.63
C TYR C 731 7.28 -31.50 -25.91
N GLN C 732 6.74 -30.30 -25.79
CA GLN C 732 6.29 -29.55 -26.96
C GLN C 732 7.38 -29.39 -28.03
N GLY C 733 7.14 -29.96 -29.19
CA GLY C 733 8.07 -29.89 -30.31
C GLY C 733 9.05 -31.05 -30.37
N LYS C 734 8.64 -32.20 -29.83
CA LYS C 734 9.48 -33.41 -29.86
C LYS C 734 8.65 -34.67 -30.13
N PRO C 735 8.29 -34.88 -31.40
CA PRO C 735 7.60 -36.11 -31.82
C PRO C 735 8.50 -37.34 -31.73
N VAL C 736 7.95 -38.47 -31.31
CA VAL C 736 8.71 -39.72 -31.25
C VAL C 736 7.86 -40.90 -31.72
N LYS C 737 8.51 -41.90 -32.32
CA LYS C 737 7.85 -43.11 -32.78
C LYS C 737 8.19 -44.27 -31.86
N VAL C 738 7.21 -44.74 -31.10
CA VAL C 738 7.44 -45.73 -30.05
C VAL C 738 6.67 -47.03 -30.30
N VAL C 739 7.19 -48.12 -29.76
CA VAL C 739 6.60 -49.45 -29.91
C VAL C 739 6.47 -50.13 -28.55
N LYS C 740 5.50 -51.02 -28.43
CA LYS C 740 5.28 -51.73 -27.17
C LYS C 740 6.14 -52.99 -27.06
#